data_9D4N
#
_entry.id   9D4N
#
loop_
_entity.id
_entity.type
_entity.pdbx_description
1 polymer 'Meiotic recombination protein DMC1'
2 polymer "DNA (5'-D(P*TP*TP*TP*TP*TP*TP*TP*TP*TP*TP*TP*TP*TP*TP*TP*TP*TP*T)-3')"
3 non-polymer "ADENOSINE-5'-TRIPHOSPHATE"
4 non-polymer 'MAGNESIUM ION'
#
loop_
_entity_poly.entity_id
_entity_poly.type
_entity_poly.pdbx_seq_one_letter_code
_entity_poly.pdbx_strand_id
1 'polypeptide(L)'
;MSVTGTEIDSDTAKNILSVDELQNYGINASDLQKLKSGGIYTVNTVLSTTRRHLCKIKGLSEVKVEKIKEAAGKIIQVGF
IPATVQLDIRQRVYSLSTGSKQLDSILGGGIMTMSITEVFGEFRCGKTQMSHTLCVTTQLPREMGGGEGKVAYIDTEGTF
RPERIKQIAEGYELDPESCLANVSYARALNSEHQMELVEQLGEELSSGDYRLIVVDSIMANFRVDYCGRGELSERQQKLN
QHLFKLNRLAEEFNVAVFLTNQVQSDPGASALFASADGRKPIGGHVLAHASATRILLRKGRGDERVAKLQDSPDMPEKEC
VYVIGEKGITDSSD
;
A,B,C,D,E,F
2 'polydeoxyribonucleotide' (DT)(DT)(DT)(DT)(DT)(DT)(DT)(DT)(DT)(DT)(DT)(DT)(DT)(DT)(DT)(DT)(DT)(DT) X
#
# COMPACT_ATOMS: atom_id res chain seq x y z
N ILE A 16 48.51 31.04 -36.56
CA ILE A 16 49.35 30.50 -35.50
C ILE A 16 50.83 30.70 -35.83
N LEU A 17 51.58 31.18 -34.84
CA LEU A 17 53.00 31.46 -35.00
C LEU A 17 53.81 30.57 -34.07
N SER A 18 54.79 29.86 -34.64
CA SER A 18 55.65 29.01 -33.83
C SER A 18 56.78 29.81 -33.20
N VAL A 19 57.48 29.17 -32.27
CA VAL A 19 58.61 29.81 -31.60
C VAL A 19 59.74 30.09 -32.56
N ASP A 20 59.78 29.41 -33.71
CA ASP A 20 60.78 29.72 -34.72
C ASP A 20 60.71 31.19 -35.11
N GLU A 21 59.50 31.75 -35.14
CA GLU A 21 59.37 33.19 -35.33
C GLU A 21 60.15 33.95 -34.28
N LEU A 22 60.11 33.47 -33.02
CA LEU A 22 60.92 34.08 -31.98
C LEU A 22 62.39 33.95 -32.28
N GLN A 23 62.80 32.82 -32.85
CA GLN A 23 64.22 32.60 -33.12
C GLN A 23 64.80 33.69 -34.00
N ASN A 24 64.02 34.15 -35.00
CA ASN A 24 64.53 35.18 -35.90
C ASN A 24 64.87 36.46 -35.16
N TYR A 25 64.06 36.84 -34.18
CA TYR A 25 64.28 38.11 -33.49
C TYR A 25 65.49 38.06 -32.57
N GLY A 26 66.09 36.88 -32.39
CA GLY A 26 67.30 36.78 -31.60
C GLY A 26 67.28 35.70 -30.53
N ILE A 27 66.31 34.80 -30.61
CA ILE A 27 66.19 33.72 -29.64
C ILE A 27 67.11 32.57 -30.05
N ASN A 28 67.93 32.12 -29.12
CA ASN A 28 68.83 31.00 -29.41
C ASN A 28 68.04 29.73 -29.68
N ALA A 29 68.57 28.89 -30.56
CA ALA A 29 67.88 27.64 -30.91
C ALA A 29 67.73 26.74 -29.69
N SER A 30 68.77 26.63 -28.88
CA SER A 30 68.69 25.79 -27.68
C SER A 30 67.53 26.22 -26.79
N ASP A 31 67.32 27.53 -26.67
CA ASP A 31 66.15 28.02 -25.93
C ASP A 31 64.86 27.55 -26.57
N LEU A 32 64.82 27.52 -27.91
CA LEU A 32 63.64 27.04 -28.59
C LEU A 32 63.36 25.58 -28.26
N GLN A 33 64.39 24.73 -28.29
CA GLN A 33 64.20 23.33 -27.94
C GLN A 33 63.76 23.19 -26.49
N LYS A 34 64.36 23.96 -25.59
CA LYS A 34 63.96 23.89 -24.18
C LYS A 34 62.49 24.26 -24.02
N LEU A 35 62.07 25.37 -24.64
CA LEU A 35 60.69 25.81 -24.51
C LEU A 35 59.73 24.81 -25.12
N LYS A 36 60.08 24.24 -26.27
CA LYS A 36 59.23 23.22 -26.87
C LYS A 36 59.11 22.00 -25.96
N SER A 37 60.23 21.59 -25.35
CA SER A 37 60.17 20.53 -24.35
C SER A 37 59.24 20.91 -23.20
N GLY A 38 59.20 22.19 -22.86
CA GLY A 38 58.31 22.67 -21.83
C GLY A 38 56.89 22.84 -22.30
N GLY A 39 56.55 22.19 -23.42
CA GLY A 39 55.20 22.28 -23.94
C GLY A 39 54.85 23.60 -24.56
N ILE A 40 55.84 24.37 -25.00
CA ILE A 40 55.59 25.68 -25.62
C ILE A 40 56.03 25.62 -27.08
N TYR A 41 55.06 25.76 -27.99
CA TYR A 41 55.34 25.69 -29.41
C TYR A 41 54.84 26.92 -30.17
N THR A 42 54.19 27.87 -29.50
CA THR A 42 53.55 28.99 -30.17
C THR A 42 53.89 30.28 -29.45
N VAL A 43 53.88 31.39 -30.22
CA VAL A 43 54.15 32.70 -29.64
C VAL A 43 53.10 33.04 -28.60
N ASN A 44 51.83 32.73 -28.90
CA ASN A 44 50.76 33.02 -27.94
C ASN A 44 50.98 32.27 -26.63
N THR A 45 51.46 31.02 -26.72
CA THR A 45 51.78 30.29 -25.51
C THR A 45 52.89 30.97 -24.71
N VAL A 46 53.88 31.50 -25.41
CA VAL A 46 54.96 32.22 -24.73
C VAL A 46 54.41 33.45 -24.01
N LEU A 47 53.55 34.21 -24.68
CA LEU A 47 52.99 35.41 -24.06
C LEU A 47 52.12 35.05 -22.86
N SER A 48 51.30 34.01 -22.99
CA SER A 48 50.39 33.64 -21.89
C SER A 48 51.17 33.15 -20.68
N THR A 49 52.21 32.35 -20.90
CA THR A 49 52.96 31.77 -19.79
C THR A 49 53.61 32.87 -18.96
N THR A 50 53.50 32.74 -17.64
CA THR A 50 54.11 33.69 -16.74
C THR A 50 55.62 33.47 -16.68
N ARG A 51 56.35 34.54 -16.33
CA ARG A 51 57.80 34.44 -16.28
C ARG A 51 58.27 33.45 -15.22
N ARG A 52 57.54 33.34 -14.11
CA ARG A 52 57.90 32.33 -13.12
C ARG A 52 57.82 30.93 -13.72
N HIS A 53 56.76 30.64 -14.45
CA HIS A 53 56.62 29.33 -15.08
C HIS A 53 57.74 29.09 -16.09
N LEU A 54 58.05 30.10 -16.91
CA LEU A 54 59.12 29.94 -17.89
C LEU A 54 60.45 29.66 -17.21
N CYS A 55 60.76 30.40 -16.14
CA CYS A 55 61.97 30.12 -15.39
C CYS A 55 61.93 28.71 -14.79
N LYS A 56 60.72 28.24 -14.45
CA LYS A 56 60.58 26.89 -13.93
C LYS A 56 61.09 25.86 -14.93
N ILE A 57 61.02 26.19 -16.23
CA ILE A 57 61.52 25.28 -17.25
C ILE A 57 63.01 25.03 -17.04
N LYS A 58 63.43 23.80 -17.25
CA LYS A 58 64.83 23.45 -17.07
C LYS A 58 65.69 24.17 -18.10
N GLY A 59 66.88 24.58 -17.67
CA GLY A 59 67.82 25.25 -18.55
C GLY A 59 67.37 26.61 -18.98
N LEU A 60 66.40 27.18 -18.27
CA LEU A 60 65.88 28.51 -18.56
C LEU A 60 66.28 29.46 -17.44
N SER A 61 67.03 30.51 -17.78
CA SER A 61 67.42 31.50 -16.81
C SER A 61 66.47 32.69 -16.85
N GLU A 62 66.50 33.48 -15.78
CA GLU A 62 65.64 34.67 -15.71
C GLU A 62 65.97 35.64 -16.84
N VAL A 63 67.26 35.81 -17.13
CA VAL A 63 67.65 36.65 -18.26
C VAL A 63 67.12 36.06 -19.56
N LYS A 64 67.26 34.74 -19.74
CA LYS A 64 66.75 34.09 -20.93
C LYS A 64 65.23 34.21 -21.02
N VAL A 65 64.53 34.05 -19.89
CA VAL A 65 63.08 34.18 -19.89
C VAL A 65 62.68 35.60 -20.28
N GLU A 66 63.37 36.60 -19.72
CA GLU A 66 63.06 37.98 -20.04
C GLU A 66 63.29 38.26 -21.53
N LYS A 67 64.39 37.76 -22.07
CA LYS A 67 64.68 37.96 -23.49
C LYS A 67 63.62 37.29 -24.36
N ILE A 68 63.21 36.08 -23.99
CA ILE A 68 62.19 35.37 -24.75
C ILE A 68 60.88 36.15 -24.71
N LYS A 69 60.49 36.64 -23.53
CA LYS A 69 59.24 37.37 -23.41
C LYS A 69 59.28 38.66 -24.21
N GLU A 70 60.41 39.38 -24.16
CA GLU A 70 60.52 40.61 -24.92
C GLU A 70 60.46 40.35 -26.43
N ALA A 71 61.14 39.29 -26.88
CA ALA A 71 61.07 38.93 -28.30
C ALA A 71 59.64 38.57 -28.70
N ALA A 72 58.94 37.82 -27.85
CA ALA A 72 57.56 37.46 -28.17
C ALA A 72 56.67 38.69 -28.24
N GLY A 73 56.83 39.61 -27.29
CA GLY A 73 56.09 40.85 -27.36
C GLY A 73 56.39 41.64 -28.61
N LYS A 74 57.64 41.63 -29.05
CA LYS A 74 58.00 42.28 -30.29
C LYS A 74 57.32 41.68 -31.51
N ILE A 75 56.85 40.44 -31.41
CA ILE A 75 56.16 39.77 -32.51
C ILE A 75 54.66 39.99 -32.44
N ILE A 76 54.05 39.74 -31.29
CA ILE A 76 52.63 39.97 -31.06
C ILE A 76 52.49 40.97 -29.93
N GLN A 77 51.67 42.00 -30.15
CA GLN A 77 51.45 43.05 -29.16
C GLN A 77 50.07 42.88 -28.55
N VAL A 78 50.02 42.80 -27.22
CA VAL A 78 48.77 42.62 -26.50
C VAL A 78 48.49 43.88 -25.70
N GLY A 79 47.28 44.42 -25.87
CA GLY A 79 46.90 45.63 -25.17
C GLY A 79 45.44 45.94 -25.43
N PHE A 80 44.97 47.00 -24.79
CA PHE A 80 43.58 47.40 -24.95
C PHE A 80 43.28 47.76 -26.40
N ILE A 81 42.17 47.24 -26.91
CA ILE A 81 41.78 47.48 -28.29
C ILE A 81 40.30 47.81 -28.34
N PRO A 82 39.89 48.55 -29.38
CA PRO A 82 38.47 48.90 -29.51
C PRO A 82 37.60 47.66 -29.60
N ALA A 83 36.39 47.78 -29.04
CA ALA A 83 35.47 46.65 -29.04
C ALA A 83 35.13 46.21 -30.46
N THR A 84 35.20 47.13 -31.42
CA THR A 84 34.95 46.76 -32.81
C THR A 84 35.97 45.76 -33.32
N VAL A 85 37.25 46.00 -33.01
CA VAL A 85 38.29 45.06 -33.41
C VAL A 85 38.07 43.71 -32.74
N GLN A 86 37.67 43.72 -31.48
CA GLN A 86 37.42 42.47 -30.77
C GLN A 86 36.25 41.72 -31.41
N LEU A 87 35.21 42.44 -31.84
CA LEU A 87 34.11 41.79 -32.53
C LEU A 87 34.57 41.20 -33.86
N ASP A 88 35.40 41.93 -34.60
CA ASP A 88 35.92 41.40 -35.85
C ASP A 88 36.70 40.13 -35.61
N ILE A 89 37.53 40.10 -34.57
CA ILE A 89 38.26 38.87 -34.23
C ILE A 89 37.29 37.77 -33.84
N ARG A 90 36.29 38.10 -33.02
CA ARG A 90 35.29 37.13 -32.59
C ARG A 90 34.57 36.52 -33.78
N GLN A 91 34.54 37.24 -34.90
CA GLN A 91 33.92 36.69 -36.10
C GLN A 91 34.52 35.35 -36.50
N ARG A 92 35.77 35.10 -36.16
CA ARG A 92 36.43 33.86 -36.52
C ARG A 92 35.85 32.64 -35.81
N VAL A 93 35.04 32.84 -34.77
CA VAL A 93 34.52 31.72 -34.00
C VAL A 93 33.66 30.84 -34.89
N TYR A 94 33.66 29.53 -34.60
CA TYR A 94 32.81 28.57 -35.28
C TYR A 94 31.64 28.20 -34.37
N SER A 95 30.63 27.58 -34.97
CA SER A 95 29.54 26.96 -34.23
C SER A 95 29.37 25.54 -34.74
N LEU A 96 29.62 24.56 -33.87
CA LEU A 96 29.59 23.16 -34.25
C LEU A 96 28.23 22.57 -33.94
N SER A 97 27.57 22.02 -34.96
CA SER A 97 26.24 21.47 -34.78
C SER A 97 26.29 20.27 -33.84
N THR A 98 25.32 20.20 -32.93
CA THR A 98 25.20 19.08 -32.02
C THR A 98 24.32 17.97 -32.57
N GLY A 99 23.80 18.13 -33.79
CA GLY A 99 22.94 17.16 -34.40
C GLY A 99 21.46 17.45 -34.23
N SER A 100 21.10 18.31 -33.30
CA SER A 100 19.72 18.71 -33.06
C SER A 100 19.54 20.18 -33.42
N LYS A 101 18.62 20.44 -34.35
CA LYS A 101 18.41 21.82 -34.78
C LYS A 101 17.91 22.69 -33.64
N GLN A 102 16.99 22.17 -32.82
CA GLN A 102 16.49 22.95 -31.70
C GLN A 102 17.59 23.23 -30.69
N LEU A 103 18.42 22.23 -30.39
CA LEU A 103 19.52 22.44 -29.46
C LEU A 103 20.50 23.46 -30.01
N ASP A 104 20.81 23.39 -31.30
CA ASP A 104 21.68 24.38 -31.91
C ASP A 104 21.07 25.77 -31.81
N SER A 105 19.76 25.89 -32.03
CA SER A 105 19.11 27.18 -31.96
C SER A 105 19.19 27.76 -30.55
N ILE A 106 18.93 26.94 -29.53
CA ILE A 106 19.00 27.44 -28.16
C ILE A 106 20.43 27.82 -27.81
N LEU A 107 21.40 27.02 -28.25
CA LEU A 107 22.81 27.32 -28.00
C LEU A 107 23.30 28.51 -28.80
N GLY A 108 22.53 28.98 -29.77
CA GLY A 108 22.96 30.07 -30.62
C GLY A 108 23.68 29.64 -31.89
N GLY A 109 23.61 28.36 -32.25
CA GLY A 109 24.28 27.88 -33.44
C GLY A 109 25.02 26.59 -33.22
N GLY A 110 25.15 26.19 -31.96
CA GLY A 110 25.85 24.98 -31.57
C GLY A 110 26.94 25.31 -30.57
N ILE A 111 27.96 24.48 -30.54
CA ILE A 111 29.10 24.69 -29.66
C ILE A 111 30.04 25.70 -30.30
N MET A 112 30.39 26.75 -29.56
CA MET A 112 31.23 27.83 -30.07
C MET A 112 32.66 27.60 -29.63
N THR A 113 33.59 27.77 -30.56
CA THR A 113 35.00 27.65 -30.24
C THR A 113 35.45 28.83 -29.38
N MET A 114 36.66 28.73 -28.86
CA MET A 114 37.27 29.71 -27.96
C MET A 114 36.57 29.71 -26.61
N SER A 115 35.74 28.72 -26.32
CA SER A 115 35.01 28.67 -25.07
C SER A 115 34.86 27.22 -24.63
N ILE A 116 34.62 27.03 -23.34
CA ILE A 116 34.45 25.71 -22.75
C ILE A 116 32.97 25.45 -22.56
N THR A 117 32.50 24.31 -23.08
CA THR A 117 31.11 23.90 -22.97
C THR A 117 31.02 22.62 -22.17
N GLU A 118 30.11 22.58 -21.20
CA GLU A 118 29.94 21.44 -20.32
C GLU A 118 28.49 20.96 -20.37
N VAL A 119 28.31 19.65 -20.44
CA VAL A 119 27.00 19.02 -20.38
C VAL A 119 27.02 17.98 -19.26
N PHE A 120 26.03 18.04 -18.39
CA PHE A 120 25.94 17.12 -17.26
C PHE A 120 24.51 16.58 -17.15
N GLY A 121 24.40 15.40 -16.57
CA GLY A 121 23.08 14.81 -16.37
C GLY A 121 23.21 13.36 -15.97
N GLU A 122 22.06 12.74 -15.73
CA GLU A 122 22.02 11.35 -15.34
C GLU A 122 22.68 10.47 -16.41
N PHE A 123 22.85 9.20 -16.07
CA PHE A 123 23.32 8.25 -17.06
C PHE A 123 22.32 8.19 -18.22
N ARG A 124 22.76 7.57 -19.32
CA ARG A 124 21.98 7.40 -20.55
C ARG A 124 21.34 8.70 -21.03
N CYS A 125 21.90 9.86 -20.69
CA CYS A 125 21.34 11.12 -21.11
C CYS A 125 21.97 11.64 -22.40
N GLY A 126 22.87 10.88 -23.00
CA GLY A 126 23.43 11.24 -24.29
C GLY A 126 24.69 12.08 -24.25
N LYS A 127 25.33 12.21 -23.08
CA LYS A 127 26.58 12.96 -23.03
C LYS A 127 27.64 12.32 -23.92
N THR A 128 27.88 11.02 -23.75
CA THR A 128 28.81 10.33 -24.64
C THR A 128 28.27 10.31 -26.07
N GLN A 129 26.96 10.11 -26.23
CA GLN A 129 26.37 10.14 -27.56
C GLN A 129 26.54 11.50 -28.19
N MET A 130 26.33 12.58 -27.43
CA MET A 130 26.52 13.92 -27.98
C MET A 130 27.97 14.16 -28.36
N SER A 131 28.91 13.69 -27.55
CA SER A 131 30.32 13.85 -27.89
C SER A 131 30.64 13.09 -29.18
N HIS A 132 30.11 11.88 -29.33
CA HIS A 132 30.34 11.14 -30.56
C HIS A 132 29.73 11.85 -31.76
N THR A 133 28.53 12.41 -31.60
CA THR A 133 27.91 13.15 -32.69
C THR A 133 28.77 14.36 -33.08
N LEU A 134 29.28 15.08 -32.08
CA LEU A 134 30.16 16.20 -32.38
C LEU A 134 31.42 15.75 -33.10
N CYS A 135 31.94 14.58 -32.73
CA CYS A 135 33.14 14.06 -33.39
C CYS A 135 32.96 14.03 -34.90
N VAL A 136 31.76 13.72 -35.36
CA VAL A 136 31.49 13.68 -36.79
C VAL A 136 31.15 15.08 -37.30
N THR A 137 30.24 15.78 -36.62
CA THR A 137 29.76 17.05 -37.14
C THR A 137 30.88 18.06 -37.30
N THR A 138 31.88 18.01 -36.42
CA THR A 138 33.01 18.93 -36.56
C THR A 138 33.68 18.81 -37.90
N GLN A 139 33.69 17.60 -38.48
CA GLN A 139 34.33 17.38 -39.76
C GLN A 139 33.52 17.94 -40.93
N LEU A 140 32.24 18.25 -40.71
CA LEU A 140 31.44 18.86 -41.74
C LEU A 140 31.97 20.26 -42.04
N PRO A 141 31.95 20.68 -43.31
CA PRO A 141 32.41 22.03 -43.64
C PRO A 141 31.48 23.08 -43.06
N ARG A 142 31.95 24.33 -43.06
CA ARG A 142 31.12 25.43 -42.59
C ARG A 142 29.79 25.43 -43.36
N GLU A 143 28.83 26.18 -42.83
CA GLU A 143 27.46 26.35 -43.32
C GLU A 143 26.71 25.03 -43.36
N MET A 144 27.32 23.92 -42.93
CA MET A 144 26.62 22.68 -42.66
C MET A 144 26.55 22.39 -41.17
N GLY A 145 26.93 23.36 -40.33
CA GLY A 145 26.98 23.16 -38.90
C GLY A 145 28.31 22.69 -38.35
N GLY A 146 29.27 22.36 -39.22
CA GLY A 146 30.55 21.87 -38.76
C GLY A 146 31.66 22.90 -38.90
N GLY A 147 32.84 22.52 -38.41
CA GLY A 147 34.02 23.34 -38.51
C GLY A 147 35.06 22.86 -39.49
N GLU A 148 34.92 21.64 -40.03
CA GLU A 148 35.87 21.12 -41.00
C GLU A 148 37.29 21.08 -40.44
N GLY A 149 37.48 20.28 -39.39
CA GLY A 149 38.79 20.14 -38.78
C GLY A 149 38.90 18.85 -38.00
N LYS A 150 40.12 18.55 -37.59
CA LYS A 150 40.35 17.34 -36.81
C LYS A 150 39.82 17.49 -35.39
N VAL A 151 39.55 16.36 -34.76
CA VAL A 151 38.96 16.32 -33.43
C VAL A 151 39.88 15.53 -32.50
N ALA A 152 40.14 16.09 -31.32
CA ALA A 152 40.92 15.42 -30.29
C ALA A 152 39.98 14.92 -29.21
N TYR A 153 40.01 13.62 -28.95
CA TYR A 153 39.10 12.99 -28.00
C TYR A 153 39.91 12.42 -26.84
N ILE A 154 39.57 12.85 -25.63
CA ILE A 154 40.19 12.34 -24.41
C ILE A 154 39.14 11.56 -23.63
N ASP A 155 39.42 10.29 -23.39
CA ASP A 155 38.46 9.38 -22.77
C ASP A 155 38.86 9.10 -21.33
N THR A 156 37.94 9.33 -20.40
CA THR A 156 38.07 8.92 -19.03
C THR A 156 37.04 7.89 -18.59
N GLU A 157 35.84 7.94 -19.16
CA GLU A 157 34.86 6.89 -18.92
C GLU A 157 35.34 5.56 -19.46
N GLY A 158 35.93 5.57 -20.66
CA GLY A 158 36.28 4.35 -21.35
C GLY A 158 35.26 3.87 -22.35
N THR A 159 34.29 4.72 -22.70
CA THR A 159 33.18 4.34 -23.57
C THR A 159 33.34 4.81 -25.00
N PHE A 160 34.53 5.26 -25.39
CA PHE A 160 34.75 5.66 -26.77
C PHE A 160 34.47 4.49 -27.71
N ARG A 161 33.70 4.75 -28.76
CA ARG A 161 33.29 3.68 -29.68
C ARG A 161 33.52 4.08 -31.12
N PRO A 162 34.62 3.64 -31.75
CA PRO A 162 34.81 3.97 -33.16
C PRO A 162 33.69 3.48 -34.05
N GLU A 163 33.06 2.35 -33.72
CA GLU A 163 31.95 1.87 -34.52
C GLU A 163 30.80 2.87 -34.53
N ARG A 164 30.52 3.48 -33.38
CA ARG A 164 29.46 4.49 -33.33
C ARG A 164 29.81 5.68 -34.21
N ILE A 165 31.08 6.10 -34.21
CA ILE A 165 31.50 7.20 -35.07
C ILE A 165 31.30 6.83 -36.54
N LYS A 166 31.67 5.60 -36.91
CA LYS A 166 31.46 5.18 -38.29
C LYS A 166 29.98 5.19 -38.66
N GLN A 167 29.13 4.69 -37.76
CA GLN A 167 27.70 4.66 -38.05
C GLN A 167 27.14 6.07 -38.20
N ILE A 168 27.55 6.99 -37.33
CA ILE A 168 27.08 8.37 -37.45
C ILE A 168 27.58 9.00 -38.74
N ALA A 169 28.83 8.74 -39.10
CA ALA A 169 29.36 9.29 -40.34
C ALA A 169 28.57 8.79 -41.54
N GLU A 170 28.25 7.49 -41.56
CA GLU A 170 27.40 6.98 -42.63
C GLU A 170 26.04 7.64 -42.62
N GLY A 171 25.49 7.87 -41.42
CA GLY A 171 24.22 8.59 -41.35
C GLY A 171 24.30 9.98 -41.95
N TYR A 172 25.43 10.65 -41.77
CA TYR A 172 25.65 11.97 -42.35
C TYR A 172 26.18 11.91 -43.78
N GLU A 173 26.35 10.71 -44.34
CA GLU A 173 26.84 10.55 -45.71
C GLU A 173 28.28 11.05 -45.84
N LEU A 174 29.15 10.55 -44.98
CA LEU A 174 30.58 10.85 -45.03
C LEU A 174 31.36 9.54 -45.07
N ASP A 175 32.58 9.61 -45.59
CA ASP A 175 33.42 8.44 -45.63
C ASP A 175 33.80 8.03 -44.21
N PRO A 176 33.44 6.82 -43.78
CA PRO A 176 33.69 6.46 -42.37
C PRO A 176 35.16 6.42 -42.01
N GLU A 177 35.99 5.73 -42.80
CA GLU A 177 37.41 5.65 -42.47
C GLU A 177 38.07 7.02 -42.51
N SER A 178 37.68 7.87 -43.47
CA SER A 178 38.21 9.23 -43.51
C SER A 178 37.84 9.98 -42.25
N CYS A 179 36.59 9.86 -41.80
CA CYS A 179 36.19 10.53 -40.57
C CYS A 179 37.00 10.03 -39.38
N LEU A 180 37.19 8.72 -39.28
CA LEU A 180 37.95 8.18 -38.16
C LEU A 180 39.39 8.67 -38.17
N ALA A 181 39.99 8.73 -39.36
CA ALA A 181 41.39 9.14 -39.45
C ALA A 181 41.59 10.55 -38.87
N ASN A 182 40.56 11.38 -38.95
CA ASN A 182 40.65 12.76 -38.49
C ASN A 182 40.30 12.92 -37.01
N VAL A 183 40.21 11.83 -36.27
CA VAL A 183 39.90 11.86 -34.85
C VAL A 183 41.08 11.27 -34.09
N SER A 184 41.63 12.06 -33.17
CA SER A 184 42.74 11.61 -32.32
C SER A 184 42.19 11.17 -30.98
N TYR A 185 42.54 9.95 -30.57
CA TYR A 185 42.01 9.35 -29.36
C TYR A 185 43.11 9.14 -28.34
N ALA A 186 42.87 9.59 -27.12
CA ALA A 186 43.77 9.37 -26.00
C ALA A 186 42.96 8.87 -24.81
N ARG A 187 43.48 7.83 -24.15
CA ARG A 187 42.83 7.23 -22.99
C ARG A 187 43.50 7.73 -21.72
N ALA A 188 42.74 8.48 -20.91
CA ALA A 188 43.26 9.09 -19.70
C ALA A 188 43.14 8.10 -18.55
N LEU A 189 44.24 7.43 -18.22
CA LEU A 189 44.21 6.41 -17.18
C LEU A 189 43.91 7.02 -15.82
N ASN A 190 44.52 8.17 -15.51
CA ASN A 190 44.33 8.81 -14.22
C ASN A 190 44.42 10.32 -14.39
N SER A 191 44.10 11.04 -13.33
CA SER A 191 44.06 12.50 -13.41
C SER A 191 45.39 13.07 -13.86
N GLU A 192 46.50 12.55 -13.32
CA GLU A 192 47.81 13.03 -13.74
C GLU A 192 48.02 12.82 -15.24
N HIS A 193 47.66 11.63 -15.74
CA HIS A 193 47.81 11.36 -17.16
C HIS A 193 46.92 12.27 -17.99
N GLN A 194 45.70 12.54 -17.51
CA GLN A 194 44.82 13.45 -18.23
C GLN A 194 45.41 14.86 -18.31
N MET A 195 45.94 15.34 -17.19
CA MET A 195 46.56 16.67 -17.20
C MET A 195 47.77 16.70 -18.12
N GLU A 196 48.57 15.63 -18.12
CA GLU A 196 49.70 15.58 -19.04
C GLU A 196 49.24 15.62 -20.50
N LEU A 197 48.20 14.86 -20.83
CA LEU A 197 47.69 14.86 -22.19
C LEU A 197 47.25 16.26 -22.59
N VAL A 198 46.56 16.96 -21.71
CA VAL A 198 46.15 18.32 -22.01
C VAL A 198 47.37 19.22 -22.19
N GLU A 199 48.40 19.02 -21.36
CA GLU A 199 49.59 19.85 -21.48
C GLU A 199 50.29 19.69 -22.82
N GLN A 200 50.43 18.44 -23.30
CA GLN A 200 51.06 18.22 -24.60
C GLN A 200 50.08 18.26 -25.77
N LEU A 201 48.82 18.58 -25.55
CA LEU A 201 47.93 18.88 -26.67
C LEU A 201 48.44 20.07 -27.48
N GLY A 202 49.30 20.90 -26.88
CA GLY A 202 49.73 22.11 -27.55
C GLY A 202 50.46 21.82 -28.86
N GLU A 203 51.40 20.88 -28.84
CA GLU A 203 52.15 20.58 -30.06
C GLU A 203 51.23 20.10 -31.18
N GLU A 204 50.32 19.19 -30.86
CA GLU A 204 49.41 18.69 -31.88
C GLU A 204 48.50 19.78 -32.41
N LEU A 205 47.99 20.64 -31.53
CA LEU A 205 47.10 21.71 -31.97
C LEU A 205 47.85 22.76 -32.76
N SER A 206 49.17 22.82 -32.59
CA SER A 206 49.97 23.79 -33.32
C SER A 206 49.74 23.69 -34.82
N SER A 207 49.49 22.48 -35.31
CA SER A 207 49.25 22.27 -36.74
C SER A 207 48.04 23.08 -37.20
N GLY A 208 47.08 23.32 -36.30
CA GLY A 208 45.91 24.09 -36.62
C GLY A 208 44.76 23.32 -37.22
N ASP A 209 44.91 22.00 -37.39
CA ASP A 209 43.85 21.21 -38.00
C ASP A 209 42.67 21.04 -37.06
N TYR A 210 42.94 20.86 -35.77
CA TYR A 210 41.88 20.52 -34.83
C TYR A 210 40.94 21.71 -34.60
N ARG A 211 39.68 21.39 -34.29
CA ARG A 211 38.69 22.40 -33.98
C ARG A 211 37.97 22.07 -32.67
N LEU A 212 37.92 20.79 -32.32
CA LEU A 212 37.18 20.34 -31.14
C LEU A 212 38.09 19.52 -30.25
N ILE A 213 37.92 19.70 -28.94
CA ILE A 213 38.57 18.88 -27.93
C ILE A 213 37.48 18.37 -27.00
N VAL A 214 37.43 17.05 -26.82
CA VAL A 214 36.39 16.41 -26.03
C VAL A 214 37.04 15.70 -24.85
N VAL A 215 36.56 16.00 -23.64
CA VAL A 215 36.96 15.31 -22.44
C VAL A 215 35.73 14.65 -21.84
N ASP A 216 35.75 13.32 -21.75
CA ASP A 216 34.59 12.54 -21.30
C ASP A 216 35.09 11.44 -20.38
N SER A 217 34.95 11.63 -19.07
CA SER A 217 34.40 12.87 -18.53
C SER A 217 35.49 13.62 -17.77
N ILE A 218 35.23 14.89 -17.46
CA ILE A 218 36.27 15.73 -16.88
C ILE A 218 36.61 15.27 -15.48
N MET A 219 35.61 15.00 -14.65
CA MET A 219 35.80 14.74 -13.23
C MET A 219 35.95 13.27 -12.88
N ALA A 220 35.95 12.38 -13.87
CA ALA A 220 35.99 10.95 -13.57
C ALA A 220 37.25 10.58 -12.81
N ASN A 221 38.41 11.04 -13.26
CA ASN A 221 39.66 10.69 -12.59
C ASN A 221 39.84 11.50 -11.31
N PHE A 222 39.45 12.78 -11.33
CA PHE A 222 39.63 13.62 -10.15
C PHE A 222 38.77 13.13 -9.00
N ARG A 223 37.60 12.57 -9.30
CA ARG A 223 36.74 12.03 -8.25
C ARG A 223 37.44 10.92 -7.48
N VAL A 224 38.21 10.09 -8.17
CA VAL A 224 38.80 8.91 -7.54
C VAL A 224 40.15 9.24 -6.93
N ASP A 225 40.99 10.01 -7.64
CA ASP A 225 42.35 10.22 -7.18
C ASP A 225 42.39 10.96 -5.84
N TYR A 226 41.51 11.93 -5.65
CA TYR A 226 41.47 12.71 -4.43
C TYR A 226 40.15 12.40 -3.73
N CYS A 227 40.24 11.81 -2.53
CA CYS A 227 39.07 11.35 -1.80
C CYS A 227 39.04 12.02 -0.43
N GLY A 228 37.84 12.45 -0.01
CA GLY A 228 37.65 13.01 1.31
C GLY A 228 37.86 14.51 1.35
N ARG A 229 37.24 15.13 2.36
CA ARG A 229 37.38 16.57 2.53
C ARG A 229 38.82 16.95 2.82
N GLY A 230 39.64 15.99 3.25
CA GLY A 230 41.04 16.28 3.48
C GLY A 230 41.77 16.66 2.20
N GLU A 231 41.50 15.95 1.12
CA GLU A 231 42.14 16.21 -0.16
C GLU A 231 41.28 17.05 -1.10
N LEU A 232 40.15 17.57 -0.62
CA LEU A 232 39.26 18.34 -1.50
C LEU A 232 39.97 19.57 -2.05
N SER A 233 40.73 20.27 -1.20
CA SER A 233 41.39 21.48 -1.65
C SER A 233 42.38 21.18 -2.77
N GLU A 234 43.20 20.15 -2.61
CA GLU A 234 44.16 19.79 -3.66
C GLU A 234 43.44 19.37 -4.93
N ARG A 235 42.37 18.59 -4.80
CA ARG A 235 41.60 18.19 -5.97
C ARG A 235 41.09 19.39 -6.73
N GLN A 236 40.51 20.36 -6.01
CA GLN A 236 39.96 21.53 -6.67
C GLN A 236 41.05 22.39 -7.29
N GLN A 237 42.20 22.51 -6.62
CA GLN A 237 43.30 23.28 -7.21
C GLN A 237 43.78 22.64 -8.50
N LYS A 238 43.96 21.32 -8.50
CA LYS A 238 44.40 20.65 -9.71
C LYS A 238 43.36 20.77 -10.81
N LEU A 239 42.08 20.63 -10.47
CA LEU A 239 41.04 20.76 -11.47
C LEU A 239 40.99 22.17 -12.03
N ASN A 240 41.19 23.18 -11.18
CA ASN A 240 41.21 24.55 -11.65
C ASN A 240 42.37 24.79 -12.62
N GLN A 241 43.55 24.26 -12.29
CA GLN A 241 44.66 24.40 -13.22
C GLN A 241 44.36 23.70 -14.53
N HIS A 242 43.78 22.51 -14.47
CA HIS A 242 43.41 21.77 -15.67
C HIS A 242 42.44 22.58 -16.54
N LEU A 243 41.39 23.10 -15.92
CA LEU A 243 40.38 23.85 -16.68
C LEU A 243 40.97 25.13 -17.24
N PHE A 244 41.83 25.80 -16.48
CA PHE A 244 42.48 27.01 -16.99
C PHE A 244 43.33 26.69 -18.20
N LYS A 245 44.09 25.59 -18.16
CA LYS A 245 44.90 25.22 -19.31
C LYS A 245 44.02 24.89 -20.51
N LEU A 246 42.92 24.18 -20.28
CA LEU A 246 42.02 23.86 -21.37
C LEU A 246 41.44 25.11 -22.01
N ASN A 247 41.01 26.06 -21.19
CA ASN A 247 40.47 27.31 -21.71
C ASN A 247 41.54 28.09 -22.47
N ARG A 248 42.77 28.10 -21.96
CA ARG A 248 43.85 28.77 -22.65
C ARG A 248 44.08 28.15 -24.02
N LEU A 249 44.09 26.82 -24.10
CA LEU A 249 44.25 26.15 -25.38
C LEU A 249 43.10 26.51 -26.33
N ALA A 250 41.88 26.49 -25.82
CA ALA A 250 40.73 26.80 -26.67
C ALA A 250 40.82 28.21 -27.23
N GLU A 251 41.17 29.18 -26.39
CA GLU A 251 41.31 30.55 -26.87
C GLU A 251 42.45 30.67 -27.87
N GLU A 252 43.58 30.02 -27.59
CA GLU A 252 44.75 30.19 -28.45
C GLU A 252 44.53 29.58 -29.83
N PHE A 253 44.01 28.36 -29.89
CA PHE A 253 43.90 27.62 -31.14
C PHE A 253 42.50 27.66 -31.73
N ASN A 254 41.62 28.51 -31.21
CA ASN A 254 40.28 28.68 -31.77
C ASN A 254 39.55 27.34 -31.88
N VAL A 255 39.72 26.49 -30.87
CA VAL A 255 39.04 25.21 -30.83
C VAL A 255 37.99 25.24 -29.72
N ALA A 256 36.97 24.42 -29.89
CA ALA A 256 35.90 24.31 -28.91
C ALA A 256 36.16 23.13 -27.99
N VAL A 257 36.07 23.36 -26.69
CA VAL A 257 36.31 22.35 -25.68
C VAL A 257 34.95 21.89 -25.16
N PHE A 258 34.67 20.59 -25.31
CA PHE A 258 33.41 20.00 -24.90
C PHE A 258 33.68 19.06 -23.74
N LEU A 259 32.99 19.27 -22.62
CA LEU A 259 33.19 18.50 -21.41
C LEU A 259 31.89 17.85 -20.97
N THR A 260 31.97 16.57 -20.61
CA THR A 260 30.84 15.83 -20.06
C THR A 260 31.07 15.63 -18.57
N ASN A 261 30.03 15.84 -17.77
CA ASN A 261 30.15 15.81 -16.33
C ASN A 261 29.05 14.94 -15.74
N GLN A 262 29.36 14.30 -14.62
CA GLN A 262 28.41 13.46 -13.90
C GLN A 262 27.52 14.34 -13.01
N VAL A 263 26.62 13.70 -12.29
CA VAL A 263 25.74 14.38 -11.36
C VAL A 263 25.72 13.61 -10.05
N GLN A 264 25.27 14.27 -8.99
CA GLN A 264 25.18 13.68 -7.67
C GLN A 264 23.85 14.06 -7.04
N SER A 265 23.35 13.19 -6.17
CA SER A 265 22.14 13.47 -5.42
C SER A 265 22.49 14.27 -4.17
N ASP A 266 21.60 15.19 -3.80
CA ASP A 266 21.83 16.04 -2.65
C ASP A 266 20.83 15.68 -1.56
N PRO A 267 21.22 14.86 -0.57
CA PRO A 267 20.27 14.55 0.51
C PRO A 267 19.85 15.78 1.29
N GLY A 268 20.72 16.78 1.40
CA GLY A 268 20.38 17.97 2.18
C GLY A 268 19.16 18.69 1.63
N ALA A 269 19.08 18.80 0.31
CA ALA A 269 17.94 19.48 -0.31
C ALA A 269 16.76 18.53 -0.49
N GLY A 278 15.97 18.35 -12.80
CA GLY A 278 17.32 18.88 -12.69
C GLY A 278 18.14 18.20 -11.61
N ARG A 279 19.36 17.81 -11.96
CA ARG A 279 20.27 17.14 -11.04
C ARG A 279 21.44 18.05 -10.73
N LYS A 280 22.05 17.84 -9.57
CA LYS A 280 23.18 18.64 -9.16
C LYS A 280 24.46 18.12 -9.81
N PRO A 281 25.22 18.96 -10.50
CA PRO A 281 26.48 18.50 -11.10
C PRO A 281 27.59 18.40 -10.05
N ILE A 282 28.66 17.74 -10.45
CA ILE A 282 29.83 17.61 -9.60
C ILE A 282 30.92 18.54 -10.11
N GLY A 283 32.01 18.64 -9.35
CA GLY A 283 33.09 19.54 -9.69
C GLY A 283 33.05 20.86 -8.95
N GLY A 284 31.91 21.26 -8.42
CA GLY A 284 31.84 22.41 -7.56
C GLY A 284 31.97 23.74 -8.29
N HIS A 285 32.26 24.77 -7.49
CA HIS A 285 32.26 26.14 -8.01
C HIS A 285 33.41 26.35 -8.99
N VAL A 286 34.52 25.65 -8.81
CA VAL A 286 35.62 25.78 -9.76
C VAL A 286 35.15 25.41 -11.16
N LEU A 287 34.53 24.24 -11.30
CA LEU A 287 34.02 23.82 -12.60
C LEU A 287 32.90 24.73 -13.07
N ALA A 288 32.01 25.14 -12.16
CA ALA A 288 30.89 25.99 -12.56
C ALA A 288 31.39 27.31 -13.15
N HIS A 289 32.37 27.94 -12.50
CA HIS A 289 32.90 29.19 -13.01
C HIS A 289 33.69 28.97 -14.29
N ALA A 290 34.52 27.93 -14.33
CA ALA A 290 35.37 27.71 -15.49
C ALA A 290 34.54 27.50 -16.76
N SER A 291 33.48 26.72 -16.67
CA SER A 291 32.66 26.42 -17.83
C SER A 291 31.94 27.69 -18.29
N ALA A 292 32.11 28.03 -19.56
CA ALA A 292 31.39 29.17 -20.11
C ALA A 292 29.93 28.82 -20.37
N THR A 293 29.66 27.62 -20.84
CA THR A 293 28.31 27.16 -21.13
C THR A 293 28.08 25.83 -20.42
N ARG A 294 26.88 25.66 -19.87
CA ARG A 294 26.52 24.44 -19.15
C ARG A 294 25.11 24.05 -19.55
N ILE A 295 24.95 22.84 -20.06
CA ILE A 295 23.67 22.32 -20.50
C ILE A 295 23.31 21.11 -19.64
N LEU A 296 22.10 21.11 -19.11
CA LEU A 296 21.61 20.02 -18.29
C LEU A 296 20.73 19.10 -19.13
N LEU A 297 21.07 17.81 -19.14
CA LEU A 297 20.35 16.82 -19.91
C LEU A 297 19.55 15.94 -18.96
N ARG A 298 18.27 15.75 -19.26
CA ARG A 298 17.38 14.96 -18.43
C ARG A 298 16.69 13.91 -19.28
N LYS A 299 16.28 12.82 -18.62
CA LYS A 299 15.48 11.81 -19.30
C LYS A 299 14.08 12.32 -19.57
N GLY A 300 13.51 11.91 -20.70
CA GLY A 300 12.16 12.28 -21.04
C GLY A 300 11.34 11.05 -21.36
N ARG A 301 10.06 11.27 -21.66
CA ARG A 301 9.17 10.17 -22.00
C ARG A 301 9.73 9.38 -23.16
N GLY A 302 9.71 8.06 -23.06
CA GLY A 302 10.25 7.22 -24.11
C GLY A 302 11.72 7.50 -24.39
N ASP A 303 12.05 7.71 -25.67
CA ASP A 303 13.41 7.98 -26.07
C ASP A 303 13.75 9.46 -26.06
N GLU A 304 12.82 10.33 -25.67
CA GLU A 304 13.08 11.75 -25.67
C GLU A 304 14.02 12.14 -24.53
N ARG A 305 14.88 13.12 -24.80
CA ARG A 305 15.74 13.71 -23.81
C ARG A 305 15.48 15.21 -23.78
N VAL A 306 15.66 15.82 -22.62
CA VAL A 306 15.42 17.24 -22.42
C VAL A 306 16.73 17.91 -22.06
N ALA A 307 17.11 18.90 -22.85
CA ALA A 307 18.34 19.66 -22.61
C ALA A 307 17.96 21.09 -22.23
N LYS A 308 18.52 21.57 -21.13
CA LYS A 308 18.24 22.91 -20.63
C LYS A 308 19.56 23.66 -20.47
N LEU A 309 19.58 24.92 -20.90
CA LEU A 309 20.80 25.73 -20.89
C LEU A 309 20.90 26.43 -19.55
N GLN A 310 21.67 25.85 -18.64
CA GLN A 310 21.79 26.42 -17.30
C GLN A 310 22.59 27.71 -17.31
N ASP A 311 23.74 27.72 -17.99
CA ASP A 311 24.64 28.86 -17.98
C ASP A 311 25.18 29.08 -19.37
N SER A 312 24.99 30.29 -19.91
CA SER A 312 25.49 30.64 -21.22
C SER A 312 25.92 32.10 -21.19
N PRO A 313 27.13 32.42 -21.63
CA PRO A 313 27.57 33.82 -21.59
C PRO A 313 26.80 34.72 -22.53
N ASP A 314 26.13 34.17 -23.54
CA ASP A 314 25.54 34.98 -24.59
C ASP A 314 24.07 34.67 -24.89
N MET A 315 23.56 33.52 -24.45
CA MET A 315 22.20 33.13 -24.77
C MET A 315 21.37 33.03 -23.49
N PRO A 316 20.07 33.27 -23.57
CA PRO A 316 19.22 33.14 -22.39
C PRO A 316 18.83 31.70 -22.13
N GLU A 317 18.31 31.45 -20.93
CA GLU A 317 17.91 30.10 -20.56
C GLU A 317 16.79 29.61 -21.47
N LYS A 318 16.89 28.35 -21.86
CA LYS A 318 15.92 27.74 -22.77
C LYS A 318 15.93 26.24 -22.58
N GLU A 319 14.91 25.58 -23.10
CA GLU A 319 14.81 24.13 -23.10
C GLU A 319 14.49 23.63 -24.50
N CYS A 320 15.05 22.47 -24.84
CA CYS A 320 14.77 21.82 -26.10
C CYS A 320 14.62 20.32 -25.85
N VAL A 321 14.03 19.63 -26.82
CA VAL A 321 13.85 18.19 -26.76
C VAL A 321 14.62 17.57 -27.91
N TYR A 322 15.43 16.55 -27.60
CA TYR A 322 16.21 15.85 -28.60
C TYR A 322 16.08 14.34 -28.36
N VAL A 323 16.45 13.58 -29.39
CA VAL A 323 16.36 12.13 -29.35
C VAL A 323 17.70 11.56 -29.78
N ILE A 324 18.01 10.37 -29.27
CA ILE A 324 19.23 9.66 -29.59
C ILE A 324 18.87 8.57 -30.58
N GLY A 325 19.36 8.71 -31.81
CA GLY A 325 19.08 7.77 -32.86
C GLY A 325 20.34 7.24 -33.54
N GLU A 326 20.14 6.68 -34.72
CA GLU A 326 21.27 6.14 -35.48
C GLU A 326 22.27 7.23 -35.81
N LYS A 327 21.79 8.42 -36.18
CA LYS A 327 22.65 9.54 -36.53
C LYS A 327 23.22 10.26 -35.31
N GLY A 328 23.05 9.71 -34.12
CA GLY A 328 23.52 10.37 -32.92
C GLY A 328 22.43 11.23 -32.32
N ILE A 329 22.79 12.44 -31.89
CA ILE A 329 21.82 13.39 -31.37
C ILE A 329 21.04 13.98 -32.53
N THR A 330 19.72 13.86 -32.49
CA THR A 330 18.86 14.36 -33.56
C THR A 330 17.55 14.84 -32.96
N ASP A 331 16.85 15.66 -33.74
CA ASP A 331 15.58 16.21 -33.30
C ASP A 331 14.53 15.11 -33.19
N SER A 332 13.52 15.36 -32.36
CA SER A 332 12.52 14.33 -32.07
C SER A 332 11.85 13.84 -33.35
N SER A 333 11.33 14.76 -34.16
CA SER A 333 10.69 14.35 -35.40
C SER A 333 11.70 13.70 -36.35
N ASP A 334 12.91 14.26 -36.42
CA ASP A 334 13.96 13.72 -37.27
C ASP A 334 14.55 12.45 -36.66
N ILE B 16 50.09 -8.60 -22.39
CA ILE B 16 50.36 -8.55 -20.96
C ILE B 16 51.86 -8.54 -20.69
N LEU B 17 52.33 -7.46 -20.09
CA LEU B 17 53.74 -7.31 -19.73
C LEU B 17 53.87 -7.30 -18.22
N SER B 18 54.67 -8.23 -17.70
CA SER B 18 54.88 -8.31 -16.27
C SER B 18 55.85 -7.23 -15.80
N VAL B 19 55.73 -6.85 -14.54
CA VAL B 19 56.60 -5.83 -13.98
C VAL B 19 58.06 -6.25 -14.02
N ASP B 20 58.32 -7.56 -14.02
CA ASP B 20 59.70 -8.03 -14.14
C ASP B 20 60.35 -7.48 -15.39
N GLU B 21 59.56 -7.27 -16.46
CA GLU B 21 60.10 -6.62 -17.65
C GLU B 21 60.69 -5.26 -17.30
N LEU B 22 60.17 -4.61 -16.26
CA LEU B 22 60.68 -3.30 -15.86
C LEU B 22 62.07 -3.41 -15.27
N GLN B 23 62.42 -4.59 -14.73
CA GLN B 23 63.68 -4.73 -14.01
C GLN B 23 64.88 -4.46 -14.91
N ASN B 24 64.88 -5.02 -16.12
CA ASN B 24 66.06 -4.91 -16.98
C ASN B 24 66.31 -3.46 -17.39
N TYR B 25 65.27 -2.62 -17.38
CA TYR B 25 65.47 -1.21 -17.72
C TYR B 25 66.20 -0.46 -16.63
N GLY B 26 66.40 -1.09 -15.47
CA GLY B 26 67.19 -0.46 -14.42
C GLY B 26 66.55 -0.49 -13.05
N ILE B 27 65.46 -1.23 -12.91
CA ILE B 27 64.78 -1.35 -11.63
C ILE B 27 65.28 -2.60 -10.92
N ASN B 28 65.78 -2.41 -9.69
CA ASN B 28 66.27 -3.54 -8.92
C ASN B 28 65.13 -4.47 -8.54
N ALA B 29 65.45 -5.75 -8.37
CA ALA B 29 64.42 -6.74 -8.04
C ALA B 29 63.73 -6.39 -6.72
N SER B 30 64.47 -5.79 -5.78
CA SER B 30 63.90 -5.49 -4.48
C SER B 30 62.70 -4.56 -4.60
N ASP B 31 62.83 -3.50 -5.40
CA ASP B 31 61.71 -2.58 -5.59
C ASP B 31 60.53 -3.28 -6.24
N LEU B 32 60.80 -4.15 -7.22
CA LEU B 32 59.72 -4.88 -7.87
C LEU B 32 58.87 -5.62 -6.85
N GLN B 33 59.50 -6.18 -5.82
CA GLN B 33 58.74 -6.87 -4.78
C GLN B 33 57.78 -5.92 -4.08
N LYS B 34 58.24 -4.71 -3.76
CA LYS B 34 57.38 -3.74 -3.10
C LYS B 34 56.18 -3.40 -3.99
N LEU B 35 56.46 -3.07 -5.25
CA LEU B 35 55.36 -2.80 -6.18
C LEU B 35 54.51 -4.04 -6.39
N LYS B 36 55.14 -5.21 -6.49
CA LYS B 36 54.39 -6.45 -6.54
C LYS B 36 53.56 -6.64 -5.28
N SER B 37 54.16 -6.32 -4.12
CA SER B 37 53.40 -6.38 -2.88
C SER B 37 52.22 -5.42 -2.91
N GLY B 38 52.39 -4.26 -3.53
CA GLY B 38 51.33 -3.27 -3.61
C GLY B 38 50.31 -3.57 -4.70
N GLY B 39 50.27 -4.82 -5.14
CA GLY B 39 49.31 -5.21 -6.15
C GLY B 39 49.59 -4.68 -7.54
N ILE B 40 50.85 -4.40 -7.86
CA ILE B 40 51.22 -3.93 -9.18
C ILE B 40 52.05 -4.99 -9.88
N TYR B 41 51.41 -5.82 -10.69
CA TYR B 41 52.05 -6.98 -11.31
C TYR B 41 52.20 -6.85 -12.81
N THR B 42 51.76 -5.74 -13.40
CA THR B 42 51.86 -5.55 -14.84
C THR B 42 52.41 -4.16 -15.14
N VAL B 43 53.05 -4.05 -16.30
CA VAL B 43 53.58 -2.75 -16.71
C VAL B 43 52.45 -1.74 -16.85
N ASN B 44 51.34 -2.15 -17.44
CA ASN B 44 50.22 -1.23 -17.63
C ASN B 44 49.72 -0.69 -16.30
N THR B 45 49.61 -1.55 -15.30
CA THR B 45 49.13 -1.09 -13.99
C THR B 45 50.02 0.02 -13.45
N VAL B 46 51.31 -0.02 -13.77
CA VAL B 46 52.21 1.04 -13.32
C VAL B 46 51.81 2.37 -13.94
N LEU B 47 51.56 2.39 -15.25
CA LEU B 47 51.20 3.63 -15.92
C LEU B 47 49.86 4.15 -15.42
N SER B 48 48.89 3.26 -15.24
CA SER B 48 47.58 3.69 -14.76
C SER B 48 47.66 4.23 -13.34
N THR B 49 48.48 3.60 -12.49
CA THR B 49 48.59 4.04 -11.11
C THR B 49 49.24 5.42 -11.04
N THR B 50 48.67 6.29 -10.21
CA THR B 50 49.22 7.63 -10.03
C THR B 50 50.50 7.56 -9.22
N ARG B 51 51.36 8.58 -9.40
CA ARG B 51 52.58 8.64 -8.60
C ARG B 51 52.26 8.81 -7.12
N ARG B 52 51.26 9.62 -6.79
CA ARG B 52 50.89 9.79 -5.40
C ARG B 52 50.52 8.46 -4.76
N HIS B 53 49.82 7.60 -5.49
CA HIS B 53 49.48 6.29 -4.97
C HIS B 53 50.72 5.43 -4.77
N LEU B 54 51.66 5.50 -5.71
CA LEU B 54 52.88 4.70 -5.58
C LEU B 54 53.68 5.12 -4.35
N CYS B 55 53.73 6.42 -4.07
CA CYS B 55 54.44 6.89 -2.89
C CYS B 55 53.91 6.24 -1.62
N LYS B 56 52.62 5.90 -1.62
CA LYS B 56 52.04 5.24 -0.46
C LYS B 56 52.67 3.88 -0.22
N ILE B 57 53.16 3.24 -1.29
CA ILE B 57 53.74 1.91 -1.15
C ILE B 57 54.96 1.96 -0.25
N LYS B 58 55.08 0.99 0.64
CA LYS B 58 56.21 0.91 1.55
C LYS B 58 57.51 0.69 0.78
N GLY B 59 58.58 1.31 1.26
CA GLY B 59 59.89 1.13 0.68
C GLY B 59 60.02 1.76 -0.70
N LEU B 60 59.05 2.60 -1.06
CA LEU B 60 59.06 3.28 -2.35
C LEU B 60 59.14 4.79 -2.11
N SER B 61 60.29 5.36 -2.45
CA SER B 61 60.47 6.80 -2.34
C SER B 61 60.10 7.49 -3.65
N GLU B 62 59.86 8.80 -3.56
CA GLU B 62 59.49 9.57 -4.75
C GLU B 62 60.53 9.41 -5.85
N VAL B 63 61.80 9.36 -5.47
CA VAL B 63 62.84 9.14 -6.48
C VAL B 63 62.65 7.78 -7.15
N LYS B 64 62.37 6.75 -6.36
CA LYS B 64 62.11 5.44 -6.94
C LYS B 64 60.87 5.46 -7.82
N VAL B 65 59.81 6.13 -7.37
CA VAL B 65 58.59 6.20 -8.16
C VAL B 65 58.85 6.88 -9.49
N GLU B 66 59.60 7.99 -9.47
CA GLU B 66 59.94 8.66 -10.72
C GLU B 66 60.77 7.75 -11.61
N LYS B 67 61.73 7.02 -11.02
CA LYS B 67 62.53 6.08 -11.79
C LYS B 67 61.65 5.00 -12.39
N ILE B 68 60.70 4.48 -11.60
CA ILE B 68 59.82 3.43 -12.10
C ILE B 68 58.94 3.95 -13.23
N LYS B 69 58.30 5.10 -13.02
CA LYS B 69 57.37 5.62 -14.02
C LYS B 69 58.09 5.92 -15.33
N GLU B 70 59.26 6.56 -15.25
CA GLU B 70 60.01 6.85 -16.47
C GLU B 70 60.43 5.57 -17.17
N ALA B 71 60.89 4.58 -16.39
CA ALA B 71 61.26 3.29 -16.99
C ALA B 71 60.04 2.61 -17.61
N ALA B 72 58.89 2.69 -16.95
CA ALA B 72 57.68 2.08 -17.50
C ALA B 72 57.33 2.69 -18.86
N GLY B 73 57.48 4.00 -19.00
CA GLY B 73 57.23 4.61 -20.28
C GLY B 73 58.17 4.09 -21.36
N LYS B 74 59.40 3.73 -20.97
CA LYS B 74 60.36 3.18 -21.91
C LYS B 74 59.86 1.89 -22.56
N ILE B 75 59.00 1.14 -21.88
CA ILE B 75 58.47 -0.12 -22.39
C ILE B 75 57.15 0.10 -23.14
N ILE B 76 56.20 0.77 -22.50
CA ILE B 76 54.91 1.07 -23.11
C ILE B 76 54.73 2.58 -23.13
N GLN B 77 54.39 3.12 -24.29
CA GLN B 77 54.14 4.54 -24.46
C GLN B 77 52.65 4.77 -24.69
N VAL B 78 52.08 5.71 -23.96
CA VAL B 78 50.66 6.02 -24.04
C VAL B 78 50.52 7.46 -24.51
N GLY B 79 49.72 7.66 -25.56
CA GLY B 79 49.48 8.99 -26.09
C GLY B 79 48.36 8.96 -27.08
N PHE B 80 48.13 10.10 -27.72
CA PHE B 80 47.09 10.19 -28.72
C PHE B 80 47.41 9.33 -29.92
N ILE B 81 46.40 8.63 -30.42
CA ILE B 81 46.54 7.78 -31.61
C ILE B 81 45.33 7.94 -32.50
N PRO B 82 45.50 7.74 -33.80
CA PRO B 82 44.37 7.86 -34.71
C PRO B 82 43.26 6.89 -34.34
N ALA B 83 42.02 7.35 -34.51
CA ALA B 83 40.87 6.52 -34.15
C ALA B 83 40.89 5.21 -34.94
N THR B 84 41.45 5.23 -36.15
CA THR B 84 41.56 4.00 -36.92
C THR B 84 42.40 2.95 -36.19
N VAL B 85 43.52 3.38 -35.62
CA VAL B 85 44.34 2.45 -34.84
C VAL B 85 43.56 1.95 -33.64
N GLN B 86 42.85 2.84 -32.96
CA GLN B 86 42.05 2.42 -31.81
C GLN B 86 41.01 1.39 -32.23
N LEU B 87 40.50 1.50 -33.45
CA LEU B 87 39.54 0.50 -33.94
C LEU B 87 40.18 -0.87 -34.02
N ASP B 88 41.43 -0.94 -34.50
CA ASP B 88 42.12 -2.22 -34.57
C ASP B 88 42.27 -2.83 -33.19
N ILE B 89 42.71 -2.04 -32.21
CA ILE B 89 42.82 -2.54 -30.84
C ILE B 89 41.46 -2.95 -30.32
N ARG B 90 40.41 -2.21 -30.69
CA ARG B 90 39.07 -2.56 -30.25
C ARG B 90 38.63 -3.93 -30.76
N GLN B 91 39.31 -4.44 -31.80
CA GLN B 91 38.94 -5.73 -32.35
C GLN B 91 39.16 -6.87 -31.35
N ARG B 92 40.07 -6.68 -30.39
CA ARG B 92 40.37 -7.74 -29.44
C ARG B 92 39.20 -8.04 -28.52
N VAL B 93 38.19 -7.19 -28.48
CA VAL B 93 37.09 -7.38 -27.54
C VAL B 93 36.39 -8.70 -27.82
N TYR B 94 35.97 -9.37 -26.75
CA TYR B 94 35.15 -10.56 -26.82
C TYR B 94 33.70 -10.21 -26.52
N SER B 95 32.80 -11.02 -27.07
CA SER B 95 31.38 -10.95 -26.74
C SER B 95 30.97 -12.28 -26.15
N LEU B 96 30.56 -12.28 -24.89
CA LEU B 96 30.22 -13.49 -24.17
C LEU B 96 28.73 -13.71 -24.19
N SER B 97 28.30 -14.85 -24.72
CA SER B 97 26.88 -15.13 -24.83
C SER B 97 26.24 -15.28 -23.46
N THR B 98 25.09 -14.65 -23.28
CA THR B 98 24.31 -14.79 -22.06
C THR B 98 23.41 -16.02 -22.07
N GLY B 99 23.44 -16.80 -23.15
CA GLY B 99 22.62 -17.97 -23.30
C GLY B 99 21.32 -17.74 -24.02
N SER B 100 20.87 -16.48 -24.10
CA SER B 100 19.64 -16.12 -24.79
C SER B 100 19.98 -15.38 -26.08
N LYS B 101 19.66 -15.97 -27.22
CA LYS B 101 19.96 -15.33 -28.49
C LYS B 101 19.23 -14.01 -28.62
N GLN B 102 17.98 -13.94 -28.16
CA GLN B 102 17.26 -12.67 -28.17
C GLN B 102 17.97 -11.64 -27.31
N LEU B 103 18.42 -12.05 -26.12
CA LEU B 103 19.15 -11.13 -25.26
C LEU B 103 20.47 -10.73 -25.89
N ASP B 104 21.16 -11.68 -26.52
CA ASP B 104 22.43 -11.37 -27.16
C ASP B 104 22.25 -10.37 -28.29
N SER B 105 21.16 -10.51 -29.05
CA SER B 105 20.95 -9.63 -30.20
C SER B 105 20.88 -8.18 -29.78
N ILE B 106 20.09 -7.87 -28.75
CA ILE B 106 19.97 -6.49 -28.32
C ILE B 106 21.27 -5.98 -27.75
N LEU B 107 22.00 -6.84 -27.04
CA LEU B 107 23.30 -6.47 -26.49
C LEU B 107 24.36 -6.33 -27.57
N GLY B 108 24.09 -6.78 -28.78
CA GLY B 108 25.07 -6.72 -29.85
C GLY B 108 26.01 -7.90 -29.90
N GLY B 109 25.74 -8.98 -29.17
CA GLY B 109 26.60 -10.14 -29.19
C GLY B 109 26.76 -10.78 -27.82
N GLY B 110 26.24 -10.11 -26.79
CA GLY B 110 26.32 -10.58 -25.43
C GLY B 110 27.04 -9.58 -24.56
N ILE B 111 27.68 -10.09 -23.51
CA ILE B 111 28.48 -9.24 -22.63
C ILE B 111 29.81 -8.94 -23.31
N MET B 112 30.24 -7.68 -23.21
CA MET B 112 31.43 -7.19 -23.90
C MET B 112 32.56 -7.05 -22.90
N THR B 113 33.73 -7.57 -23.25
CA THR B 113 34.91 -7.35 -22.43
C THR B 113 35.33 -5.88 -22.51
N MET B 114 36.26 -5.50 -21.65
CA MET B 114 36.79 -4.14 -21.58
C MET B 114 35.73 -3.16 -21.10
N SER B 115 34.61 -3.64 -20.56
CA SER B 115 33.53 -2.78 -20.12
C SER B 115 32.80 -3.44 -18.96
N ILE B 116 32.08 -2.63 -18.20
CA ILE B 116 31.33 -3.08 -17.04
C ILE B 116 29.87 -3.23 -17.43
N THR B 117 29.33 -4.43 -17.23
CA THR B 117 27.94 -4.74 -17.54
C THR B 117 27.20 -5.00 -16.23
N GLU B 118 26.08 -4.32 -16.03
CA GLU B 118 25.31 -4.43 -14.81
C GLU B 118 23.87 -4.81 -15.13
N VAL B 119 23.39 -5.88 -14.51
CA VAL B 119 22.01 -6.31 -14.63
C VAL B 119 21.36 -6.21 -13.27
N PHE B 120 20.27 -5.44 -13.19
CA PHE B 120 19.57 -5.25 -11.94
C PHE B 120 18.10 -5.58 -12.13
N GLY B 121 17.45 -6.00 -11.05
CA GLY B 121 16.04 -6.29 -11.13
C GLY B 121 15.55 -6.96 -9.86
N GLU B 122 14.23 -7.11 -9.79
CA GLU B 122 13.57 -7.73 -8.67
C GLU B 122 14.08 -9.15 -8.46
N PHE B 123 13.73 -9.73 -7.32
CA PHE B 123 14.18 -11.08 -7.02
C PHE B 123 13.65 -12.06 -8.05
N ARG B 124 14.21 -13.27 -8.04
CA ARG B 124 13.87 -14.37 -8.94
C ARG B 124 13.90 -13.96 -10.40
N CYS B 125 14.58 -12.88 -10.75
CA CYS B 125 14.59 -12.37 -12.12
C CYS B 125 15.73 -12.92 -12.95
N GLY B 126 16.54 -13.81 -12.39
CA GLY B 126 17.60 -14.43 -13.15
C GLY B 126 18.96 -13.77 -13.02
N LYS B 127 19.12 -12.78 -12.13
CA LYS B 127 20.41 -12.14 -11.98
C LYS B 127 21.49 -13.14 -11.62
N THR B 128 21.22 -13.99 -10.63
CA THR B 128 22.20 -15.02 -10.26
C THR B 128 22.27 -16.10 -11.33
N GLN B 129 21.14 -16.40 -11.98
CA GLN B 129 21.13 -17.41 -13.03
C GLN B 129 22.01 -16.97 -14.20
N MET B 130 21.93 -15.70 -14.59
CA MET B 130 22.79 -15.21 -15.65
C MET B 130 24.26 -15.35 -15.29
N SER B 131 24.61 -15.03 -14.04
CA SER B 131 25.99 -15.16 -13.61
C SER B 131 26.46 -16.59 -13.71
N HIS B 132 25.62 -17.55 -13.31
CA HIS B 132 25.99 -18.95 -13.45
C HIS B 132 26.10 -19.35 -14.91
N THR B 133 25.18 -18.86 -15.74
CA THR B 133 25.24 -19.17 -17.17
C THR B 133 26.53 -18.62 -17.78
N LEU B 134 26.88 -17.38 -17.46
CA LEU B 134 28.09 -16.79 -18.01
C LEU B 134 29.33 -17.57 -17.61
N CYS B 135 29.27 -18.27 -16.47
CA CYS B 135 30.40 -19.09 -16.04
C CYS B 135 30.68 -20.22 -17.03
N VAL B 136 29.61 -20.73 -17.65
CA VAL B 136 29.76 -21.82 -18.61
C VAL B 136 30.13 -21.27 -19.98
N THR B 137 29.30 -20.37 -20.51
CA THR B 137 29.52 -19.89 -21.88
C THR B 137 30.89 -19.27 -22.03
N THR B 138 31.37 -18.57 -21.00
CA THR B 138 32.69 -17.96 -21.09
C THR B 138 33.77 -18.97 -21.43
N GLN B 139 33.58 -20.23 -21.04
CA GLN B 139 34.53 -21.27 -21.37
C GLN B 139 34.34 -21.82 -22.76
N LEU B 140 33.22 -21.52 -23.40
CA LEU B 140 33.01 -21.95 -24.78
C LEU B 140 34.02 -21.25 -25.69
N PRO B 141 34.51 -21.94 -26.71
CA PRO B 141 35.46 -21.30 -27.63
C PRO B 141 34.80 -20.15 -28.37
N ARG B 142 35.62 -19.23 -28.87
CA ARG B 142 35.09 -18.12 -29.64
C ARG B 142 34.23 -18.66 -30.78
N GLU B 143 33.46 -17.76 -31.39
CA GLU B 143 32.43 -18.01 -32.41
C GLU B 143 31.34 -18.93 -31.90
N MET B 144 31.39 -19.34 -30.64
CA MET B 144 30.28 -20.01 -29.97
C MET B 144 29.59 -19.11 -28.97
N GLY B 145 29.96 -17.83 -28.92
CA GLY B 145 29.45 -16.92 -27.93
C GLY B 145 30.30 -16.80 -26.68
N GLY B 146 31.33 -17.62 -26.54
CA GLY B 146 32.16 -17.56 -25.36
C GLY B 146 33.55 -17.01 -25.65
N GLY B 147 34.31 -16.81 -24.58
CA GLY B 147 35.67 -16.32 -24.67
C GLY B 147 36.76 -17.35 -24.48
N GLU B 148 36.41 -18.58 -24.13
CA GLU B 148 37.40 -19.64 -23.95
C GLU B 148 38.46 -19.25 -22.93
N GLY B 149 38.02 -18.90 -21.72
CA GLY B 149 38.95 -18.51 -20.68
C GLY B 149 38.36 -18.77 -19.31
N LYS B 150 39.21 -18.61 -18.30
CA LYS B 150 38.78 -18.82 -16.92
C LYS B 150 37.83 -17.71 -16.48
N VAL B 151 37.14 -17.95 -15.37
CA VAL B 151 36.17 -17.01 -14.82
C VAL B 151 36.47 -16.81 -13.35
N ALA B 152 36.40 -15.56 -12.90
CA ALA B 152 36.56 -15.22 -11.49
C ALA B 152 35.21 -14.81 -10.94
N TYR B 153 34.76 -15.51 -9.89
CA TYR B 153 33.44 -15.30 -9.31
C TYR B 153 33.59 -14.73 -7.92
N ILE B 154 32.96 -13.59 -7.68
CA ILE B 154 32.95 -12.95 -6.36
C ILE B 154 31.51 -12.95 -5.85
N ASP B 155 31.31 -13.61 -4.72
CA ASP B 155 29.98 -13.81 -4.16
C ASP B 155 29.77 -12.92 -2.95
N THR B 156 28.66 -12.18 -2.94
CA THR B 156 28.26 -11.38 -1.80
C THR B 156 26.89 -11.76 -1.25
N GLU B 157 26.00 -12.28 -2.10
CA GLU B 157 24.74 -12.82 -1.60
C GLU B 157 24.93 -14.18 -0.96
N GLY B 158 25.92 -14.93 -1.42
CA GLY B 158 26.16 -16.27 -0.91
C GLY B 158 25.41 -17.37 -1.64
N THR B 159 24.92 -17.11 -2.84
CA THR B 159 24.09 -18.07 -3.57
C THR B 159 24.86 -18.82 -4.65
N PHE B 160 26.18 -18.74 -4.67
CA PHE B 160 26.94 -19.51 -5.65
C PHE B 160 26.69 -21.00 -5.47
N ARG B 161 26.37 -21.68 -6.57
CA ARG B 161 26.02 -23.09 -6.52
C ARG B 161 26.84 -23.87 -7.53
N PRO B 162 27.93 -24.54 -7.10
CA PRO B 162 28.71 -25.33 -8.05
C PRO B 162 27.89 -26.38 -8.78
N GLU B 163 26.87 -26.95 -8.12
CA GLU B 163 26.05 -27.95 -8.80
C GLU B 163 25.33 -27.33 -9.99
N ARG B 164 24.83 -26.11 -9.84
CA ARG B 164 24.14 -25.45 -10.94
C ARG B 164 25.06 -25.28 -12.14
N ILE B 165 26.33 -24.96 -11.90
CA ILE B 165 27.29 -24.83 -13.00
C ILE B 165 27.42 -26.15 -13.74
N LYS B 166 27.54 -27.26 -13.00
CA LYS B 166 27.66 -28.56 -13.64
C LYS B 166 26.43 -28.87 -14.48
N GLN B 167 25.23 -28.59 -13.96
CA GLN B 167 24.03 -28.89 -14.71
C GLN B 167 23.97 -28.09 -16.00
N ILE B 168 24.34 -26.80 -15.94
CA ILE B 168 24.38 -25.99 -17.15
C ILE B 168 25.46 -26.48 -18.10
N ALA B 169 26.60 -26.91 -17.56
CA ALA B 169 27.67 -27.38 -18.42
C ALA B 169 27.23 -28.58 -19.25
N GLU B 170 26.47 -29.49 -18.65
CA GLU B 170 25.96 -30.63 -19.41
C GLU B 170 25.01 -30.16 -20.51
N GLY B 171 24.22 -29.13 -20.24
CA GLY B 171 23.32 -28.61 -21.26
C GLY B 171 24.07 -28.13 -22.49
N TYR B 172 25.24 -27.53 -22.29
CA TYR B 172 26.09 -27.10 -23.39
C TYR B 172 27.04 -28.18 -23.87
N GLU B 173 26.96 -29.38 -23.30
CA GLU B 173 27.79 -30.50 -23.73
C GLU B 173 29.26 -30.23 -23.47
N LEU B 174 29.56 -29.75 -22.27
CA LEU B 174 30.93 -29.54 -21.82
C LEU B 174 31.20 -30.46 -20.64
N ASP B 175 32.47 -30.84 -20.47
CA ASP B 175 32.83 -31.67 -19.34
C ASP B 175 32.55 -30.92 -18.04
N PRO B 176 31.71 -31.46 -17.15
CA PRO B 176 31.34 -30.68 -15.96
C PRO B 176 32.52 -30.33 -15.08
N GLU B 177 33.30 -31.32 -14.64
CA GLU B 177 34.42 -31.03 -13.75
C GLU B 177 35.42 -30.11 -14.41
N SER B 178 35.60 -30.23 -15.73
CA SER B 178 36.50 -29.32 -16.43
C SER B 178 36.01 -27.89 -16.34
N CYS B 179 34.70 -27.68 -16.51
CA CYS B 179 34.16 -26.33 -16.41
C CYS B 179 34.38 -25.75 -15.01
N LEU B 180 34.15 -26.56 -13.98
CA LEU B 180 34.31 -26.08 -12.62
C LEU B 180 35.76 -25.70 -12.34
N ALA B 181 36.71 -26.51 -12.82
CA ALA B 181 38.11 -26.24 -12.54
C ALA B 181 38.52 -24.87 -13.06
N ASN B 182 37.87 -24.39 -14.12
CA ASN B 182 38.20 -23.11 -14.72
C ASN B 182 37.41 -21.95 -14.12
N VAL B 183 36.83 -22.14 -12.95
CA VAL B 183 36.11 -21.09 -12.24
C VAL B 183 36.75 -20.90 -10.87
N SER B 184 37.11 -19.66 -10.56
CA SER B 184 37.65 -19.32 -9.26
C SER B 184 36.58 -18.61 -8.44
N TYR B 185 36.34 -19.11 -7.23
CA TYR B 185 35.25 -18.63 -6.40
C TYR B 185 35.82 -17.96 -5.16
N ALA B 186 35.36 -16.75 -4.88
CA ALA B 186 35.73 -16.02 -3.68
C ALA B 186 34.47 -15.49 -3.01
N ARG B 187 34.40 -15.66 -1.70
CA ARG B 187 33.24 -15.23 -0.92
C ARG B 187 33.56 -13.91 -0.22
N ALA B 188 32.82 -12.87 -0.57
CA ALA B 188 33.06 -11.54 -0.04
C ALA B 188 32.28 -11.37 1.26
N LEU B 189 32.97 -11.56 2.39
CA LEU B 189 32.30 -11.50 3.67
C LEU B 189 31.73 -10.12 3.96
N ASN B 190 32.49 -9.07 3.67
CA ASN B 190 32.05 -7.70 3.92
C ASN B 190 32.63 -6.79 2.86
N SER B 191 32.21 -5.52 2.88
CA SER B 191 32.60 -4.59 1.85
C SER B 191 34.11 -4.43 1.78
N GLU B 192 34.76 -4.28 2.93
CA GLU B 192 36.22 -4.13 2.93
C GLU B 192 36.90 -5.35 2.34
N HIS B 193 36.43 -6.54 2.72
CA HIS B 193 36.98 -7.76 2.12
C HIS B 193 36.71 -7.81 0.62
N GLN B 194 35.50 -7.41 0.22
CA GLN B 194 35.17 -7.40 -1.20
C GLN B 194 36.14 -6.51 -1.98
N MET B 195 36.41 -5.31 -1.46
CA MET B 195 37.37 -4.43 -2.12
C MET B 195 38.76 -5.04 -2.14
N GLU B 196 39.16 -5.68 -1.04
CA GLU B 196 40.49 -6.27 -0.98
C GLU B 196 40.66 -7.37 -2.02
N LEU B 197 39.61 -8.18 -2.23
CA LEU B 197 39.70 -9.22 -3.25
C LEU B 197 40.01 -8.62 -4.61
N VAL B 198 39.29 -7.56 -4.99
CA VAL B 198 39.52 -6.95 -6.29
C VAL B 198 40.93 -6.37 -6.38
N GLU B 199 41.39 -5.70 -5.33
CA GLU B 199 42.69 -5.05 -5.39
C GLU B 199 43.80 -6.06 -5.68
N GLN B 200 43.77 -7.22 -5.03
CA GLN B 200 44.76 -8.26 -5.27
C GLN B 200 44.38 -9.15 -6.45
N LEU B 201 43.23 -8.91 -7.07
CA LEU B 201 42.81 -9.73 -8.20
C LEU B 201 43.73 -9.55 -9.39
N GLY B 202 44.54 -8.49 -9.38
CA GLY B 202 45.47 -8.26 -10.47
C GLY B 202 46.44 -9.41 -10.67
N GLU B 203 46.93 -9.97 -9.57
CA GLU B 203 47.89 -11.06 -9.68
C GLU B 203 47.31 -12.24 -10.46
N GLU B 204 46.09 -12.65 -10.11
CA GLU B 204 45.49 -13.80 -10.76
C GLU B 204 45.23 -13.53 -12.23
N LEU B 205 44.76 -12.34 -12.56
CA LEU B 205 44.47 -12.02 -13.95
C LEU B 205 45.74 -11.88 -14.77
N SER B 206 46.87 -11.69 -14.11
CA SER B 206 48.12 -11.46 -14.83
C SER B 206 48.45 -12.60 -15.78
N SER B 207 48.03 -13.82 -15.43
CA SER B 207 48.28 -14.97 -16.27
C SER B 207 47.62 -14.81 -17.63
N GLY B 208 46.53 -14.04 -17.68
CA GLY B 208 45.82 -13.79 -18.91
C GLY B 208 44.76 -14.81 -19.26
N ASP B 209 44.59 -15.85 -18.45
CA ASP B 209 43.60 -16.88 -18.77
C ASP B 209 42.18 -16.36 -18.58
N TYR B 210 41.96 -15.57 -17.54
CA TYR B 210 40.61 -15.14 -17.19
C TYR B 210 40.02 -14.22 -18.25
N ARG B 211 38.71 -14.29 -18.41
CA ARG B 211 38.01 -13.49 -19.40
C ARG B 211 36.82 -12.77 -18.78
N LEU B 212 36.29 -13.29 -17.68
CA LEU B 212 35.09 -12.73 -17.06
C LEU B 212 35.31 -12.55 -15.56
N ILE B 213 34.68 -11.52 -15.01
CA ILE B 213 34.68 -11.26 -13.57
C ILE B 213 33.24 -10.97 -13.18
N VAL B 214 32.74 -11.72 -12.19
CA VAL B 214 31.36 -11.61 -11.76
C VAL B 214 31.33 -11.14 -10.32
N VAL B 215 30.57 -10.08 -10.06
CA VAL B 215 30.32 -9.59 -8.72
C VAL B 215 28.83 -9.69 -8.47
N ASP B 216 28.44 -10.57 -7.54
CA ASP B 216 27.04 -10.85 -7.26
C ASP B 216 26.84 -10.86 -5.76
N SER B 217 26.34 -9.77 -5.20
CA SER B 217 26.05 -8.57 -5.99
C SER B 217 27.01 -7.45 -5.60
N ILE B 218 27.11 -6.43 -6.45
CA ILE B 218 28.07 -5.37 -6.21
C ILE B 218 27.77 -4.62 -4.92
N MET B 219 26.51 -4.26 -4.73
CA MET B 219 26.12 -3.34 -3.66
C MET B 219 25.57 -4.05 -2.43
N ALA B 220 25.64 -5.38 -2.37
CA ALA B 220 25.08 -6.09 -1.22
C ALA B 220 25.77 -5.68 0.07
N ASN B 221 27.12 -5.75 0.10
CA ASN B 221 27.83 -5.43 1.32
C ASN B 221 27.81 -3.94 1.61
N PHE B 222 28.00 -3.11 0.59
CA PHE B 222 28.05 -1.66 0.81
C PHE B 222 26.75 -1.17 1.42
N ARG B 223 25.64 -1.84 1.13
CA ARG B 223 24.36 -1.43 1.70
C ARG B 223 24.36 -1.54 3.22
N VAL B 224 25.01 -2.58 3.75
CA VAL B 224 24.92 -2.87 5.18
C VAL B 224 25.98 -2.12 5.96
N ASP B 225 27.22 -2.12 5.46
CA ASP B 225 28.32 -1.54 6.24
C ASP B 225 28.10 -0.05 6.50
N TYR B 226 27.63 0.69 5.51
CA TYR B 226 27.41 2.12 5.62
C TYR B 226 25.91 2.37 5.64
N CYS B 227 25.41 2.83 6.78
CA CYS B 227 23.98 3.03 6.97
C CYS B 227 23.70 4.48 7.35
N GLY B 228 22.69 5.07 6.73
CA GLY B 228 22.24 6.40 7.07
C GLY B 228 22.85 7.49 6.21
N ARG B 229 22.21 8.67 6.27
CA ARG B 229 22.70 9.81 5.53
C ARG B 229 24.12 10.16 5.94
N GLY B 230 24.47 9.96 7.20
CA GLY B 230 25.80 10.32 7.66
C GLY B 230 26.89 9.56 6.93
N GLU B 231 26.69 8.28 6.70
CA GLU B 231 27.68 7.45 6.04
C GLU B 231 27.45 7.32 4.54
N LEU B 232 26.42 7.98 4.00
CA LEU B 232 26.17 7.87 2.56
C LEU B 232 27.34 8.39 1.75
N SER B 233 27.90 9.53 2.14
CA SER B 233 29.00 10.10 1.38
C SER B 233 30.20 9.16 1.33
N GLU B 234 30.55 8.55 2.46
CA GLU B 234 31.66 7.62 2.48
C GLU B 234 31.35 6.37 1.67
N ARG B 235 30.11 5.88 1.75
CA ARG B 235 29.74 4.67 1.03
C ARG B 235 30.00 4.82 -0.47
N GLN B 236 29.48 5.90 -1.05
CA GLN B 236 29.64 6.10 -2.49
C GLN B 236 31.10 6.29 -2.86
N GLN B 237 31.85 7.04 -2.06
CA GLN B 237 33.26 7.24 -2.36
C GLN B 237 34.01 5.93 -2.39
N LYS B 238 33.75 5.06 -1.40
CA LYS B 238 34.36 3.73 -1.43
C LYS B 238 33.86 2.93 -2.61
N LEU B 239 32.55 2.98 -2.88
CA LEU B 239 32.01 2.26 -4.02
C LEU B 239 32.60 2.77 -5.32
N ASN B 240 32.73 4.09 -5.46
CA ASN B 240 33.27 4.65 -6.69
C ASN B 240 34.70 4.17 -6.94
N GLN B 241 35.52 4.15 -5.89
CA GLN B 241 36.87 3.63 -6.03
C GLN B 241 36.84 2.14 -6.36
N HIS B 242 35.92 1.40 -5.75
CA HIS B 242 35.77 0.00 -6.07
C HIS B 242 35.42 -0.20 -7.53
N LEU B 243 34.41 0.50 -8.02
CA LEU B 243 34.02 0.37 -9.43
C LEU B 243 35.16 0.81 -10.34
N PHE B 244 35.83 1.90 -10.00
CA PHE B 244 36.92 2.38 -10.85
C PHE B 244 37.99 1.33 -11.03
N LYS B 245 38.36 0.63 -9.95
CA LYS B 245 39.36 -0.42 -10.06
C LYS B 245 38.86 -1.56 -10.95
N LEU B 246 37.59 -1.93 -10.80
CA LEU B 246 37.03 -2.97 -11.66
C LEU B 246 37.12 -2.57 -13.13
N ASN B 247 36.69 -1.34 -13.44
CA ASN B 247 36.80 -0.86 -14.80
C ASN B 247 38.25 -0.86 -15.27
N ARG B 248 39.18 -0.49 -14.39
CA ARG B 248 40.59 -0.52 -14.75
C ARG B 248 41.05 -1.93 -15.06
N LEU B 249 40.60 -2.91 -14.28
CA LEU B 249 40.99 -4.30 -14.52
C LEU B 249 40.47 -4.79 -15.86
N ALA B 250 39.22 -4.47 -16.19
CA ALA B 250 38.63 -4.96 -17.43
C ALA B 250 39.40 -4.46 -18.64
N GLU B 251 39.78 -3.18 -18.65
CA GLU B 251 40.52 -2.63 -19.78
C GLU B 251 41.92 -3.21 -19.86
N GLU B 252 42.61 -3.31 -18.71
CA GLU B 252 43.99 -3.78 -18.72
C GLU B 252 44.09 -5.22 -19.21
N PHE B 253 43.24 -6.10 -18.68
CA PHE B 253 43.33 -7.53 -18.96
C PHE B 253 42.28 -8.01 -19.96
N ASN B 254 41.53 -7.10 -20.56
CA ASN B 254 40.56 -7.46 -21.59
C ASN B 254 39.59 -8.52 -21.08
N VAL B 255 39.12 -8.36 -19.85
CA VAL B 255 38.13 -9.25 -19.28
C VAL B 255 36.84 -8.47 -19.09
N ALA B 256 35.72 -9.19 -19.08
CA ALA B 256 34.40 -8.60 -18.92
C ALA B 256 33.99 -8.63 -17.45
N VAL B 257 33.49 -7.50 -16.96
CA VAL B 257 33.04 -7.37 -15.59
C VAL B 257 31.52 -7.38 -15.60
N PHE B 258 30.92 -8.38 -14.98
CA PHE B 258 29.49 -8.54 -14.92
C PHE B 258 29.02 -8.34 -13.50
N LEU B 259 28.11 -7.39 -13.30
CA LEU B 259 27.64 -7.01 -11.97
C LEU B 259 26.13 -7.20 -11.88
N THR B 260 25.69 -7.74 -10.75
CA THR B 260 24.28 -7.88 -10.45
C THR B 260 23.92 -6.90 -9.35
N ASN B 261 22.74 -6.31 -9.43
CA ASN B 261 22.34 -5.27 -8.49
C ASN B 261 20.91 -5.51 -8.03
N GLN B 262 20.60 -5.01 -6.84
CA GLN B 262 19.26 -5.08 -6.28
C GLN B 262 18.43 -3.90 -6.76
N VAL B 263 17.18 -3.85 -6.31
CA VAL B 263 16.29 -2.75 -6.63
C VAL B 263 15.60 -2.29 -5.35
N GLN B 264 14.96 -1.14 -5.42
CA GLN B 264 14.25 -0.57 -4.28
C GLN B 264 12.98 0.10 -4.75
N SER B 265 12.02 0.22 -3.83
CA SER B 265 10.76 0.89 -4.11
C SER B 265 10.89 2.38 -3.83
N ASP B 266 10.34 3.19 -4.71
CA ASP B 266 10.42 4.63 -4.56
C ASP B 266 9.08 5.18 -4.11
N PRO B 267 8.80 5.27 -2.82
CA PRO B 267 7.51 5.83 -2.39
C PRO B 267 7.31 7.26 -2.84
N GLY B 268 8.39 8.01 -3.05
CA GLY B 268 8.25 9.39 -3.47
C GLY B 268 7.48 9.54 -4.76
N ALA B 269 7.76 8.66 -5.72
CA ALA B 269 7.08 8.71 -7.01
C ALA B 269 5.96 7.68 -7.09
N GLY B 278 9.41 -1.18 -14.67
CA GLY B 278 10.76 -0.78 -14.35
C GLY B 278 10.95 -0.48 -12.87
N ARG B 279 12.04 -0.98 -12.30
CA ARG B 279 12.34 -0.82 -10.89
C ARG B 279 13.59 0.01 -10.70
N LYS B 280 13.58 0.84 -9.67
CA LYS B 280 14.72 1.71 -9.39
C LYS B 280 15.87 0.90 -8.79
N PRO B 281 17.06 0.94 -9.39
CA PRO B 281 18.19 0.22 -8.81
C PRO B 281 18.78 0.98 -7.63
N ILE B 282 19.66 0.29 -6.91
CA ILE B 282 20.36 0.88 -5.79
C ILE B 282 21.79 1.20 -6.23
N GLY B 283 22.50 1.94 -5.40
CA GLY B 283 23.85 2.37 -5.73
C GLY B 283 23.97 3.80 -6.14
N GLY B 284 22.87 4.47 -6.46
CA GLY B 284 22.94 5.87 -6.78
C GLY B 284 23.60 6.15 -8.12
N HIS B 285 23.94 7.43 -8.30
CA HIS B 285 24.49 7.86 -9.58
C HIS B 285 25.91 7.33 -9.80
N VAL B 286 26.62 7.05 -8.71
CA VAL B 286 27.99 6.55 -8.86
C VAL B 286 27.99 5.24 -9.62
N LEU B 287 27.05 4.34 -9.30
CA LEU B 287 26.97 3.07 -10.02
C LEU B 287 26.49 3.26 -11.45
N ALA B 288 25.49 4.11 -11.65
CA ALA B 288 24.93 4.30 -12.98
C ALA B 288 25.98 4.85 -13.94
N HIS B 289 26.75 5.84 -13.50
CA HIS B 289 27.80 6.39 -14.35
C HIS B 289 28.87 5.36 -14.65
N ALA B 290 29.29 4.60 -13.63
CA ALA B 290 30.38 3.66 -13.80
C ALA B 290 30.01 2.56 -14.78
N SER B 291 28.78 2.07 -14.72
CA SER B 291 28.35 0.96 -15.55
C SER B 291 28.20 1.43 -17.00
N ALA B 292 28.88 0.75 -17.92
CA ALA B 292 28.71 1.06 -19.33
C ALA B 292 27.39 0.52 -19.86
N THR B 293 27.03 -0.69 -19.47
CA THR B 293 25.80 -1.34 -19.92
C THR B 293 24.95 -1.70 -18.71
N ARG B 294 23.67 -1.37 -18.77
CA ARG B 294 22.73 -1.69 -17.70
C ARG B 294 21.50 -2.35 -18.30
N ILE B 295 21.17 -3.53 -17.80
CA ILE B 295 19.99 -4.27 -18.25
C ILE B 295 19.05 -4.42 -17.08
N LEU B 296 17.78 -4.11 -17.29
CA LEU B 296 16.75 -4.27 -16.28
C LEU B 296 15.98 -5.55 -16.52
N LEU B 297 16.11 -6.50 -15.60
CA LEU B 297 15.41 -7.77 -15.67
C LEU B 297 14.10 -7.67 -14.91
N ARG B 298 13.00 -8.03 -15.54
CA ARG B 298 11.68 -7.89 -14.96
C ARG B 298 10.90 -9.18 -15.14
N LYS B 299 10.04 -9.47 -14.16
CA LYS B 299 9.25 -10.69 -14.21
C LYS B 299 8.17 -10.58 -15.28
N GLY B 300 7.93 -11.70 -15.97
CA GLY B 300 6.89 -11.75 -16.97
C GLY B 300 5.89 -12.83 -16.64
N ARG B 301 4.87 -12.93 -17.48
CA ARG B 301 3.84 -13.95 -17.30
C ARG B 301 4.47 -15.33 -17.24
N GLY B 302 4.06 -16.13 -16.27
CA GLY B 302 4.61 -17.47 -16.12
C GLY B 302 6.10 -17.47 -15.95
N ASP B 303 6.80 -18.28 -16.74
CA ASP B 303 8.24 -18.43 -16.64
C ASP B 303 9.01 -17.37 -17.43
N GLU B 304 8.31 -16.53 -18.19
CA GLU B 304 9.00 -15.55 -19.03
C GLU B 304 9.53 -14.39 -18.20
N ARG B 305 10.73 -13.94 -18.57
CA ARG B 305 11.33 -12.76 -18.00
C ARG B 305 11.55 -11.75 -19.12
N VAL B 306 11.54 -10.47 -18.77
CA VAL B 306 11.70 -9.38 -19.73
C VAL B 306 12.99 -8.63 -19.39
N ALA B 307 13.89 -8.56 -20.35
CA ALA B 307 15.15 -7.84 -20.20
C ALA B 307 15.14 -6.60 -21.07
N LYS B 308 15.37 -5.43 -20.46
CA LYS B 308 15.36 -4.16 -21.17
C LYS B 308 16.72 -3.51 -21.01
N LEU B 309 17.27 -3.01 -22.11
CA LEU B 309 18.61 -2.43 -22.12
C LEU B 309 18.51 -0.95 -21.75
N GLN B 310 18.64 -0.66 -20.47
CA GLN B 310 18.45 0.72 -20.00
C GLN B 310 19.55 1.64 -20.53
N ASP B 311 20.80 1.21 -20.47
CA ASP B 311 21.93 2.05 -20.83
C ASP B 311 23.01 1.21 -21.47
N SER B 312 23.40 1.58 -22.70
CA SER B 312 24.49 0.94 -23.39
C SER B 312 25.28 2.02 -24.12
N PRO B 313 26.57 1.82 -24.37
CA PRO B 313 27.33 2.83 -25.11
C PRO B 313 27.17 2.72 -26.61
N ASP B 314 26.81 1.55 -27.13
CA ASP B 314 26.84 1.29 -28.55
C ASP B 314 25.57 0.64 -29.10
N MET B 315 24.56 0.40 -28.28
CA MET B 315 23.35 -0.25 -28.76
C MET B 315 22.13 0.54 -28.31
N PRO B 316 21.06 0.51 -29.10
CA PRO B 316 19.86 1.26 -28.73
C PRO B 316 19.00 0.49 -27.73
N GLU B 317 18.06 1.21 -27.13
CA GLU B 317 17.15 0.60 -26.18
C GLU B 317 16.29 -0.45 -26.87
N LYS B 318 16.12 -1.59 -26.20
CA LYS B 318 15.29 -2.67 -26.72
C LYS B 318 14.82 -3.53 -25.56
N GLU B 319 13.91 -4.45 -25.86
CA GLU B 319 13.42 -5.42 -24.90
C GLU B 319 13.40 -6.80 -25.53
N CYS B 320 13.77 -7.81 -24.75
CA CYS B 320 13.72 -9.20 -25.19
C CYS B 320 13.13 -10.04 -24.09
N VAL B 321 12.62 -11.21 -24.45
CA VAL B 321 12.00 -12.15 -23.53
C VAL B 321 12.89 -13.38 -23.44
N TYR B 322 13.26 -13.75 -22.23
CA TYR B 322 14.09 -14.92 -21.99
C TYR B 322 13.48 -15.77 -20.89
N VAL B 323 13.94 -17.02 -20.80
CA VAL B 323 13.41 -17.99 -19.85
C VAL B 323 14.58 -18.61 -19.10
N ILE B 324 14.31 -19.03 -17.87
CA ILE B 324 15.29 -19.67 -17.02
C ILE B 324 15.00 -21.17 -17.03
N GLY B 325 15.88 -21.94 -17.67
CA GLY B 325 15.70 -23.36 -17.82
C GLY B 325 16.86 -24.16 -17.28
N GLU B 326 16.87 -25.45 -17.64
CA GLU B 326 17.93 -26.34 -17.19
C GLU B 326 19.28 -25.86 -17.68
N LYS B 327 19.35 -25.40 -18.93
CA LYS B 327 20.59 -24.89 -19.50
C LYS B 327 20.91 -23.47 -19.06
N GLY B 328 20.23 -22.97 -18.03
CA GLY B 328 20.48 -21.61 -17.57
C GLY B 328 19.53 -20.65 -18.24
N ILE B 329 20.03 -19.46 -18.57
CA ILE B 329 19.25 -18.49 -19.32
C ILE B 329 19.15 -18.95 -20.76
N THR B 330 17.93 -18.99 -21.29
CA THR B 330 17.70 -19.43 -22.66
C THR B 330 16.48 -18.72 -23.23
N ASP B 331 16.37 -18.76 -24.55
CA ASP B 331 15.24 -18.15 -25.23
C ASP B 331 13.95 -18.87 -24.88
N SER B 332 12.84 -18.13 -24.95
CA SER B 332 11.55 -18.68 -24.54
C SER B 332 11.25 -19.98 -25.27
N SER B 333 11.34 -19.97 -26.60
CA SER B 333 11.18 -21.21 -27.35
C SER B 333 12.35 -22.16 -27.09
N ASP B 334 13.55 -21.61 -26.95
CA ASP B 334 14.74 -22.41 -26.70
C ASP B 334 14.66 -23.10 -25.34
N ILE C 16 34.47 -24.99 13.49
CA ILE C 16 34.29 -23.91 14.46
C ILE C 16 35.57 -23.68 15.26
N LEU C 17 36.16 -22.51 15.09
CA LEU C 17 37.35 -22.11 15.84
C LEU C 17 37.00 -20.94 16.74
N SER C 18 37.23 -21.10 18.04
CA SER C 18 36.90 -20.04 18.98
C SER C 18 37.94 -18.93 18.92
N VAL C 19 37.50 -17.72 19.28
CA VAL C 19 38.39 -16.58 19.28
C VAL C 19 39.59 -16.81 20.20
N ASP C 20 39.47 -17.72 21.15
CA ASP C 20 40.59 -18.02 22.03
C ASP C 20 41.80 -18.48 21.24
N GLU C 21 41.57 -19.06 20.06
CA GLU C 21 42.69 -19.47 19.22
C GLU C 21 43.61 -18.30 18.91
N LEU C 22 43.06 -17.08 18.90
CA LEU C 22 43.89 -15.91 18.64
C LEU C 22 44.91 -15.69 19.75
N GLN C 23 44.62 -16.20 20.95
CA GLN C 23 45.45 -15.89 22.10
C GLN C 23 46.90 -16.33 21.89
N ASN C 24 47.10 -17.55 21.40
CA ASN C 24 48.47 -18.05 21.25
C ASN C 24 49.22 -17.28 20.17
N TYR C 25 48.49 -16.79 19.15
CA TYR C 25 49.17 -16.06 18.08
C TYR C 25 49.74 -14.74 18.55
N GLY C 26 49.29 -14.24 19.70
CA GLY C 26 49.89 -13.03 20.24
C GLY C 26 48.91 -11.99 20.75
N ILE C 27 47.63 -12.31 20.78
CA ILE C 27 46.61 -11.40 21.29
C ILE C 27 46.41 -11.69 22.77
N ASN C 28 46.42 -10.63 23.58
CA ASN C 28 46.25 -10.80 25.01
C ASN C 28 44.83 -11.24 25.35
N ALA C 29 44.68 -11.92 26.49
CA ALA C 29 43.37 -12.40 26.89
C ALA C 29 42.42 -11.24 27.20
N SER C 30 42.97 -10.09 27.59
CA SER C 30 42.13 -8.95 27.93
C SER C 30 41.31 -8.51 26.72
N ASP C 31 41.93 -8.45 25.55
CA ASP C 31 41.18 -8.09 24.34
C ASP C 31 40.14 -9.14 24.01
N LEU C 32 40.48 -10.43 24.20
CA LEU C 32 39.56 -11.50 23.83
C LEU C 32 38.20 -11.31 24.50
N GLN C 33 38.18 -11.00 25.79
CA GLN C 33 36.91 -10.78 26.47
C GLN C 33 36.15 -9.63 25.84
N LYS C 34 36.87 -8.58 25.42
CA LYS C 34 36.21 -7.50 24.70
C LYS C 34 35.58 -8.01 23.42
N LEU C 35 36.30 -8.86 22.68
CA LEU C 35 35.71 -9.48 21.49
C LEU C 35 34.49 -10.31 21.86
N LYS C 36 34.64 -11.19 22.86
CA LYS C 36 33.50 -11.98 23.31
C LYS C 36 32.40 -11.07 23.85
N SER C 37 32.78 -9.93 24.43
CA SER C 37 31.79 -8.96 24.86
C SER C 37 31.00 -8.40 23.68
N GLY C 38 31.68 -8.19 22.56
CA GLY C 38 31.04 -7.62 21.38
C GLY C 38 30.34 -8.66 20.53
N GLY C 39 30.23 -9.88 21.04
CA GLY C 39 29.56 -10.93 20.30
C GLY C 39 30.40 -11.62 19.26
N ILE C 40 31.72 -11.61 19.43
CA ILE C 40 32.62 -12.27 18.48
C ILE C 40 33.31 -13.44 19.15
N TYR C 41 32.72 -14.63 19.03
CA TYR C 41 33.22 -15.81 19.71
C TYR C 41 33.92 -16.80 18.78
N THR C 42 34.01 -16.49 17.49
CA THR C 42 34.61 -17.39 16.52
C THR C 42 35.58 -16.63 15.63
N VAL C 43 36.61 -17.35 15.16
CA VAL C 43 37.60 -16.73 14.28
C VAL C 43 36.95 -16.22 13.02
N ASN C 44 36.08 -17.02 12.41
CA ASN C 44 35.40 -16.59 11.20
C ASN C 44 34.65 -15.28 11.41
N THR C 45 33.97 -15.15 12.54
CA THR C 45 33.28 -13.90 12.84
C THR C 45 34.27 -12.74 12.89
N VAL C 46 35.51 -13.02 13.27
CA VAL C 46 36.53 -11.97 13.25
C VAL C 46 36.78 -11.48 11.83
N LEU C 47 36.98 -12.42 10.90
CA LEU C 47 37.19 -12.04 9.51
C LEU C 47 35.96 -11.36 8.93
N SER C 48 34.78 -11.89 9.25
CA SER C 48 33.55 -11.33 8.69
C SER C 48 33.35 -9.88 9.12
N THR C 49 33.63 -9.57 10.38
CA THR C 49 33.37 -8.23 10.88
C THR C 49 34.32 -7.22 10.24
N THR C 50 33.78 -6.06 9.89
CA THR C 50 34.60 -5.01 9.30
C THR C 50 35.47 -4.34 10.35
N ARG C 51 36.57 -3.74 9.90
CA ARG C 51 37.44 -3.02 10.83
C ARG C 51 36.71 -1.84 11.45
N ARG C 52 35.89 -1.14 10.67
CA ARG C 52 35.12 -0.04 11.23
C ARG C 52 34.21 -0.51 12.36
N HIS C 53 33.64 -1.71 12.24
CA HIS C 53 32.77 -2.23 13.28
C HIS C 53 33.57 -2.70 14.49
N LEU C 54 34.71 -3.35 14.26
CA LEU C 54 35.53 -3.80 15.37
C LEU C 54 36.01 -2.62 16.21
N CYS C 55 36.38 -1.52 15.55
CA CYS C 55 36.84 -0.35 16.29
C CYS C 55 35.80 0.13 17.29
N LYS C 56 34.52 0.00 16.94
CA LYS C 56 33.46 0.43 17.85
C LYS C 56 33.46 -0.41 19.12
N ILE C 57 34.05 -1.61 19.07
CA ILE C 57 34.12 -2.45 20.26
C ILE C 57 34.90 -1.73 21.34
N LYS C 58 34.35 -1.73 22.55
CA LYS C 58 34.98 -1.02 23.66
C LYS C 58 36.32 -1.65 24.01
N GLY C 59 37.27 -0.78 24.37
CA GLY C 59 38.59 -1.24 24.75
C GLY C 59 39.42 -1.75 23.58
N LEU C 60 38.98 -1.47 22.37
CA LEU C 60 39.68 -1.89 21.16
C LEU C 60 40.10 -0.66 20.37
N SER C 61 41.40 -0.54 20.11
CA SER C 61 41.91 0.56 19.31
C SER C 61 42.20 0.07 17.88
N GLU C 62 42.32 1.04 16.97
CA GLU C 62 42.62 0.71 15.58
C GLU C 62 43.88 -0.13 15.48
N VAL C 63 44.87 0.15 16.33
CA VAL C 63 46.07 -0.68 16.36
C VAL C 63 45.71 -2.11 16.78
N LYS C 64 44.92 -2.24 17.85
CA LYS C 64 44.50 -3.57 18.28
C LYS C 64 43.64 -4.25 17.22
N VAL C 65 42.69 -3.52 16.65
CA VAL C 65 41.81 -4.11 15.65
C VAL C 65 42.61 -4.64 14.47
N GLU C 66 43.54 -3.83 13.97
CA GLU C 66 44.40 -4.29 12.87
C GLU C 66 45.22 -5.49 13.30
N LYS C 67 45.73 -5.46 14.54
CA LYS C 67 46.50 -6.59 15.04
C LYS C 67 45.65 -7.86 15.07
N ILE C 68 44.42 -7.73 15.57
CA ILE C 68 43.53 -8.89 15.64
C ILE C 68 43.23 -9.42 14.25
N LYS C 69 42.89 -8.52 13.31
CA LYS C 69 42.56 -8.96 11.96
C LYS C 69 43.74 -9.66 11.31
N GLU C 70 44.95 -9.12 11.49
CA GLU C 70 46.14 -9.78 10.95
C GLU C 70 46.32 -11.16 11.57
N ALA C 71 46.10 -11.28 12.87
CA ALA C 71 46.23 -12.58 13.53
C ALA C 71 45.19 -13.56 13.00
N ALA C 72 43.96 -13.10 12.82
CA ALA C 72 42.90 -14.00 12.34
C ALA C 72 43.23 -14.57 10.97
N GLY C 73 43.75 -13.73 10.06
CA GLY C 73 44.12 -14.22 8.76
C GLY C 73 45.21 -15.28 8.83
N LYS C 74 46.08 -15.16 9.83
CA LYS C 74 47.14 -16.15 10.02
C LYS C 74 46.61 -17.54 10.30
N ILE C 75 45.39 -17.65 10.83
CA ILE C 75 44.78 -18.93 11.18
C ILE C 75 43.97 -19.47 10.01
N ILE C 76 43.07 -18.66 9.47
CA ILE C 76 42.22 -19.04 8.34
C ILE C 76 42.53 -18.09 7.18
N GLN C 77 42.73 -18.66 6.00
CA GLN C 77 43.00 -17.89 4.79
C GLN C 77 41.73 -17.84 3.95
N VAL C 78 41.37 -16.64 3.50
CA VAL C 78 40.21 -16.43 2.67
C VAL C 78 40.66 -15.78 1.37
N GLY C 79 40.30 -16.41 0.26
CA GLY C 79 40.69 -15.91 -1.05
C GLY C 79 40.02 -16.72 -2.13
N PHE C 80 40.42 -16.46 -3.37
CA PHE C 80 39.87 -17.20 -4.49
C PHE C 80 40.30 -18.65 -4.44
N ILE C 81 39.35 -19.55 -4.68
CA ILE C 81 39.63 -20.99 -4.71
C ILE C 81 38.85 -21.62 -5.85
N PRO C 82 39.39 -22.72 -6.38
CA PRO C 82 38.71 -23.38 -7.51
C PRO C 82 37.31 -23.81 -7.11
N ALA C 83 36.38 -23.66 -8.05
CA ALA C 83 35.00 -24.04 -7.79
C ALA C 83 34.90 -25.51 -7.40
N THR C 84 35.85 -26.32 -7.86
CA THR C 84 35.86 -27.72 -7.46
C THR C 84 36.03 -27.86 -5.95
N VAL C 85 36.94 -27.07 -5.37
CA VAL C 85 37.11 -27.07 -3.92
C VAL C 85 35.84 -26.59 -3.24
N GLN C 86 35.23 -25.53 -3.76
CA GLN C 86 34.00 -25.02 -3.17
C GLN C 86 32.89 -26.06 -3.24
N LEU C 87 32.98 -26.99 -4.19
CA LEU C 87 31.99 -28.05 -4.26
C LEU C 87 32.12 -29.01 -3.09
N ASP C 88 33.35 -29.37 -2.72
CA ASP C 88 33.55 -30.23 -1.57
C ASP C 88 33.07 -29.57 -0.29
N ILE C 89 33.39 -28.28 -0.11
CA ILE C 89 32.87 -27.55 1.04
C ILE C 89 31.35 -27.56 1.02
N ARG C 90 30.76 -27.47 -0.16
CA ARG C 90 29.30 -27.50 -0.27
C ARG C 90 28.73 -28.84 0.20
N GLN C 91 29.58 -29.87 0.30
CA GLN C 91 29.10 -31.18 0.74
C GLN C 91 28.62 -31.17 2.18
N ARG C 92 29.11 -30.22 2.98
CA ARG C 92 28.72 -30.17 4.38
C ARG C 92 27.26 -29.77 4.58
N VAL C 93 26.60 -29.24 3.55
CA VAL C 93 25.27 -28.71 3.71
C VAL C 93 24.29 -29.82 4.07
N TYR C 94 23.38 -29.53 4.99
CA TYR C 94 22.31 -30.44 5.36
C TYR C 94 21.02 -30.04 4.67
N SER C 95 20.17 -31.03 4.42
CA SER C 95 18.82 -30.80 3.94
C SER C 95 17.85 -31.31 4.99
N LEU C 96 17.10 -30.40 5.60
CA LEU C 96 16.22 -30.72 6.72
C LEU C 96 14.82 -31.00 6.19
N SER C 97 14.32 -32.20 6.46
CA SER C 97 13.01 -32.57 5.96
C SER C 97 11.93 -31.69 6.58
N THR C 98 11.01 -31.22 5.75
CA THR C 98 9.87 -30.45 6.21
C THR C 98 8.69 -31.32 6.62
N GLY C 99 8.84 -32.63 6.56
CA GLY C 99 7.79 -33.55 6.92
C GLY C 99 6.92 -33.99 5.75
N SER C 100 6.95 -33.24 4.66
CA SER C 100 6.20 -33.57 3.45
C SER C 100 7.17 -33.98 2.36
N LYS C 101 7.09 -35.23 1.92
CA LYS C 101 8.00 -35.71 0.90
C LYS C 101 7.82 -34.94 -0.40
N GLN C 102 6.57 -34.65 -0.77
CA GLN C 102 6.33 -33.86 -1.98
C GLN C 102 6.97 -32.48 -1.87
N LEU C 103 6.82 -31.82 -0.72
CA LEU C 103 7.46 -30.53 -0.53
C LEU C 103 8.98 -30.66 -0.53
N ASP C 104 9.50 -31.74 0.06
CA ASP C 104 10.94 -31.95 0.07
C ASP C 104 11.47 -32.12 -1.35
N SER C 105 10.73 -32.82 -2.20
CA SER C 105 11.21 -33.08 -3.55
C SER C 105 11.43 -31.79 -4.32
N ILE C 106 10.46 -30.86 -4.26
CA ILE C 106 10.60 -29.62 -5.00
C ILE C 106 11.73 -28.78 -4.43
N LEU C 107 11.92 -28.83 -3.11
CA LEU C 107 12.99 -28.08 -2.48
C LEU C 107 14.35 -28.74 -2.67
N GLY C 108 14.40 -29.94 -3.24
CA GLY C 108 15.66 -30.62 -3.43
C GLY C 108 16.14 -31.43 -2.26
N GLY C 109 15.30 -31.64 -1.26
CA GLY C 109 15.69 -32.40 -0.09
C GLY C 109 15.15 -31.83 1.20
N GLY C 110 14.62 -30.61 1.12
CA GLY C 110 14.08 -29.91 2.26
C GLY C 110 14.78 -28.59 2.45
N ILE C 111 14.65 -28.03 3.64
CA ILE C 111 15.34 -26.79 3.97
C ILE C 111 16.83 -27.04 3.97
N MET C 112 17.59 -26.16 3.34
CA MET C 112 19.02 -26.33 3.15
C MET C 112 19.77 -25.41 4.11
N THR C 113 20.78 -25.96 4.78
CA THR C 113 21.60 -25.16 5.68
C THR C 113 22.49 -24.22 4.87
N MET C 114 23.10 -23.26 5.55
CA MET C 114 23.97 -22.24 4.98
C MET C 114 23.18 -21.29 4.10
N SER C 115 21.86 -21.23 4.25
CA SER C 115 21.04 -20.34 3.43
C SER C 115 19.79 -19.96 4.21
N ILE C 116 19.16 -18.88 3.78
CA ILE C 116 17.94 -18.39 4.40
C ILE C 116 16.74 -18.88 3.59
N THR C 117 15.80 -19.51 4.26
CA THR C 117 14.57 -20.00 3.64
C THR C 117 13.39 -19.27 4.27
N GLU C 118 12.44 -18.85 3.44
CA GLU C 118 11.31 -18.05 3.89
C GLU C 118 10.03 -18.63 3.33
N VAL C 119 8.98 -18.66 4.16
CA VAL C 119 7.65 -19.10 3.75
C VAL C 119 6.66 -18.02 4.15
N PHE C 120 5.78 -17.66 3.23
CA PHE C 120 4.77 -16.65 3.48
C PHE C 120 3.43 -17.10 2.96
N GLY C 121 2.36 -16.55 3.53
CA GLY C 121 1.02 -16.89 3.10
C GLY C 121 0.01 -16.45 4.13
N GLU C 122 -1.26 -16.62 3.77
CA GLU C 122 -2.35 -16.25 4.66
C GLU C 122 -2.26 -17.02 5.98
N PHE C 123 -3.11 -16.64 6.91
CA PHE C 123 -3.22 -17.38 8.16
C PHE C 123 -3.61 -18.82 7.88
N ARG C 124 -3.49 -19.66 8.90
CA ARG C 124 -3.83 -21.08 8.88
C ARG C 124 -3.20 -21.81 7.71
N CYS C 125 -2.14 -21.26 7.12
CA CYS C 125 -1.50 -21.88 5.97
C CYS C 125 -0.38 -22.84 6.36
N GLY C 126 -0.07 -22.95 7.65
CA GLY C 126 0.92 -23.89 8.10
C GLY C 126 2.29 -23.32 8.36
N LYS C 127 2.45 -22.00 8.34
CA LYS C 127 3.77 -21.42 8.57
C LYS C 127 4.29 -21.80 9.95
N THR C 128 3.48 -21.56 11.00
CA THR C 128 3.91 -21.93 12.34
C THR C 128 3.97 -23.45 12.50
N GLN C 129 3.03 -24.17 11.89
CA GLN C 129 3.06 -25.63 11.96
C GLN C 129 4.32 -26.18 11.32
N MET C 130 4.73 -25.62 10.18
CA MET C 130 5.95 -26.09 9.55
C MET C 130 7.16 -25.84 10.43
N SER C 131 7.19 -24.69 11.13
CA SER C 131 8.29 -24.40 12.02
C SER C 131 8.39 -25.44 13.14
N HIS C 132 7.24 -25.83 13.70
CA HIS C 132 7.25 -26.85 14.75
C HIS C 132 7.70 -28.19 14.19
N THR C 133 7.28 -28.53 12.98
CA THR C 133 7.75 -29.77 12.37
C THR C 133 9.26 -29.77 12.20
N LEU C 134 9.81 -28.66 11.74
CA LEU C 134 11.26 -28.58 11.57
C LEU C 134 11.98 -28.73 12.90
N CYS C 135 11.32 -28.37 14.00
CA CYS C 135 11.94 -28.50 15.31
C CYS C 135 12.19 -29.97 15.64
N VAL C 136 11.34 -30.86 15.14
CA VAL C 136 11.49 -32.28 15.41
C VAL C 136 12.40 -32.93 14.37
N THR C 137 12.05 -32.78 13.09
CA THR C 137 12.83 -33.43 12.04
C THR C 137 14.29 -33.03 12.10
N THR C 138 14.57 -31.79 12.49
CA THR C 138 15.95 -31.35 12.59
C THR C 138 16.75 -32.23 13.53
N GLN C 139 16.09 -32.85 14.52
CA GLN C 139 16.77 -33.73 15.45
C GLN C 139 16.90 -35.15 14.91
N LEU C 140 16.22 -35.48 13.82
CA LEU C 140 16.36 -36.79 13.22
C LEU C 140 17.78 -36.96 12.69
N PRO C 141 18.34 -38.17 12.78
CA PRO C 141 19.69 -38.39 12.27
C PRO C 141 19.72 -38.20 10.76
N ARG C 142 20.88 -37.77 10.26
CA ARG C 142 21.06 -37.66 8.82
C ARG C 142 20.69 -38.99 8.16
N GLU C 143 20.30 -38.91 6.89
CA GLU C 143 19.76 -39.99 6.07
C GLU C 143 18.28 -40.21 6.34
N MET C 144 17.69 -39.46 7.29
CA MET C 144 16.25 -39.52 7.54
C MET C 144 15.59 -38.16 7.37
N GLY C 145 16.25 -37.22 6.71
CA GLY C 145 15.73 -35.89 6.52
C GLY C 145 16.13 -34.89 7.57
N GLY C 146 16.81 -35.32 8.62
CA GLY C 146 17.19 -34.41 9.68
C GLY C 146 18.70 -34.23 9.80
N GLY C 147 19.09 -33.20 10.54
CA GLY C 147 20.48 -32.88 10.76
C GLY C 147 21.07 -33.38 12.04
N GLU C 148 20.26 -33.91 12.96
CA GLU C 148 20.75 -34.41 14.23
C GLU C 148 21.46 -33.32 15.03
N GLY C 149 20.72 -32.26 15.35
CA GLY C 149 21.30 -31.16 16.11
C GLY C 149 20.22 -30.35 16.79
N LYS C 150 20.66 -29.45 17.66
CA LYS C 150 19.73 -28.60 18.40
C LYS C 150 19.07 -27.58 17.48
N VAL C 151 18.04 -26.93 17.99
CA VAL C 151 17.27 -25.94 17.25
C VAL C 151 17.11 -24.70 18.11
N ALA C 152 17.26 -23.53 17.51
CA ALA C 152 17.04 -22.27 18.18
C ALA C 152 15.77 -21.64 17.62
N TYR C 153 14.79 -21.40 18.48
CA TYR C 153 13.50 -20.88 18.07
C TYR C 153 13.34 -19.46 18.60
N ILE C 154 13.06 -18.52 17.71
CA ILE C 154 12.79 -17.14 18.08
C ILE C 154 11.34 -16.84 17.75
N ASP C 155 10.55 -16.49 18.75
CA ASP C 155 9.12 -16.29 18.62
C ASP C 155 8.80 -14.80 18.67
N THR C 156 8.15 -14.31 17.61
CA THR C 156 7.65 -12.94 17.59
C THR C 156 6.13 -12.88 17.50
N GLU C 157 5.48 -13.93 17.00
CA GLU C 157 4.02 -13.98 17.03
C GLU C 157 3.52 -14.37 18.42
N GLY C 158 4.28 -15.18 19.13
CA GLY C 158 3.85 -15.67 20.43
C GLY C 158 3.11 -16.99 20.40
N THR C 159 3.19 -17.74 19.30
CA THR C 159 2.42 -18.96 19.11
C THR C 159 3.24 -20.23 19.34
N PHE C 160 4.44 -20.12 19.90
CA PHE C 160 5.22 -21.32 20.18
C PHE C 160 4.46 -22.21 21.15
N ARG C 161 4.35 -23.49 20.81
CA ARG C 161 3.58 -24.43 21.62
C ARG C 161 4.42 -25.67 21.94
N PRO C 162 5.05 -25.72 23.12
CA PRO C 162 5.86 -26.91 23.44
C PRO C 162 5.07 -28.20 23.38
N GLU C 163 3.78 -28.18 23.69
CA GLU C 163 2.98 -29.40 23.60
C GLU C 163 2.92 -29.91 22.18
N ARG C 164 2.81 -29.00 21.21
CA ARG C 164 2.74 -29.41 19.81
C ARG C 164 4.00 -30.15 19.40
N ILE C 165 5.16 -29.67 19.84
CA ILE C 165 6.41 -30.37 19.52
C ILE C 165 6.39 -31.78 20.11
N LYS C 166 5.91 -31.92 21.34
CA LYS C 166 5.82 -33.25 21.94
C LYS C 166 4.90 -34.15 21.13
N GLN C 167 3.77 -33.61 20.68
CA GLN C 167 2.84 -34.43 19.89
C GLN C 167 3.49 -34.86 18.58
N ILE C 168 4.19 -33.95 17.92
CA ILE C 168 4.88 -34.30 16.68
C ILE C 168 5.98 -35.33 16.96
N ALA C 169 6.76 -35.10 18.02
CA ALA C 169 7.85 -36.01 18.34
C ALA C 169 7.34 -37.43 18.53
N GLU C 170 6.16 -37.58 19.12
CA GLU C 170 5.58 -38.92 19.27
C GLU C 170 5.28 -39.54 17.91
N GLY C 171 4.80 -38.74 16.96
CA GLY C 171 4.52 -39.26 15.64
C GLY C 171 5.76 -39.83 14.98
N TYR C 172 6.91 -39.20 15.19
CA TYR C 172 8.17 -39.69 14.64
C TYR C 172 8.83 -40.73 15.52
N GLU C 173 8.21 -41.08 16.64
CA GLU C 173 8.77 -42.08 17.56
C GLU C 173 10.09 -41.61 18.17
N LEU C 174 10.07 -40.40 18.72
CA LEU C 174 11.21 -39.84 19.42
C LEU C 174 10.81 -39.51 20.85
N ASP C 175 11.77 -39.60 21.76
CA ASP C 175 11.50 -39.25 23.15
C ASP C 175 11.09 -37.79 23.24
N PRO C 176 9.81 -37.51 23.53
CA PRO C 176 9.38 -36.09 23.54
C PRO C 176 10.18 -35.23 24.50
N GLU C 177 10.56 -35.77 25.65
CA GLU C 177 11.35 -34.98 26.59
C GLU C 177 12.71 -34.64 26.01
N SER C 178 13.36 -35.61 25.37
CA SER C 178 14.66 -35.34 24.76
C SER C 178 14.53 -34.31 23.63
N CYS C 179 13.50 -34.45 22.81
CA CYS C 179 13.32 -33.50 21.71
C CYS C 179 13.11 -32.08 22.23
N LEU C 180 12.31 -31.94 23.29
CA LEU C 180 12.08 -30.61 23.85
C LEU C 180 13.37 -30.01 24.38
N ALA C 181 14.21 -30.83 25.02
CA ALA C 181 15.45 -30.32 25.58
C ALA C 181 16.34 -29.70 24.51
N ASN C 182 16.39 -30.33 23.32
CA ASN C 182 17.25 -29.88 22.24
C ASN C 182 16.71 -28.68 21.49
N VAL C 183 15.71 -27.99 22.05
CA VAL C 183 15.14 -26.80 21.44
C VAL C 183 15.31 -25.63 22.40
N SER C 184 15.90 -24.55 21.91
CA SER C 184 16.05 -23.32 22.69
C SER C 184 15.03 -22.30 22.20
N TYR C 185 14.24 -21.77 23.11
CA TYR C 185 13.15 -20.87 22.79
C TYR C 185 13.43 -19.50 23.36
N ALA C 186 13.31 -18.47 22.51
CA ALA C 186 13.46 -17.09 22.92
C ALA C 186 12.29 -16.29 22.38
N ARG C 187 11.72 -15.45 23.23
CA ARG C 187 10.57 -14.63 22.87
C ARG C 187 11.03 -13.20 22.59
N ALA C 188 10.94 -12.80 21.33
CA ALA C 188 11.40 -11.48 20.90
C ALA C 188 10.29 -10.47 21.17
N LEU C 189 10.42 -9.71 22.26
CA LEU C 189 9.36 -8.81 22.66
C LEU C 189 9.16 -7.69 21.65
N ASN C 190 10.25 -7.15 21.10
CA ASN C 190 10.16 -6.08 20.12
C ASN C 190 11.31 -6.22 19.13
N SER C 191 11.30 -5.34 18.12
CA SER C 191 12.30 -5.45 17.06
C SER C 191 13.71 -5.29 17.61
N GLU C 192 13.92 -4.31 18.50
CA GLU C 192 15.25 -4.13 19.07
C GLU C 192 15.69 -5.37 19.84
N HIS C 193 14.79 -5.95 20.62
CA HIS C 193 15.12 -7.18 21.32
C HIS C 193 15.38 -8.31 20.35
N GLN C 194 14.59 -8.39 19.28
CA GLN C 194 14.78 -9.45 18.29
C GLN C 194 16.17 -9.36 17.68
N MET C 195 16.60 -8.15 17.32
CA MET C 195 17.95 -7.99 16.79
C MET C 195 19.01 -8.34 17.81
N GLU C 196 18.78 -7.98 19.07
CA GLU C 196 19.75 -8.30 20.12
C GLU C 196 19.91 -9.80 20.28
N LEU C 197 18.80 -10.54 20.22
CA LEU C 197 18.89 -12.00 20.35
C LEU C 197 19.77 -12.60 19.28
N VAL C 198 19.58 -12.17 18.02
CA VAL C 198 20.35 -12.74 16.93
C VAL C 198 21.83 -12.44 17.11
N GLU C 199 22.16 -11.19 17.46
CA GLU C 199 23.56 -10.81 17.61
C GLU C 199 24.26 -11.65 18.67
N GLN C 200 23.51 -12.15 19.65
CA GLN C 200 24.07 -12.93 20.74
C GLN C 200 24.04 -14.42 20.47
N LEU C 201 23.50 -14.85 19.34
CA LEU C 201 23.48 -16.28 19.02
C LEU C 201 24.90 -16.81 18.78
N GLY C 202 25.86 -15.91 18.55
CA GLY C 202 27.20 -16.36 18.24
C GLY C 202 27.78 -17.23 19.33
N GLU C 203 27.65 -16.81 20.60
CA GLU C 203 28.19 -17.61 21.69
C GLU C 203 27.50 -18.95 21.78
N GLU C 204 26.17 -18.97 21.70
CA GLU C 204 25.43 -20.23 21.83
C GLU C 204 25.76 -21.17 20.68
N LEU C 205 25.80 -20.65 19.46
CA LEU C 205 26.01 -21.52 18.29
C LEU C 205 27.43 -22.06 18.24
N SER C 206 28.37 -21.37 18.88
CA SER C 206 29.77 -21.71 18.77
C SER C 206 30.02 -23.16 19.18
N SER C 207 29.16 -23.71 20.02
CA SER C 207 29.28 -25.10 20.44
C SER C 207 29.19 -26.03 19.24
N GLY C 208 28.47 -25.61 18.20
CA GLY C 208 28.32 -26.39 16.99
C GLY C 208 27.17 -27.38 17.01
N ASP C 209 26.38 -27.41 18.07
CA ASP C 209 25.30 -28.38 18.15
C ASP C 209 24.12 -27.97 17.28
N TYR C 210 23.85 -26.67 17.18
CA TYR C 210 22.65 -26.21 16.50
C TYR C 210 22.73 -26.47 15.00
N ARG C 211 21.56 -26.64 14.39
CA ARG C 211 21.46 -26.84 12.94
C ARG C 211 20.43 -25.91 12.31
N LEU C 212 19.45 -25.48 13.10
CA LEU C 212 18.34 -24.69 12.59
C LEU C 212 18.13 -23.45 13.44
N ILE C 213 17.76 -22.36 12.79
CA ILE C 213 17.36 -21.12 13.46
C ILE C 213 16.03 -20.70 12.85
N VAL C 214 15.02 -20.54 13.70
CA VAL C 214 13.67 -20.24 13.25
C VAL C 214 13.27 -18.88 13.78
N VAL C 215 12.82 -18.00 12.90
CA VAL C 215 12.27 -16.70 13.25
C VAL C 215 10.84 -16.66 12.77
N ASP C 216 9.90 -16.54 13.70
CA ASP C 216 8.47 -16.61 13.40
C ASP C 216 7.76 -15.52 14.19
N SER C 217 7.44 -14.41 13.55
CA SER C 217 7.76 -14.20 12.15
C SER C 217 8.80 -13.09 12.03
N ILE C 218 9.48 -13.03 10.88
CA ILE C 218 10.60 -12.11 10.74
C ILE C 218 10.15 -10.67 10.85
N MET C 219 9.06 -10.32 10.17
CA MET C 219 8.66 -8.93 10.04
C MET C 219 7.55 -8.53 11.00
N ALA C 220 7.18 -9.39 11.95
CA ALA C 220 6.08 -9.06 12.84
C ALA C 220 6.39 -7.83 13.67
N ASN C 221 7.57 -7.79 14.30
CA ASN C 221 7.92 -6.66 15.15
C ASN C 221 8.26 -5.43 14.32
N PHE C 222 9.03 -5.61 13.24
CA PHE C 222 9.41 -4.46 12.42
C PHE C 222 8.19 -3.74 11.89
N ARG C 223 7.13 -4.48 11.56
CA ARG C 223 5.91 -3.87 11.05
C ARG C 223 5.35 -2.86 12.03
N VAL C 224 5.51 -3.10 13.33
CA VAL C 224 4.84 -2.28 14.33
C VAL C 224 5.71 -1.11 14.75
N ASP C 225 7.01 -1.37 15.02
CA ASP C 225 7.86 -0.33 15.55
C ASP C 225 7.98 0.85 14.60
N TYR C 226 8.15 0.58 13.32
CA TYR C 226 8.36 1.62 12.31
C TYR C 226 7.08 1.74 11.49
N CYS C 227 6.34 2.83 11.71
CA CYS C 227 5.06 3.05 11.08
C CYS C 227 5.10 4.32 10.24
N GLY C 228 4.57 4.25 9.03
CA GLY C 228 4.46 5.41 8.17
C GLY C 228 5.59 5.51 7.16
N ARG C 229 5.44 6.49 6.26
CA ARG C 229 6.47 6.72 5.25
C ARG C 229 7.80 7.08 5.90
N GLY C 230 7.78 7.96 6.88
CA GLY C 230 9.03 8.45 7.46
C GLY C 230 9.87 7.34 8.04
N GLU C 231 9.24 6.38 8.70
CA GLU C 231 9.95 5.28 9.32
C GLU C 231 10.31 4.16 8.34
N LEU C 232 9.79 4.22 7.11
CA LEU C 232 10.02 3.13 6.17
C LEU C 232 11.49 2.98 5.85
N SER C 233 12.18 4.08 5.60
CA SER C 233 13.59 3.99 5.24
C SER C 233 14.42 3.40 6.36
N GLU C 234 14.15 3.82 7.61
CA GLU C 234 14.89 3.27 8.73
C GLU C 234 14.49 1.81 8.98
N ARG C 235 13.22 1.48 8.79
CA ARG C 235 12.77 0.11 9.00
C ARG C 235 13.54 -0.86 8.12
N GLN C 236 13.60 -0.58 6.82
CA GLN C 236 14.26 -1.50 5.90
C GLN C 236 15.75 -1.58 6.17
N GLN C 237 16.37 -0.45 6.50
CA GLN C 237 17.80 -0.46 6.82
C GLN C 237 18.07 -1.35 8.02
N LYS C 238 17.25 -1.24 9.07
CA LYS C 238 17.40 -2.12 10.22
C LYS C 238 17.13 -3.57 9.85
N LEU C 239 16.08 -3.81 9.06
CA LEU C 239 15.77 -5.18 8.66
C LEU C 239 16.89 -5.77 7.82
N ASN C 240 17.48 -4.97 6.93
CA ASN C 240 18.55 -5.48 6.10
C ASN C 240 19.74 -5.93 6.95
N GLN C 241 20.13 -5.13 7.94
CA GLN C 241 21.22 -5.53 8.82
C GLN C 241 20.84 -6.78 9.60
N HIS C 242 19.58 -6.85 10.06
CA HIS C 242 19.13 -8.04 10.76
C HIS C 242 19.21 -9.27 9.85
N LEU C 243 18.72 -9.15 8.62
CA LEU C 243 18.80 -10.27 7.68
C LEU C 243 20.24 -10.60 7.35
N PHE C 244 21.07 -9.58 7.15
CA PHE C 244 22.47 -9.84 6.81
C PHE C 244 23.15 -10.64 7.91
N LYS C 245 22.90 -10.29 9.17
CA LYS C 245 23.49 -11.05 10.26
C LYS C 245 22.99 -12.49 10.29
N LEU C 246 21.69 -12.67 10.06
CA LEU C 246 21.14 -14.02 10.03
C LEU C 246 21.80 -14.86 8.95
N ASN C 247 21.93 -14.29 7.75
CA ASN C 247 22.60 -15.01 6.67
C ASN C 247 24.06 -15.28 7.04
N ARG C 248 24.71 -14.32 7.68
CA ARG C 248 26.09 -14.52 8.10
C ARG C 248 26.20 -15.66 9.09
N LEU C 249 25.25 -15.75 10.03
CA LEU C 249 25.25 -16.85 10.99
C LEU C 249 25.08 -18.19 10.29
N ALA C 250 24.18 -18.26 9.31
CA ALA C 250 23.89 -19.52 8.65
C ALA C 250 25.12 -20.09 7.97
N GLU C 251 25.87 -19.25 7.26
CA GLU C 251 27.01 -19.73 6.50
C GLU C 251 28.14 -20.17 7.41
N GLU C 252 28.43 -19.40 8.45
CA GLU C 252 29.62 -19.65 9.24
C GLU C 252 29.44 -20.86 10.16
N PHE C 253 28.24 -21.03 10.70
CA PHE C 253 27.94 -22.17 11.58
C PHE C 253 27.23 -23.31 10.86
N ASN C 254 27.02 -23.20 9.55
CA ASN C 254 26.37 -24.27 8.79
C ASN C 254 24.98 -24.59 9.34
N VAL C 255 24.25 -23.57 9.78
CA VAL C 255 22.90 -23.76 10.26
C VAL C 255 21.94 -23.12 9.27
N ALA C 256 20.76 -23.71 9.16
CA ALA C 256 19.72 -23.22 8.26
C ALA C 256 18.83 -22.23 9.00
N VAL C 257 18.48 -21.14 8.32
CA VAL C 257 17.62 -20.11 8.88
C VAL C 257 16.27 -20.21 8.20
N PHE C 258 15.23 -20.47 8.99
CA PHE C 258 13.87 -20.60 8.49
C PHE C 258 13.06 -19.40 8.97
N LEU C 259 12.52 -18.64 8.03
CA LEU C 259 11.76 -17.43 8.35
C LEU C 259 10.32 -17.59 7.86
N THR C 260 9.38 -17.16 8.69
CA THR C 260 7.98 -17.10 8.32
C THR C 260 7.59 -15.64 8.17
N ASN C 261 6.81 -15.35 7.13
CA ASN C 261 6.45 -13.98 6.79
C ASN C 261 4.96 -13.88 6.54
N GLN C 262 4.40 -12.71 6.84
CA GLN C 262 3.00 -12.44 6.62
C GLN C 262 2.76 -12.09 5.15
N VAL C 263 1.52 -11.72 4.85
CA VAL C 263 1.14 -11.29 3.51
C VAL C 263 0.25 -10.07 3.62
N GLN C 264 0.03 -9.40 2.50
CA GLN C 264 -0.81 -8.22 2.45
C GLN C 264 -1.58 -8.18 1.14
N SER C 265 -2.67 -7.43 1.13
CA SER C 265 -3.47 -7.25 -0.07
C SER C 265 -3.05 -6.00 -0.80
N ASP C 266 -2.98 -6.09 -2.13
CA ASP C 266 -2.57 -4.96 -2.93
C ASP C 266 -3.78 -4.35 -3.63
N PRO C 267 -4.44 -3.36 -3.04
CA PRO C 267 -5.59 -2.75 -3.73
C PRO C 267 -5.23 -2.14 -5.07
N GLY C 268 -3.98 -1.70 -5.24
CA GLY C 268 -3.59 -1.10 -6.50
C GLY C 268 -3.74 -2.05 -7.68
N ALA C 269 -3.38 -3.31 -7.48
CA ALA C 269 -3.49 -4.31 -8.54
C ALA C 269 -4.81 -5.05 -8.44
N GLY C 278 -1.87 -16.76 -5.40
CA GLY C 278 -0.81 -16.30 -4.53
C GLY C 278 -1.11 -14.96 -3.89
N ARG C 279 -0.39 -14.65 -2.80
CA ARG C 279 -0.57 -13.42 -2.06
C ARG C 279 0.73 -12.63 -2.08
N LYS C 280 0.61 -11.31 -1.95
CA LYS C 280 1.79 -10.46 -1.93
C LYS C 280 2.41 -10.46 -0.54
N PRO C 281 3.68 -10.82 -0.40
CA PRO C 281 4.30 -10.82 0.93
C PRO C 281 4.67 -9.41 1.38
N ILE C 282 5.02 -9.30 2.66
CA ILE C 282 5.47 -8.05 3.21
C ILE C 282 6.98 -8.12 3.41
N GLY C 283 7.58 -6.99 3.76
CA GLY C 283 9.02 -6.90 3.91
C GLY C 283 9.72 -6.19 2.79
N GLY C 284 9.07 -5.97 1.65
CA GLY C 284 9.69 -5.22 0.59
C GLY C 284 10.79 -5.99 -0.11
N HIS C 285 11.60 -5.25 -0.87
CA HIS C 285 12.64 -5.86 -1.66
C HIS C 285 13.82 -6.30 -0.80
N VAL C 286 14.03 -5.63 0.33
CA VAL C 286 15.14 -6.00 1.21
C VAL C 286 15.01 -7.46 1.63
N LEU C 287 13.79 -7.88 1.98
CA LEU C 287 13.59 -9.25 2.39
C LEU C 287 13.67 -10.20 1.19
N ALA C 288 13.10 -9.80 0.06
CA ALA C 288 13.06 -10.69 -1.10
C ALA C 288 14.46 -11.01 -1.58
N HIS C 289 15.34 -10.01 -1.64
CA HIS C 289 16.71 -10.25 -2.08
C HIS C 289 17.47 -11.11 -1.09
N ALA C 290 17.33 -10.83 0.20
CA ALA C 290 18.09 -11.56 1.21
C ALA C 290 17.72 -13.05 1.23
N SER C 291 16.43 -13.35 1.12
CA SER C 291 15.97 -14.73 1.19
C SER C 291 16.47 -15.50 -0.02
N ALA C 292 17.19 -16.60 0.23
CA ALA C 292 17.63 -17.44 -0.87
C ALA C 292 16.48 -18.25 -1.45
N THR C 293 15.63 -18.81 -0.59
CA THR C 293 14.50 -19.61 -1.01
C THR C 293 13.23 -19.04 -0.40
N ARG C 294 12.19 -18.90 -1.22
CA ARG C 294 10.90 -18.41 -0.76
C ARG C 294 9.83 -19.37 -1.23
N ILE C 295 8.95 -19.78 -0.31
CA ILE C 295 7.83 -20.66 -0.62
C ILE C 295 6.54 -19.95 -0.28
N LEU C 296 5.58 -20.03 -1.18
CA LEU C 296 4.26 -19.45 -0.97
C LEU C 296 3.28 -20.56 -0.60
N LEU C 297 2.61 -20.39 0.53
CA LEU C 297 1.65 -21.36 1.02
C LEU C 297 0.24 -20.82 0.85
N ARG C 298 -0.65 -21.63 0.29
CA ARG C 298 -2.02 -21.23 0.03
C ARG C 298 -2.98 -22.26 0.61
N LYS C 299 -4.21 -21.81 0.87
CA LYS C 299 -5.25 -22.71 1.31
C LYS C 299 -5.77 -23.54 0.14
N GLY C 300 -6.01 -24.82 0.40
CA GLY C 300 -6.59 -25.70 -0.59
C GLY C 300 -7.93 -26.22 -0.14
N ARG C 301 -8.57 -26.97 -1.02
CA ARG C 301 -9.87 -27.56 -0.69
C ARG C 301 -9.72 -28.42 0.56
N GLY C 302 -10.67 -28.30 1.49
CA GLY C 302 -10.56 -28.99 2.75
C GLY C 302 -9.34 -28.60 3.53
N ASP C 303 -8.60 -29.57 4.06
CA ASP C 303 -7.41 -29.29 4.84
C ASP C 303 -6.12 -29.33 4.05
N GLU C 304 -6.19 -29.56 2.73
CA GLU C 304 -4.99 -29.57 1.92
C GLU C 304 -4.47 -28.15 1.71
N ARG C 305 -3.15 -28.04 1.68
CA ARG C 305 -2.49 -26.77 1.42
C ARG C 305 -1.61 -26.91 0.17
N VAL C 306 -1.38 -25.78 -0.50
CA VAL C 306 -0.60 -25.75 -1.72
C VAL C 306 0.65 -24.91 -1.48
N ALA C 307 1.81 -25.51 -1.70
CA ALA C 307 3.09 -24.83 -1.52
C ALA C 307 3.75 -24.63 -2.88
N LYS C 308 4.13 -23.40 -3.17
CA LYS C 308 4.75 -23.05 -4.45
C LYS C 308 6.10 -22.41 -4.19
N LEU C 309 7.12 -22.84 -4.93
CA LEU C 309 8.49 -22.38 -4.71
C LEU C 309 8.73 -21.14 -5.57
N GLN C 310 8.53 -19.96 -4.98
CA GLN C 310 8.66 -18.72 -5.72
C GLN C 310 10.09 -18.46 -6.17
N ASP C 311 11.04 -18.55 -5.25
CA ASP C 311 12.43 -18.21 -5.54
C ASP C 311 13.33 -19.26 -4.92
N SER C 312 14.29 -19.75 -5.70
CA SER C 312 15.25 -20.73 -5.22
C SER C 312 16.54 -20.55 -6.01
N PRO C 313 17.71 -20.73 -5.38
CA PRO C 313 18.96 -20.59 -6.14
C PRO C 313 19.28 -21.82 -6.99
N ASP C 314 18.69 -22.98 -6.69
CA ASP C 314 19.09 -24.21 -7.33
C ASP C 314 17.92 -25.06 -7.83
N MET C 315 16.68 -24.72 -7.52
CA MET C 315 15.57 -25.55 -7.94
C MET C 315 14.56 -24.75 -8.75
N PRO C 316 13.89 -25.39 -9.69
CA PRO C 316 12.93 -24.66 -10.52
C PRO C 316 11.59 -24.50 -9.82
N GLU C 317 10.77 -23.59 -10.34
CA GLU C 317 9.46 -23.36 -9.77
C GLU C 317 8.60 -24.61 -9.89
N LYS C 318 7.91 -24.94 -8.80
CA LYS C 318 7.00 -26.09 -8.79
C LYS C 318 6.00 -25.90 -7.66
N GLU C 319 4.95 -26.71 -7.67
CA GLU C 319 3.94 -26.72 -6.64
C GLU C 319 3.78 -28.12 -6.08
N CYS C 320 3.45 -28.20 -4.79
CA CYS C 320 3.16 -29.47 -4.14
C CYS C 320 1.99 -29.26 -3.19
N VAL C 321 1.33 -30.36 -2.86
CA VAL C 321 0.19 -30.36 -1.95
C VAL C 321 0.59 -31.07 -0.68
N TYR C 322 0.39 -30.41 0.46
CA TYR C 322 0.72 -30.95 1.77
C TYR C 322 -0.46 -30.76 2.71
N VAL C 323 -0.47 -31.54 3.78
CA VAL C 323 -1.56 -31.53 4.74
C VAL C 323 -0.99 -31.37 6.14
N ILE C 324 -1.71 -30.61 6.96
CA ILE C 324 -1.35 -30.37 8.36
C ILE C 324 -2.07 -31.42 9.18
N GLY C 325 -1.32 -32.39 9.71
CA GLY C 325 -1.88 -33.46 10.49
C GLY C 325 -1.29 -33.55 11.89
N GLU C 326 -1.44 -34.73 12.49
CA GLU C 326 -0.91 -34.94 13.82
C GLU C 326 0.61 -34.79 13.83
N LYS C 327 1.29 -35.33 12.83
CA LYS C 327 2.73 -35.20 12.71
C LYS C 327 3.16 -33.85 12.14
N GLY C 328 2.28 -32.86 12.11
CA GLY C 328 2.62 -31.57 11.57
C GLY C 328 2.41 -31.54 10.07
N ILE C 329 3.38 -30.98 9.35
CA ILE C 329 3.32 -30.94 7.89
C ILE C 329 3.64 -32.33 7.35
N THR C 330 2.72 -32.88 6.56
CA THR C 330 2.89 -34.21 5.99
C THR C 330 2.14 -34.31 4.68
N ASP C 331 2.46 -35.34 3.91
CA ASP C 331 1.84 -35.54 2.62
C ASP C 331 0.35 -35.82 2.77
N SER C 332 -0.41 -35.42 1.75
CA SER C 332 -1.86 -35.59 1.81
C SER C 332 -2.24 -37.05 2.05
N SER C 333 -1.65 -37.97 1.29
CA SER C 333 -1.88 -39.39 1.54
C SER C 333 -1.31 -39.81 2.88
N ASP C 334 -0.11 -39.34 3.21
CA ASP C 334 0.52 -39.65 4.48
C ASP C 334 -0.29 -39.12 5.66
N ILE D 16 3.78 -10.39 38.59
CA ILE D 16 3.63 -8.98 38.28
C ILE D 16 4.57 -8.15 39.13
N LEU D 17 5.55 -7.51 38.48
CA LEU D 17 6.50 -6.64 39.14
C LEU D 17 6.20 -5.19 38.75
N SER D 18 5.90 -4.36 39.73
CA SER D 18 5.63 -2.96 39.46
C SER D 18 6.92 -2.22 39.12
N VAL D 19 6.78 -1.13 38.37
CA VAL D 19 7.94 -0.32 38.01
C VAL D 19 8.62 0.24 39.25
N ASP D 20 7.93 0.27 40.38
CA ASP D 20 8.54 0.78 41.60
C ASP D 20 9.79 -0.01 41.97
N GLU D 21 9.87 -1.27 41.52
CA GLU D 21 11.06 -2.06 41.78
C GLU D 21 12.31 -1.37 41.29
N LEU D 22 12.21 -0.65 40.18
CA LEU D 22 13.38 0.07 39.64
C LEU D 22 13.86 1.13 40.61
N GLN D 23 12.99 1.59 41.50
CA GLN D 23 13.38 2.63 42.46
C GLN D 23 14.58 2.18 43.28
N ASN D 24 14.54 0.96 43.81
CA ASN D 24 15.65 0.50 44.64
C ASN D 24 16.93 0.37 43.82
N TYR D 25 16.82 0.02 42.54
CA TYR D 25 18.01 -0.15 41.72
C TYR D 25 18.63 1.18 41.34
N GLY D 26 17.94 2.29 41.59
CA GLY D 26 18.56 3.59 41.38
C GLY D 26 17.79 4.51 40.44
N ILE D 27 16.54 4.18 40.16
CA ILE D 27 15.72 4.98 39.26
C ILE D 27 15.10 6.13 40.06
N ASN D 28 15.24 7.35 39.54
CA ASN D 28 14.65 8.50 40.20
C ASN D 28 13.15 8.33 40.32
N ALA D 29 12.61 8.63 41.50
CA ALA D 29 11.18 8.51 41.71
C ALA D 29 10.40 9.40 40.75
N SER D 30 10.96 10.56 40.41
CA SER D 30 10.30 11.44 39.45
C SER D 30 10.15 10.75 38.09
N ASP D 31 11.19 10.06 37.64
CA ASP D 31 11.11 9.34 36.37
C ASP D 31 10.05 8.27 36.42
N LEU D 32 9.98 7.52 37.52
CA LEU D 32 8.98 6.46 37.65
C LEU D 32 7.59 6.98 37.36
N GLN D 33 7.28 8.19 37.84
CA GLN D 33 5.97 8.78 37.56
C GLN D 33 5.79 8.98 36.07
N LYS D 34 6.84 9.46 35.38
CA LYS D 34 6.75 9.64 33.94
C LYS D 34 6.44 8.32 33.25
N LEU D 35 7.13 7.25 33.65
CA LEU D 35 6.82 5.93 33.11
C LEU D 35 5.38 5.56 33.37
N LYS D 36 4.92 5.70 34.61
CA LYS D 36 3.52 5.41 34.91
C LYS D 36 2.60 6.32 34.12
N SER D 37 2.94 7.60 34.02
CA SER D 37 2.19 8.50 33.15
C SER D 37 2.23 8.02 31.72
N GLY D 38 3.32 7.36 31.33
CA GLY D 38 3.46 6.85 29.98
C GLY D 38 2.83 5.49 29.79
N GLY D 39 2.06 5.05 30.79
CA GLY D 39 1.41 3.76 30.69
C GLY D 39 2.30 2.57 30.90
N ILE D 40 3.42 2.75 31.60
CA ILE D 40 4.34 1.64 31.88
C ILE D 40 4.34 1.37 33.37
N TYR D 41 3.49 0.45 33.81
CA TYR D 41 3.32 0.17 35.24
C TYR D 41 3.97 -1.13 35.68
N THR D 42 4.67 -1.83 34.79
CA THR D 42 5.27 -3.11 35.12
C THR D 42 6.67 -3.19 34.55
N VAL D 43 7.51 -3.99 35.22
CA VAL D 43 8.87 -4.19 34.74
C VAL D 43 8.86 -4.81 33.36
N ASN D 44 8.00 -5.81 33.14
CA ASN D 44 7.93 -6.46 31.84
C ASN D 44 7.59 -5.45 30.75
N THR D 45 6.69 -4.51 31.03
CA THR D 45 6.34 -3.50 30.04
C THR D 45 7.56 -2.66 29.68
N VAL D 46 8.50 -2.52 30.61
CA VAL D 46 9.73 -1.79 30.30
C VAL D 46 10.57 -2.56 29.30
N LEU D 47 10.75 -3.86 29.52
CA LEU D 47 11.52 -4.67 28.59
C LEU D 47 10.83 -4.75 27.23
N SER D 48 9.51 -4.88 27.23
CA SER D 48 8.78 -4.97 25.96
C SER D 48 8.90 -3.68 25.16
N THR D 49 8.86 -2.53 25.82
CA THR D 49 8.87 -1.26 25.11
C THR D 49 10.25 -1.00 24.50
N THR D 50 10.24 -0.55 23.25
CA THR D 50 11.49 -0.24 22.58
C THR D 50 12.12 1.02 23.15
N ARG D 51 13.43 1.12 23.03
CA ARG D 51 14.11 2.33 23.49
C ARG D 51 13.60 3.57 22.76
N ARG D 52 13.22 3.42 21.49
CA ARG D 52 12.67 4.54 20.76
C ARG D 52 11.40 5.06 21.41
N HIS D 53 10.48 4.16 21.75
CA HIS D 53 9.19 4.58 22.29
C HIS D 53 9.36 5.25 23.65
N LEU D 54 10.28 4.74 24.47
CA LEU D 54 10.51 5.36 25.77
C LEU D 54 10.98 6.79 25.63
N CYS D 55 11.87 7.06 24.66
CA CYS D 55 12.36 8.42 24.47
C CYS D 55 11.21 9.38 24.18
N LYS D 56 10.20 8.91 23.46
CA LYS D 56 9.05 9.78 23.16
C LYS D 56 8.32 10.18 24.43
N ILE D 57 8.50 9.42 25.51
CA ILE D 57 7.84 9.77 26.77
C ILE D 57 8.37 11.10 27.27
N LYS D 58 7.45 11.95 27.73
CA LYS D 58 7.81 13.27 28.21
C LYS D 58 8.69 13.16 29.46
N GLY D 59 9.67 14.06 29.54
CA GLY D 59 10.53 14.11 30.70
C GLY D 59 11.51 12.96 30.79
N LEU D 60 11.64 12.20 29.70
CA LEU D 60 12.55 11.07 29.64
C LEU D 60 13.61 11.36 28.59
N SER D 61 14.87 11.48 29.04
CA SER D 61 15.96 11.71 28.12
C SER D 61 16.55 10.39 27.63
N GLU D 62 17.13 10.43 26.45
CA GLU D 62 17.73 9.22 25.87
C GLU D 62 18.75 8.61 26.84
N VAL D 63 19.50 9.45 27.54
CA VAL D 63 20.43 8.94 28.55
C VAL D 63 19.67 8.25 29.67
N LYS D 64 18.56 8.83 30.10
CA LYS D 64 17.77 8.22 31.18
C LYS D 64 17.28 6.83 30.79
N VAL D 65 16.83 6.67 29.55
CA VAL D 65 16.24 5.40 29.12
C VAL D 65 17.26 4.28 29.29
N GLU D 66 18.53 4.54 28.98
CA GLU D 66 19.55 3.51 29.13
C GLU D 66 19.57 2.97 30.54
N LYS D 67 19.55 3.85 31.54
CA LYS D 67 19.53 3.42 32.92
C LYS D 67 18.26 2.62 33.23
N ILE D 68 17.12 3.08 32.72
CA ILE D 68 15.88 2.37 32.97
C ILE D 68 15.92 0.97 32.37
N LYS D 69 16.31 0.87 31.10
CA LYS D 69 16.34 -0.44 30.45
C LYS D 69 17.36 -1.36 31.11
N GLU D 70 18.55 -0.82 31.42
CA GLU D 70 19.55 -1.62 32.12
C GLU D 70 19.05 -2.03 33.50
N ALA D 71 18.41 -1.10 34.21
CA ALA D 71 17.86 -1.43 35.52
C ALA D 71 16.80 -2.51 35.42
N ALA D 72 15.89 -2.39 34.44
CA ALA D 72 14.87 -3.40 34.26
C ALA D 72 15.47 -4.76 33.96
N GLY D 73 16.51 -4.78 33.12
CA GLY D 73 17.17 -6.04 32.81
C GLY D 73 17.75 -6.70 34.06
N LYS D 74 18.23 -5.88 34.99
CA LYS D 74 18.77 -6.41 36.24
C LYS D 74 17.77 -7.27 36.99
N ILE D 75 16.48 -6.94 36.93
CA ILE D 75 15.44 -7.63 37.68
C ILE D 75 14.98 -8.88 36.96
N ILE D 76 14.67 -8.77 35.67
CA ILE D 76 14.18 -9.88 34.86
C ILE D 76 15.17 -10.12 33.74
N GLN D 77 15.55 -11.38 33.54
CA GLN D 77 16.46 -11.78 32.49
C GLN D 77 15.69 -12.44 31.36
N VAL D 78 15.81 -11.90 30.16
CA VAL D 78 15.14 -12.43 28.98
C VAL D 78 16.20 -12.94 28.02
N GLY D 79 16.05 -14.18 27.58
CA GLY D 79 17.02 -14.78 26.68
C GLY D 79 16.57 -16.18 26.32
N PHE D 80 17.45 -16.89 25.63
CA PHE D 80 17.13 -18.24 25.20
C PHE D 80 17.03 -19.17 26.41
N ILE D 81 15.96 -19.96 26.44
CA ILE D 81 15.75 -20.94 27.51
C ILE D 81 15.26 -22.24 26.91
N PRO D 82 15.59 -23.36 27.55
CA PRO D 82 15.19 -24.66 27.01
C PRO D 82 13.67 -24.74 26.86
N ALA D 83 13.24 -25.42 25.80
CA ALA D 83 11.81 -25.57 25.56
C ALA D 83 11.13 -26.23 26.75
N THR D 84 11.84 -27.07 27.48
CA THR D 84 11.26 -27.69 28.67
C THR D 84 10.86 -26.64 29.68
N VAL D 85 11.74 -25.66 29.92
CA VAL D 85 11.40 -24.58 30.85
C VAL D 85 10.18 -23.82 30.36
N GLN D 86 10.16 -23.48 29.07
CA GLN D 86 9.01 -22.77 28.53
C GLN D 86 7.75 -23.61 28.63
N LEU D 87 7.89 -24.94 28.60
CA LEU D 87 6.74 -25.80 28.84
C LEU D 87 6.21 -25.61 30.24
N ASP D 88 7.10 -25.53 31.24
CA ASP D 88 6.65 -25.30 32.60
C ASP D 88 5.94 -23.96 32.74
N ILE D 89 6.51 -22.91 32.16
CA ILE D 89 5.85 -21.61 32.18
C ILE D 89 4.50 -21.69 31.49
N ARG D 90 4.37 -22.59 30.52
CA ARG D 90 3.11 -22.71 29.81
C ARG D 90 2.00 -23.24 30.71
N GLN D 91 2.37 -23.88 31.82
CA GLN D 91 1.36 -24.44 32.72
C GLN D 91 0.49 -23.36 33.34
N ARG D 92 1.05 -22.17 33.56
CA ARG D 92 0.33 -21.09 34.22
C ARG D 92 -0.79 -20.51 33.35
N VAL D 93 -1.09 -21.13 32.21
CA VAL D 93 -2.16 -20.63 31.35
C VAL D 93 -3.50 -21.20 31.81
N TYR D 94 -4.54 -20.37 31.73
CA TYR D 94 -5.90 -20.77 32.04
C TYR D 94 -6.66 -21.05 30.75
N SER D 95 -7.66 -21.90 30.87
CA SER D 95 -8.63 -22.15 29.80
C SER D 95 -10.01 -21.78 30.31
N LEU D 96 -10.61 -20.77 29.69
CA LEU D 96 -11.88 -20.23 30.14
C LEU D 96 -13.02 -20.88 29.36
N SER D 97 -13.92 -21.55 30.09
CA SER D 97 -15.03 -22.22 29.44
C SER D 97 -15.90 -21.23 28.69
N THR D 98 -16.29 -21.60 27.48
CA THR D 98 -17.22 -20.79 26.69
C THR D 98 -18.66 -21.07 27.02
N GLY D 99 -18.93 -21.98 27.95
CA GLY D 99 -20.27 -22.36 28.34
C GLY D 99 -20.80 -23.59 27.62
N SER D 100 -20.20 -23.95 26.50
CA SER D 100 -20.59 -25.14 25.75
C SER D 100 -19.47 -26.17 25.83
N LYS D 101 -19.79 -27.36 26.36
CA LYS D 101 -18.78 -28.38 26.50
C LYS D 101 -18.22 -28.80 25.15
N GLN D 102 -19.08 -28.98 24.15
CA GLN D 102 -18.60 -29.38 22.84
C GLN D 102 -17.69 -28.32 22.23
N LEU D 103 -18.08 -27.05 22.34
CA LEU D 103 -17.21 -25.98 21.83
C LEU D 103 -15.90 -25.94 22.59
N ASP D 104 -15.93 -26.23 23.88
CA ASP D 104 -14.69 -26.31 24.65
C ASP D 104 -13.80 -27.44 24.14
N SER D 105 -14.40 -28.58 23.80
CA SER D 105 -13.60 -29.73 23.40
C SER D 105 -12.78 -29.42 22.14
N ILE D 106 -13.40 -28.79 21.15
CA ILE D 106 -12.68 -28.47 19.92
C ILE D 106 -11.60 -27.43 20.20
N LEU D 107 -11.88 -26.49 21.10
CA LEU D 107 -10.91 -25.46 21.44
C LEU D 107 -9.81 -25.98 22.35
N GLY D 108 -9.93 -27.20 22.86
CA GLY D 108 -8.92 -27.76 23.75
C GLY D 108 -9.12 -27.45 25.21
N GLY D 109 -10.27 -26.91 25.58
CA GLY D 109 -10.55 -26.60 26.97
C GLY D 109 -11.27 -25.29 27.15
N GLY D 110 -11.34 -24.50 26.09
CA GLY D 110 -11.98 -23.21 26.09
C GLY D 110 -11.03 -22.15 25.58
N ILE D 111 -11.32 -20.91 25.93
CA ILE D 111 -10.46 -19.79 25.55
C ILE D 111 -9.19 -19.85 26.38
N MET D 112 -8.05 -19.66 25.71
CA MET D 112 -6.75 -19.77 26.34
C MET D 112 -6.20 -18.38 26.62
N THR D 113 -5.68 -18.19 27.84
CA THR D 113 -5.00 -16.95 28.17
C THR D 113 -3.64 -16.90 27.48
N MET D 114 -3.04 -15.71 27.46
CA MET D 114 -1.78 -15.44 26.80
C MET D 114 -1.93 -15.48 25.29
N SER D 115 -3.15 -15.48 24.76
CA SER D 115 -3.39 -15.56 23.34
C SER D 115 -4.64 -14.78 22.98
N ILE D 116 -4.73 -14.39 21.71
CA ILE D 116 -5.87 -13.64 21.21
C ILE D 116 -6.81 -14.61 20.51
N THR D 117 -8.07 -14.60 20.91
CA THR D 117 -9.10 -15.42 20.31
C THR D 117 -10.14 -14.52 19.66
N GLU D 118 -10.46 -14.81 18.40
CA GLU D 118 -11.40 -14.01 17.64
C GLU D 118 -12.52 -14.90 17.12
N VAL D 119 -13.76 -14.49 17.36
CA VAL D 119 -14.93 -15.17 16.84
C VAL D 119 -15.67 -14.21 15.92
N PHE D 120 -15.91 -14.65 14.69
CA PHE D 120 -16.59 -13.83 13.70
C PHE D 120 -17.72 -14.62 13.09
N GLY D 121 -18.72 -13.91 12.58
CA GLY D 121 -19.83 -14.57 11.94
C GLY D 121 -20.95 -13.60 11.67
N GLU D 122 -21.95 -14.09 10.95
CA GLU D 122 -23.11 -13.31 10.60
C GLU D 122 -23.81 -12.82 11.88
N PHE D 123 -24.74 -11.88 11.71
CA PHE D 123 -25.46 -11.35 12.86
C PHE D 123 -26.21 -12.46 13.57
N ARG D 124 -26.66 -12.18 14.79
CA ARG D 124 -27.40 -13.08 15.67
C ARG D 124 -26.74 -14.45 15.79
N CYS D 125 -25.43 -14.55 15.58
CA CYS D 125 -24.73 -15.83 15.68
C CYS D 125 -24.21 -16.11 17.08
N GLY D 126 -24.37 -15.17 18.00
CA GLY D 126 -23.93 -15.38 19.37
C GLY D 126 -22.61 -14.78 19.74
N LYS D 127 -22.03 -13.92 18.89
CA LYS D 127 -20.76 -13.31 19.24
C LYS D 127 -20.86 -12.52 20.54
N THR D 128 -21.84 -11.62 20.63
CA THR D 128 -22.01 -10.86 21.85
C THR D 128 -22.48 -11.74 23.00
N GLN D 129 -23.34 -12.71 22.70
CA GLN D 129 -23.81 -13.63 23.74
C GLN D 129 -22.65 -14.42 24.33
N MET D 130 -21.73 -14.88 23.48
CA MET D 130 -20.57 -15.60 23.98
C MET D 130 -19.73 -14.72 24.88
N SER D 131 -19.57 -13.44 24.50
CA SER D 131 -18.81 -12.52 25.34
C SER D 131 -19.43 -12.38 26.72
N HIS D 132 -20.76 -12.28 26.77
CA HIS D 132 -21.43 -12.19 28.07
C HIS D 132 -21.24 -13.47 28.86
N THR D 133 -21.28 -14.61 28.20
CA THR D 133 -21.06 -15.88 28.90
C THR D 133 -19.67 -15.93 29.51
N LEU D 134 -18.66 -15.50 28.75
CA LEU D 134 -17.30 -15.50 29.27
C LEU D 134 -17.16 -14.59 30.47
N CYS D 135 -18.00 -13.57 30.57
CA CYS D 135 -17.96 -12.67 31.72
C CYS D 135 -18.28 -13.42 33.00
N VAL D 136 -19.21 -14.37 32.93
CA VAL D 136 -19.58 -15.14 34.11
C VAL D 136 -18.63 -16.31 34.31
N THR D 137 -18.43 -17.12 33.27
CA THR D 137 -17.61 -18.31 33.42
C THR D 137 -16.20 -17.97 33.87
N THR D 138 -15.67 -16.83 33.41
CA THR D 138 -14.35 -16.42 33.84
C THR D 138 -14.24 -16.31 35.35
N GLN D 139 -15.33 -15.96 36.01
CA GLN D 139 -15.31 -15.81 37.46
C GLN D 139 -15.44 -17.14 38.19
N LEU D 140 -15.80 -18.21 37.48
CA LEU D 140 -15.85 -19.52 38.10
C LEU D 140 -14.45 -19.96 38.52
N PRO D 141 -14.33 -20.65 39.65
CA PRO D 141 -13.02 -21.11 40.09
C PRO D 141 -12.43 -22.09 39.08
N ARG D 142 -11.10 -22.05 38.96
CA ARG D 142 -10.42 -23.03 38.11
C ARG D 142 -10.87 -24.43 38.48
N GLU D 143 -10.82 -25.34 37.52
CA GLU D 143 -11.35 -26.69 37.54
C GLU D 143 -12.85 -26.68 37.30
N MET D 144 -13.48 -25.52 37.18
CA MET D 144 -14.86 -25.40 36.75
C MET D 144 -14.98 -24.79 35.36
N GLY D 145 -13.86 -24.63 34.67
CA GLY D 145 -13.83 -23.97 33.38
C GLY D 145 -13.52 -22.49 33.42
N GLY D 146 -13.45 -21.89 34.61
CA GLY D 146 -13.18 -20.48 34.70
C GLY D 146 -11.79 -20.19 35.26
N GLY D 147 -11.46 -18.90 35.30
CA GLY D 147 -10.20 -18.43 35.83
C GLY D 147 -10.25 -17.78 37.19
N GLU D 148 -11.44 -17.55 37.74
CA GLU D 148 -11.58 -16.93 39.05
C GLU D 148 -10.88 -15.57 39.10
N GLY D 149 -11.27 -14.68 38.18
CA GLY D 149 -10.67 -13.36 38.15
C GLY D 149 -11.61 -12.35 37.52
N LYS D 150 -11.22 -11.09 37.59
CA LYS D 150 -12.02 -10.02 37.04
C LYS D 150 -12.02 -10.06 35.52
N VAL D 151 -12.95 -9.31 34.92
CA VAL D 151 -13.11 -9.25 33.48
C VAL D 151 -13.16 -7.80 33.06
N ALA D 152 -12.43 -7.46 32.01
CA ALA D 152 -12.43 -6.12 31.43
C ALA D 152 -13.19 -6.17 30.11
N TYR D 153 -14.28 -5.42 30.01
CA TYR D 153 -15.15 -5.44 28.86
C TYR D 153 -15.07 -4.10 28.13
N ILE D 154 -14.71 -4.14 26.86
CA ILE D 154 -14.64 -2.95 26.02
C ILE D 154 -15.74 -3.07 24.97
N ASP D 155 -16.67 -2.14 24.97
CA ASP D 155 -17.86 -2.18 24.12
C ASP D 155 -17.71 -1.19 22.98
N THR D 156 -17.86 -1.70 21.75
CA THR D 156 -17.93 -0.85 20.57
C THR D 156 -19.23 -0.97 19.82
N GLU D 157 -19.90 -2.12 19.91
CA GLU D 157 -21.25 -2.23 19.36
C GLU D 157 -22.24 -1.40 20.17
N GLY D 158 -22.04 -1.31 21.47
CA GLY D 158 -23.00 -0.67 22.35
C GLY D 158 -24.06 -1.60 22.91
N THR D 159 -23.84 -2.91 22.85
CA THR D 159 -24.84 -3.89 23.24
C THR D 159 -24.54 -4.56 24.58
N PHE D 160 -23.62 -4.02 25.37
CA PHE D 160 -23.37 -4.60 26.69
C PHE D 160 -24.63 -4.52 27.54
N ARG D 161 -25.02 -5.65 28.11
CA ARG D 161 -26.24 -5.72 28.88
C ARG D 161 -25.97 -6.28 30.28
N PRO D 162 -25.84 -5.42 31.29
CA PRO D 162 -25.62 -5.94 32.65
C PRO D 162 -26.70 -6.90 33.11
N GLU D 163 -27.95 -6.67 32.72
CA GLU D 163 -29.01 -7.59 33.13
C GLU D 163 -28.76 -8.99 32.60
N ARG D 164 -28.25 -9.09 31.38
CA ARG D 164 -27.96 -10.40 30.81
C ARG D 164 -26.93 -11.15 31.65
N ILE D 165 -25.90 -10.44 32.11
CA ILE D 165 -24.89 -11.08 32.95
C ILE D 165 -25.51 -11.59 34.24
N LYS D 166 -26.41 -10.80 34.83
CA LYS D 166 -27.10 -11.26 36.04
C LYS D 166 -27.89 -12.52 35.77
N GLN D 167 -28.59 -12.58 34.64
CA GLN D 167 -29.39 -13.76 34.33
C GLN D 167 -28.50 -14.98 34.15
N ILE D 168 -27.36 -14.82 33.47
CA ILE D 168 -26.44 -15.94 33.30
C ILE D 168 -25.89 -16.39 34.64
N ALA D 169 -25.51 -15.43 35.49
CA ALA D 169 -24.91 -15.77 36.78
C ALA D 169 -25.84 -16.67 37.59
N GLU D 170 -27.14 -16.38 37.57
CA GLU D 170 -28.08 -17.24 38.28
C GLU D 170 -28.08 -18.65 37.71
N GLY D 171 -27.96 -18.77 36.38
CA GLY D 171 -27.90 -20.09 35.79
C GLY D 171 -26.73 -20.91 36.30
N TYR D 172 -25.60 -20.27 36.55
CA TYR D 172 -24.43 -20.93 37.11
C TYR D 172 -24.44 -20.94 38.62
N GLU D 173 -25.49 -20.43 39.25
CA GLU D 173 -25.60 -20.42 40.71
C GLU D 173 -24.48 -19.60 41.34
N LEU D 174 -24.24 -18.43 40.79
CA LEU D 174 -23.31 -17.46 41.35
C LEU D 174 -24.10 -16.25 41.83
N ASP D 175 -23.52 -15.52 42.78
CA ASP D 175 -24.18 -14.32 43.26
C ASP D 175 -24.20 -13.28 42.15
N PRO D 176 -25.37 -12.82 41.70
CA PRO D 176 -25.39 -11.90 40.56
C PRO D 176 -24.66 -10.60 40.81
N GLU D 177 -25.01 -9.88 41.88
CA GLU D 177 -24.39 -8.58 42.12
C GLU D 177 -22.88 -8.72 42.30
N SER D 178 -22.44 -9.73 43.05
CA SER D 178 -21.01 -9.95 43.19
C SER D 178 -20.36 -10.25 41.84
N CYS D 179 -21.04 -11.04 41.01
CA CYS D 179 -20.52 -11.32 39.68
C CYS D 179 -20.37 -10.05 38.86
N LEU D 180 -21.35 -9.15 38.95
CA LEU D 180 -21.27 -7.90 38.20
C LEU D 180 -20.09 -7.05 38.66
N ALA D 181 -19.84 -7.01 39.97
CA ALA D 181 -18.79 -6.13 40.49
C ALA D 181 -17.44 -6.47 39.88
N ASN D 182 -17.22 -7.73 39.51
CA ASN D 182 -15.95 -8.17 38.95
C ASN D 182 -15.82 -7.90 37.47
N VAL D 183 -16.70 -7.09 36.89
CA VAL D 183 -16.66 -6.78 35.47
C VAL D 183 -16.45 -5.28 35.32
N SER D 184 -15.40 -4.90 34.60
CA SER D 184 -15.12 -3.50 34.28
C SER D 184 -15.57 -3.22 32.86
N TYR D 185 -16.47 -2.26 32.71
CA TYR D 185 -17.10 -1.96 31.43
C TYR D 185 -16.65 -0.59 30.95
N ALA D 186 -16.12 -0.55 29.74
CA ALA D 186 -15.71 0.70 29.09
C ALA D 186 -16.34 0.79 27.72
N ARG D 187 -16.93 1.93 27.42
CA ARG D 187 -17.60 2.16 26.15
C ARG D 187 -16.69 2.96 25.23
N ALA D 188 -16.14 2.31 24.21
CA ALA D 188 -15.20 2.93 23.30
C ALA D 188 -15.97 3.71 22.23
N LEU D 189 -16.01 5.03 22.37
CA LEU D 189 -16.82 5.84 21.47
C LEU D 189 -16.27 5.82 20.05
N ASN D 190 -14.95 5.87 19.90
CA ASN D 190 -14.33 5.88 18.58
C ASN D 190 -13.02 5.12 18.62
N SER D 191 -12.41 4.95 17.45
CA SER D 191 -11.20 4.14 17.36
C SER D 191 -10.08 4.71 18.21
N GLU D 192 -9.88 6.04 18.16
CA GLU D 192 -8.85 6.64 18.98
C GLU D 192 -9.11 6.39 20.46
N HIS D 193 -10.36 6.56 20.89
CA HIS D 193 -10.70 6.26 22.28
C HIS D 193 -10.50 4.79 22.57
N GLN D 194 -10.88 3.92 21.64
CA GLN D 194 -10.67 2.49 21.83
C GLN D 194 -9.19 2.18 21.98
N MET D 195 -8.35 2.81 21.16
CA MET D 195 -6.91 2.60 21.28
C MET D 195 -6.40 3.10 22.63
N GLU D 196 -6.91 4.24 23.10
CA GLU D 196 -6.47 4.77 24.38
C GLU D 196 -6.83 3.82 25.52
N LEU D 197 -8.05 3.26 25.51
CA LEU D 197 -8.46 2.41 26.62
C LEU D 197 -7.52 1.23 26.79
N VAL D 198 -7.11 0.61 25.70
CA VAL D 198 -6.22 -0.54 25.78
C VAL D 198 -4.88 -0.14 26.37
N GLU D 199 -4.40 1.06 26.01
CA GLU D 199 -3.09 1.49 26.50
C GLU D 199 -3.07 1.62 28.01
N GLN D 200 -4.13 2.14 28.62
CA GLN D 200 -4.20 2.34 30.06
C GLN D 200 -4.64 1.08 30.81
N LEU D 201 -4.91 -0.02 30.10
CA LEU D 201 -5.25 -1.25 30.80
C LEU D 201 -4.06 -1.77 31.62
N GLY D 202 -2.86 -1.29 31.30
CA GLY D 202 -1.69 -1.73 32.04
C GLY D 202 -1.80 -1.43 33.53
N GLU D 203 -2.25 -0.22 33.87
CA GLU D 203 -2.40 0.13 35.28
C GLU D 203 -3.43 -0.75 35.95
N GLU D 204 -4.62 -0.87 35.38
CA GLU D 204 -5.68 -1.67 35.99
C GLU D 204 -5.28 -3.14 36.05
N LEU D 205 -4.69 -3.66 34.98
CA LEU D 205 -4.31 -5.07 34.96
C LEU D 205 -3.15 -5.34 35.90
N SER D 206 -2.37 -4.31 36.22
CA SER D 206 -1.18 -4.51 37.04
C SER D 206 -1.53 -5.15 38.38
N SER D 207 -2.75 -4.94 38.87
CA SER D 207 -3.18 -5.55 40.11
C SER D 207 -3.14 -7.07 40.01
N GLY D 208 -3.30 -7.59 38.80
CA GLY D 208 -3.27 -9.01 38.57
C GLY D 208 -4.58 -9.72 38.76
N ASP D 209 -5.65 -9.01 39.14
CA ASP D 209 -6.94 -9.66 39.36
C ASP D 209 -7.58 -10.08 38.04
N TYR D 210 -7.42 -9.28 37.00
CA TYR D 210 -8.12 -9.51 35.75
C TYR D 210 -7.64 -10.79 35.08
N ARG D 211 -8.55 -11.41 34.32
CA ARG D 211 -8.24 -12.68 33.66
C ARG D 211 -8.67 -12.67 32.20
N LEU D 212 -9.60 -11.79 31.85
CA LEU D 212 -10.14 -11.74 30.50
C LEU D 212 -10.27 -10.32 30.03
N ILE D 213 -10.08 -10.10 28.72
CA ILE D 213 -10.32 -8.82 28.08
C ILE D 213 -11.22 -9.07 26.88
N VAL D 214 -12.34 -8.38 26.83
CA VAL D 214 -13.33 -8.56 25.77
C VAL D 214 -13.43 -7.28 24.97
N VAL D 215 -13.20 -7.38 23.66
CA VAL D 215 -13.39 -6.27 22.74
C VAL D 215 -14.49 -6.66 21.78
N ASP D 216 -15.60 -5.93 21.82
CA ASP D 216 -16.81 -6.28 21.05
C ASP D 216 -17.37 -5.01 20.43
N SER D 217 -17.03 -4.76 19.17
CA SER D 217 -16.14 -5.63 18.42
C SER D 217 -14.89 -4.87 18.02
N ILE D 218 -13.90 -5.60 17.52
CA ILE D 218 -12.59 -5.00 17.27
C ILE D 218 -12.66 -3.97 16.14
N MET D 219 -13.31 -4.33 15.03
CA MET D 219 -13.31 -3.51 13.83
C MET D 219 -14.50 -2.56 13.75
N ALA D 220 -15.37 -2.53 14.76
CA ALA D 220 -16.56 -1.70 14.66
C ALA D 220 -16.20 -0.24 14.45
N ASN D 221 -15.25 0.28 15.24
CA ASN D 221 -14.90 1.69 15.12
C ASN D 221 -13.92 1.93 13.97
N PHE D 222 -12.95 1.03 13.80
CA PHE D 222 -11.96 1.23 12.74
C PHE D 222 -12.63 1.28 11.37
N ARG D 223 -13.75 0.57 11.21
CA ARG D 223 -14.44 0.57 9.94
C ARG D 223 -14.92 1.96 9.57
N VAL D 224 -15.40 2.73 10.55
CA VAL D 224 -16.03 4.00 10.26
C VAL D 224 -15.01 5.12 10.16
N ASP D 225 -14.03 5.15 11.08
CA ASP D 225 -13.10 6.26 11.12
C ASP D 225 -12.29 6.36 9.83
N TYR D 226 -11.82 5.25 9.30
CA TYR D 226 -10.98 5.22 8.12
C TYR D 226 -11.79 4.65 6.97
N CYS D 227 -12.32 5.53 6.12
CA CYS D 227 -13.21 5.14 5.03
C CYS D 227 -12.51 5.37 3.70
N GLY D 228 -12.60 4.38 2.81
CA GLY D 228 -12.02 4.47 1.49
C GLY D 228 -10.69 3.78 1.38
N ARG D 229 -10.26 3.60 0.13
CA ARG D 229 -8.97 2.96 -0.12
C ARG D 229 -7.82 3.90 0.24
N GLY D 230 -8.06 5.21 0.19
CA GLY D 230 -7.02 6.15 0.55
C GLY D 230 -6.54 5.97 1.98
N GLU D 231 -7.47 5.74 2.90
CA GLU D 231 -7.16 5.59 4.31
C GLU D 231 -6.98 4.13 4.72
N LEU D 232 -7.06 3.19 3.77
CA LEU D 232 -6.93 1.79 4.15
C LEU D 232 -5.59 1.49 4.79
N SER D 233 -4.51 2.02 4.22
CA SER D 233 -3.19 1.77 4.79
C SER D 233 -3.08 2.29 6.21
N GLU D 234 -3.60 3.49 6.46
CA GLU D 234 -3.57 4.04 7.82
C GLU D 234 -4.43 3.21 8.76
N ARG D 235 -5.61 2.80 8.30
CA ARG D 235 -6.49 2.00 9.16
C ARG D 235 -5.80 0.73 9.62
N GLN D 236 -5.23 -0.02 8.67
CA GLN D 236 -4.60 -1.28 9.03
C GLN D 236 -3.38 -1.07 9.91
N GLN D 237 -2.60 -0.03 9.63
CA GLN D 237 -1.44 0.25 10.46
C GLN D 237 -1.85 0.53 11.90
N LYS D 238 -2.89 1.35 12.09
CA LYS D 238 -3.39 1.61 13.44
C LYS D 238 -3.92 0.33 14.06
N LEU D 239 -4.67 -0.46 13.30
CA LEU D 239 -5.21 -1.70 13.84
C LEU D 239 -4.10 -2.65 14.25
N ASN D 240 -3.05 -2.75 13.44
CA ASN D 240 -1.95 -3.66 13.78
C ASN D 240 -1.31 -3.28 15.11
N GLN D 241 -1.07 -1.98 15.32
CA GLN D 241 -0.54 -1.56 16.62
C GLN D 241 -1.52 -1.85 17.73
N HIS D 242 -2.81 -1.60 17.49
CA HIS D 242 -3.83 -1.92 18.48
C HIS D 242 -3.82 -3.40 18.82
N LEU D 243 -3.77 -4.26 17.80
CA LEU D 243 -3.73 -5.70 18.05
C LEU D 243 -2.42 -6.10 18.72
N PHE D 244 -1.31 -5.49 18.30
CA PHE D 244 -0.03 -5.83 18.90
C PHE D 244 -0.03 -5.52 20.40
N LYS D 245 -0.59 -4.38 20.78
CA LYS D 245 -0.68 -4.04 22.20
C LYS D 245 -1.56 -5.04 22.94
N LEU D 246 -2.68 -5.43 22.35
CA LEU D 246 -3.57 -6.40 23.00
C LEU D 246 -2.85 -7.72 23.22
N ASN D 247 -2.13 -8.19 22.20
CA ASN D 247 -1.35 -9.41 22.36
C ASN D 247 -0.28 -9.24 23.43
N ARG D 248 0.36 -8.06 23.47
CA ARG D 248 1.37 -7.81 24.48
C ARG D 248 0.77 -7.86 25.88
N LEU D 249 -0.43 -7.29 26.06
CA LEU D 249 -1.07 -7.33 27.36
C LEU D 249 -1.38 -8.75 27.78
N ALA D 250 -1.88 -9.56 26.85
CA ALA D 250 -2.28 -10.92 27.19
C ALA D 250 -1.11 -11.75 27.69
N GLU D 251 0.04 -11.64 27.02
CA GLU D 251 1.19 -12.44 27.42
C GLU D 251 1.74 -12.00 28.77
N GLU D 252 1.80 -10.69 29.00
CA GLU D 252 2.44 -10.20 30.21
C GLU D 252 1.61 -10.50 31.45
N PHE D 253 0.30 -10.26 31.39
CA PHE D 253 -0.57 -10.41 32.54
C PHE D 253 -1.31 -11.73 32.58
N ASN D 254 -1.00 -12.64 31.66
CA ASN D 254 -1.63 -13.97 31.64
C ASN D 254 -3.14 -13.87 31.50
N VAL D 255 -3.60 -12.85 30.80
CA VAL D 255 -5.02 -12.68 30.55
C VAL D 255 -5.34 -13.14 29.13
N ALA D 256 -6.59 -13.51 28.91
CA ALA D 256 -7.05 -13.95 27.61
C ALA D 256 -7.82 -12.82 26.93
N VAL D 257 -7.47 -12.56 25.67
CA VAL D 257 -8.10 -11.50 24.90
C VAL D 257 -9.11 -12.14 23.96
N PHE D 258 -10.37 -11.77 24.11
CA PHE D 258 -11.46 -12.30 23.31
C PHE D 258 -12.00 -11.20 22.41
N LEU D 259 -11.95 -11.42 21.10
CA LEU D 259 -12.37 -10.44 20.13
C LEU D 259 -13.52 -10.99 19.30
N THR D 260 -14.52 -10.15 19.07
CA THR D 260 -15.61 -10.48 18.17
C THR D 260 -15.49 -9.61 16.93
N ASN D 261 -15.80 -10.18 15.77
CA ASN D 261 -15.59 -9.51 14.50
C ASN D 261 -16.81 -9.67 13.62
N GLN D 262 -17.01 -8.71 12.72
CA GLN D 262 -18.10 -8.76 11.76
C GLN D 262 -17.68 -9.57 10.55
N VAL D 263 -18.61 -9.71 9.60
CA VAL D 263 -18.35 -10.41 8.34
C VAL D 263 -18.83 -9.54 7.20
N GLN D 264 -18.30 -9.81 6.01
CA GLN D 264 -18.67 -9.07 4.82
C GLN D 264 -18.96 -10.04 3.69
N SER D 265 -19.84 -9.63 2.78
CA SER D 265 -20.17 -10.43 1.62
C SER D 265 -19.17 -10.16 0.51
N ASP D 266 -18.68 -11.24 -0.10
CA ASP D 266 -17.66 -11.12 -1.13
C ASP D 266 -18.30 -11.26 -2.50
N PRO D 267 -18.71 -10.16 -3.14
CA PRO D 267 -19.30 -10.28 -4.48
C PRO D 267 -18.34 -10.86 -5.50
N GLY D 268 -17.03 -10.70 -5.28
CA GLY D 268 -16.07 -11.22 -6.24
C GLY D 268 -16.18 -12.74 -6.41
N ALA D 269 -16.32 -13.46 -5.31
CA ALA D 269 -16.43 -14.90 -5.36
C ALA D 269 -17.83 -15.33 -5.76
N GLY D 278 -19.96 -20.70 5.48
CA GLY D 278 -18.94 -19.83 6.02
C GLY D 278 -18.91 -18.45 5.38
N ARG D 279 -18.68 -17.43 6.19
CA ARG D 279 -18.67 -16.05 5.74
C ARG D 279 -17.26 -15.49 5.82
N LYS D 280 -17.01 -14.44 5.05
CA LYS D 280 -15.69 -13.82 5.03
C LYS D 280 -15.61 -12.74 6.11
N PRO D 281 -14.61 -12.79 6.99
CA PRO D 281 -14.48 -11.76 8.03
C PRO D 281 -13.88 -10.48 7.46
N ILE D 282 -13.96 -9.43 8.27
CA ILE D 282 -13.37 -8.16 7.93
C ILE D 282 -12.10 -7.96 8.75
N GLY D 283 -11.36 -6.91 8.45
CA GLY D 283 -10.10 -6.64 9.12
C GLY D 283 -8.87 -6.96 8.30
N GLY D 284 -9.01 -7.73 7.22
CA GLY D 284 -7.88 -7.98 6.38
C GLY D 284 -6.91 -8.97 6.99
N HIS D 285 -5.72 -9.02 6.40
CA HIS D 285 -4.70 -9.98 6.84
C HIS D 285 -4.06 -9.54 8.15
N VAL D 286 -4.14 -8.25 8.48
CA VAL D 286 -3.57 -7.79 9.74
C VAL D 286 -4.27 -8.46 10.91
N LEU D 287 -5.59 -8.55 10.87
CA LEU D 287 -6.33 -9.18 11.95
C LEU D 287 -6.16 -10.69 11.92
N ALA D 288 -6.16 -11.29 10.73
CA ALA D 288 -6.04 -12.74 10.63
C ALA D 288 -4.72 -13.23 11.18
N HIS D 289 -3.64 -12.53 10.86
CA HIS D 289 -2.32 -12.93 11.37
C HIS D 289 -2.24 -12.72 12.87
N ALA D 290 -2.73 -11.59 13.37
CA ALA D 290 -2.61 -11.29 14.79
C ALA D 290 -3.37 -12.30 15.63
N SER D 291 -4.58 -12.68 15.20
CA SER D 291 -5.41 -13.60 15.97
C SER D 291 -4.75 -14.97 16.02
N ALA D 292 -4.58 -15.50 17.23
CA ALA D 292 -4.04 -16.85 17.37
C ALA D 292 -5.09 -17.90 17.07
N THR D 293 -6.33 -17.66 17.49
CA THR D 293 -7.43 -18.58 17.27
C THR D 293 -8.59 -17.82 16.64
N ARG D 294 -9.25 -18.45 15.67
CA ARG D 294 -10.40 -17.84 15.00
C ARG D 294 -11.49 -18.88 14.87
N ILE D 295 -12.68 -18.55 15.37
CA ILE D 295 -13.84 -19.42 15.30
C ILE D 295 -14.90 -18.76 14.44
N LEU D 296 -15.48 -19.52 13.53
CA LEU D 296 -16.55 -19.02 12.67
C LEU D 296 -17.88 -19.53 13.18
N LEU D 297 -18.81 -18.62 13.41
CA LEU D 297 -20.13 -18.95 13.92
C LEU D 297 -21.17 -18.75 12.81
N ARG D 298 -22.02 -19.76 12.62
CA ARG D 298 -23.03 -19.73 11.58
C ARG D 298 -24.40 -20.05 12.17
N LYS D 299 -25.44 -19.58 11.49
CA LYS D 299 -26.79 -19.94 11.89
C LYS D 299 -27.09 -21.37 11.47
N GLY D 300 -27.86 -22.08 12.31
CA GLY D 300 -28.25 -23.44 12.01
C GLY D 300 -29.76 -23.57 12.08
N ARG D 301 -30.21 -24.82 12.00
CA ARG D 301 -31.64 -25.10 12.10
C ARG D 301 -32.18 -24.59 13.43
N GLY D 302 -33.31 -23.90 13.39
CA GLY D 302 -33.90 -23.35 14.60
C GLY D 302 -32.95 -22.44 15.36
N ASP D 303 -32.78 -22.71 16.65
CA ASP D 303 -31.89 -21.90 17.48
C ASP D 303 -30.47 -22.45 17.57
N GLU D 304 -30.19 -23.56 16.89
CA GLU D 304 -28.85 -24.13 16.92
C GLU D 304 -27.88 -23.28 16.10
N ARG D 305 -26.64 -23.22 16.57
CA ARG D 305 -25.56 -22.54 15.87
C ARG D 305 -24.44 -23.53 15.60
N VAL D 306 -23.65 -23.24 14.57
CA VAL D 306 -22.52 -24.08 14.19
C VAL D 306 -21.25 -23.25 14.30
N ALA D 307 -20.28 -23.75 15.05
CA ALA D 307 -19.01 -23.09 15.24
C ALA D 307 -17.89 -23.92 14.64
N LYS D 308 -17.03 -23.28 13.85
CA LYS D 308 -15.93 -23.95 13.18
C LYS D 308 -14.63 -23.26 13.56
N LEU D 309 -13.60 -24.06 13.84
CA LEU D 309 -12.32 -23.53 14.29
C LEU D 309 -11.43 -23.31 13.07
N GLN D 310 -11.47 -22.10 12.51
CA GLN D 310 -10.73 -21.82 11.30
C GLN D 310 -9.22 -21.89 11.52
N ASP D 311 -8.73 -21.21 12.56
CA ASP D 311 -7.29 -21.11 12.80
C ASP D 311 -7.03 -21.33 14.28
N SER D 312 -6.04 -22.17 14.58
CA SER D 312 -5.68 -22.47 15.96
C SER D 312 -4.21 -22.90 15.99
N PRO D 313 -3.41 -22.33 16.89
CA PRO D 313 -2.00 -22.74 16.95
C PRO D 313 -1.81 -24.18 17.40
N ASP D 314 -2.80 -24.79 18.06
CA ASP D 314 -2.61 -26.09 18.68
C ASP D 314 -3.73 -27.09 18.44
N MET D 315 -4.89 -26.65 17.97
CA MET D 315 -6.00 -27.57 17.75
C MET D 315 -6.34 -27.68 16.28
N PRO D 316 -6.78 -28.86 15.84
CA PRO D 316 -7.16 -29.03 14.43
C PRO D 316 -8.54 -28.46 14.15
N GLU D 317 -8.82 -28.29 12.86
CA GLU D 317 -10.14 -27.80 12.45
C GLU D 317 -11.22 -28.76 12.90
N LYS D 318 -12.31 -28.21 13.42
CA LYS D 318 -13.43 -29.03 13.91
C LYS D 318 -14.69 -28.17 13.88
N GLU D 319 -15.83 -28.84 14.00
CA GLU D 319 -17.12 -28.18 14.05
C GLU D 319 -17.91 -28.70 15.24
N CYS D 320 -18.69 -27.82 15.86
CA CYS D 320 -19.55 -28.18 16.96
C CYS D 320 -20.85 -27.38 16.85
N VAL D 321 -21.89 -27.89 17.50
CA VAL D 321 -23.20 -27.25 17.53
C VAL D 321 -23.45 -26.77 18.95
N TYR D 322 -23.80 -25.49 19.09
CA TYR D 322 -24.10 -24.90 20.38
C TYR D 322 -25.42 -24.15 20.28
N VAL D 323 -25.98 -23.83 21.45
CA VAL D 323 -27.28 -23.18 21.55
C VAL D 323 -27.16 -21.96 22.46
N ILE D 324 -28.02 -20.99 22.22
CA ILE D 324 -28.07 -19.76 23.00
C ILE D 324 -29.32 -19.84 23.88
N GLY D 325 -29.12 -20.09 25.17
CA GLY D 325 -30.20 -20.21 26.11
C GLY D 325 -30.11 -19.21 27.25
N GLU D 326 -30.81 -19.54 28.34
CA GLU D 326 -30.78 -18.68 29.52
C GLU D 326 -29.37 -18.54 30.06
N LYS D 327 -28.63 -19.65 30.13
CA LYS D 327 -27.26 -19.62 30.62
C LYS D 327 -26.27 -19.12 29.57
N GLY D 328 -26.73 -18.51 28.51
CA GLY D 328 -25.84 -18.02 27.47
C GLY D 328 -25.51 -19.12 26.48
N ILE D 329 -24.25 -19.24 26.13
CA ILE D 329 -23.81 -20.29 25.21
C ILE D 329 -23.81 -21.62 25.95
N THR D 330 -24.54 -22.59 25.41
CA THR D 330 -24.65 -23.90 26.05
C THR D 330 -24.84 -24.96 24.97
N ASP D 331 -24.60 -26.21 25.36
CA ASP D 331 -24.76 -27.32 24.45
C ASP D 331 -26.22 -27.52 24.08
N SER D 332 -26.44 -28.14 22.91
CA SER D 332 -27.81 -28.32 22.43
C SER D 332 -28.66 -29.08 23.43
N SER D 333 -28.16 -30.19 23.95
CA SER D 333 -28.89 -30.93 24.97
C SER D 333 -29.00 -30.11 26.25
N ASP D 334 -27.91 -29.45 26.65
CA ASP D 334 -27.90 -28.64 27.87
C ASP D 334 -28.70 -27.36 27.69
N ILE E 16 -27.83 16.43 29.99
CA ILE E 16 -27.21 16.89 28.76
C ILE E 16 -26.45 18.18 28.98
N LEU E 17 -25.16 18.18 28.65
CA LEU E 17 -24.31 19.34 28.80
C LEU E 17 -23.97 19.90 27.42
N SER E 18 -24.35 21.16 27.20
CA SER E 18 -24.06 21.81 25.93
C SER E 18 -22.59 22.16 25.82
N VAL E 19 -22.14 22.39 24.59
CA VAL E 19 -20.75 22.78 24.37
C VAL E 19 -20.44 24.11 25.03
N ASP E 20 -21.46 24.92 25.30
CA ASP E 20 -21.22 26.19 25.98
C ASP E 20 -20.53 25.97 27.32
N GLU E 21 -20.86 24.88 28.01
CA GLU E 21 -20.18 24.57 29.26
C GLU E 21 -18.68 24.47 29.06
N LEU E 22 -18.27 24.08 27.85
CA LEU E 22 -16.84 23.98 27.56
C LEU E 22 -16.17 25.35 27.61
N GLN E 23 -16.94 26.42 27.39
CA GLN E 23 -16.34 27.74 27.24
C GLN E 23 -15.61 28.17 28.51
N ASN E 24 -16.26 28.04 29.67
CA ASN E 24 -15.68 28.57 30.89
C ASN E 24 -14.40 27.82 31.27
N TYR E 25 -14.23 26.61 30.77
CA TYR E 25 -12.99 25.87 31.04
C TYR E 25 -11.82 26.44 30.24
N GLY E 26 -12.08 27.34 29.30
CA GLY E 26 -10.99 28.00 28.60
C GLY E 26 -11.13 27.99 27.09
N ILE E 27 -12.28 27.58 26.59
CA ILE E 27 -12.53 27.51 25.15
C ILE E 27 -12.95 28.88 24.66
N ASN E 28 -12.33 29.32 23.56
CA ASN E 28 -12.71 30.59 22.97
C ASN E 28 -14.17 30.57 22.52
N ALA E 29 -14.89 31.66 22.82
CA ALA E 29 -16.29 31.74 22.43
C ALA E 29 -16.45 31.62 20.93
N SER E 30 -15.49 32.12 20.17
CA SER E 30 -15.57 32.04 18.71
C SER E 30 -15.51 30.58 18.25
N ASP E 31 -14.69 29.76 18.89
CA ASP E 31 -14.56 28.37 18.48
C ASP E 31 -15.90 27.64 18.59
N LEU E 32 -16.70 27.98 19.61
CA LEU E 32 -17.95 27.27 19.83
C LEU E 32 -18.84 27.32 18.60
N GLN E 33 -18.92 28.47 17.94
CA GLN E 33 -19.73 28.56 16.73
C GLN E 33 -19.22 27.61 15.66
N LYS E 34 -17.90 27.52 15.52
CA LYS E 34 -17.32 26.55 14.60
C LYS E 34 -17.70 25.13 15.00
N LEU E 35 -17.62 24.82 16.30
CA LEU E 35 -18.07 23.51 16.76
C LEU E 35 -19.56 23.34 16.50
N LYS E 36 -20.37 24.30 16.93
CA LYS E 36 -21.80 24.23 16.67
C LYS E 36 -22.08 24.18 15.17
N SER E 37 -21.29 24.90 14.39
CA SER E 37 -21.44 24.84 12.94
C SER E 37 -21.21 23.43 12.42
N GLY E 38 -20.30 22.70 13.04
CA GLY E 38 -20.00 21.34 12.63
C GLY E 38 -20.95 20.31 13.23
N GLY E 39 -22.09 20.78 13.74
CA GLY E 39 -23.05 19.88 14.33
C GLY E 39 -22.63 19.29 15.65
N ILE E 40 -21.79 19.99 16.41
CA ILE E 40 -21.35 19.52 17.71
C ILE E 40 -21.90 20.44 18.79
N TYR E 41 -23.07 20.11 19.34
CA TYR E 41 -23.75 20.97 20.29
C TYR E 41 -23.69 20.46 21.71
N THR E 42 -23.05 19.33 21.97
CA THR E 42 -22.99 18.75 23.30
C THR E 42 -21.58 18.30 23.63
N VAL E 43 -21.28 18.27 24.92
CA VAL E 43 -19.96 17.83 25.36
C VAL E 43 -19.70 16.39 24.94
N ASN E 44 -20.70 15.53 25.11
CA ASN E 44 -20.54 14.12 24.76
C ASN E 44 -20.14 13.98 23.30
N THR E 45 -20.76 14.76 22.41
CA THR E 45 -20.40 14.69 21.00
C THR E 45 -18.94 15.07 20.79
N VAL E 46 -18.40 15.92 21.67
CA VAL E 46 -16.99 16.28 21.56
C VAL E 46 -16.11 15.07 21.85
N LEU E 47 -16.39 14.36 22.94
CA LEU E 47 -15.57 13.20 23.29
C LEU E 47 -15.70 12.10 22.24
N SER E 48 -16.93 11.84 21.76
CA SER E 48 -17.12 10.78 20.78
C SER E 48 -16.40 11.09 19.49
N THR E 49 -16.45 12.34 19.03
CA THR E 49 -15.85 12.68 17.75
C THR E 49 -14.33 12.53 17.82
N THR E 50 -13.76 11.93 16.78
CA THR E 50 -12.32 11.72 16.74
C THR E 50 -11.60 13.02 16.42
N ARG E 51 -10.34 13.10 16.83
CA ARG E 51 -9.55 14.29 16.54
C ARG E 51 -9.40 14.51 15.05
N ARG E 52 -9.14 13.44 14.29
CA ARG E 52 -8.99 13.57 12.85
C ARG E 52 -10.21 14.22 12.22
N HIS E 53 -11.40 13.93 12.72
CA HIS E 53 -12.61 14.53 12.18
C HIS E 53 -12.73 15.99 12.61
N LEU E 54 -12.37 16.30 13.85
CA LEU E 54 -12.46 17.68 14.33
C LEU E 54 -11.54 18.59 13.52
N CYS E 55 -10.37 18.09 13.13
CA CYS E 55 -9.46 18.90 12.34
C CYS E 55 -10.09 19.35 11.04
N LYS E 56 -11.07 18.58 10.53
CA LYS E 56 -11.75 18.97 9.31
C LYS E 56 -12.56 20.25 9.52
N ILE E 57 -13.07 20.47 10.73
CA ILE E 57 -13.93 21.62 10.99
C ILE E 57 -13.20 22.90 10.61
N LYS E 58 -13.93 23.81 9.97
CA LYS E 58 -13.35 25.07 9.53
C LYS E 58 -12.90 25.91 10.72
N GLY E 59 -11.75 26.55 10.57
CA GLY E 59 -11.24 27.44 11.59
C GLY E 59 -10.82 26.74 12.87
N LEU E 60 -10.56 25.44 12.78
CA LEU E 60 -10.11 24.66 13.93
C LEU E 60 -8.73 24.09 13.64
N SER E 61 -7.75 24.55 14.41
CA SER E 61 -6.39 24.05 14.29
C SER E 61 -6.17 22.92 15.29
N GLU E 62 -5.16 22.08 14.99
CA GLU E 62 -4.89 20.93 15.84
C GLU E 62 -4.71 21.35 17.30
N VAL E 63 -4.05 22.48 17.53
CA VAL E 63 -3.94 22.99 18.89
C VAL E 63 -5.31 23.31 19.44
N LYS E 64 -6.15 23.96 18.63
CA LYS E 64 -7.53 24.20 19.06
C LYS E 64 -8.27 22.89 19.31
N VAL E 65 -8.10 21.91 18.41
CA VAL E 65 -8.72 20.62 18.61
C VAL E 65 -8.20 19.98 19.89
N GLU E 66 -6.89 20.02 20.09
CA GLU E 66 -6.32 19.43 21.30
C GLU E 66 -6.89 20.11 22.54
N LYS E 67 -6.80 21.43 22.61
CA LYS E 67 -7.25 22.14 23.81
C LYS E 67 -8.69 21.80 24.14
N ILE E 68 -9.53 21.67 23.12
CA ILE E 68 -10.93 21.36 23.34
C ILE E 68 -11.09 20.01 24.02
N LYS E 69 -10.32 19.02 23.57
CA LYS E 69 -10.53 17.65 24.04
C LYS E 69 -10.32 17.55 25.54
N GLU E 70 -9.23 18.11 26.07
CA GLU E 70 -9.03 18.08 27.51
C GLU E 70 -10.13 18.85 28.23
N ALA E 71 -10.51 20.00 27.68
CA ALA E 71 -11.62 20.74 28.26
C ALA E 71 -12.87 19.87 28.37
N ALA E 72 -13.17 19.12 27.32
CA ALA E 72 -14.27 18.18 27.38
C ALA E 72 -14.02 17.10 28.43
N GLY E 73 -12.79 16.60 28.49
CA GLY E 73 -12.46 15.59 29.49
C GLY E 73 -12.65 16.10 30.91
N LYS E 74 -12.31 17.36 31.15
CA LYS E 74 -12.47 17.94 32.48
C LYS E 74 -13.92 17.99 32.94
N ILE E 75 -14.87 17.94 32.01
CA ILE E 75 -16.29 18.03 32.32
C ILE E 75 -16.91 16.66 32.54
N ILE E 76 -16.67 15.73 31.63
CA ILE E 76 -17.19 14.38 31.71
C ILE E 76 -16.02 13.40 31.64
N GLN E 77 -16.04 12.41 32.50
CA GLN E 77 -14.98 11.41 32.58
C GLN E 77 -15.43 10.12 31.93
N VAL E 78 -14.62 9.62 31.00
CA VAL E 78 -14.91 8.40 30.28
C VAL E 78 -13.78 7.41 30.56
N GLY E 79 -14.14 6.22 31.05
CA GLY E 79 -13.16 5.20 31.37
C GLY E 79 -13.85 4.00 31.93
N PHE E 80 -13.04 3.01 32.31
CA PHE E 80 -13.59 1.78 32.85
C PHE E 80 -14.34 2.06 34.15
N ILE E 81 -15.52 1.45 34.27
CA ILE E 81 -16.32 1.58 35.49
C ILE E 81 -16.91 0.22 35.82
N PRO E 82 -17.19 -0.01 37.10
CA PRO E 82 -17.81 -1.28 37.50
C PRO E 82 -19.13 -1.49 36.79
N ALA E 83 -19.39 -2.75 36.43
CA ALA E 83 -20.63 -3.07 35.73
C ALA E 83 -21.84 -2.66 36.56
N THR E 84 -21.72 -2.70 37.89
CA THR E 84 -22.84 -2.29 38.74
C THR E 84 -23.22 -0.84 38.47
N VAL E 85 -22.24 0.03 38.33
CA VAL E 85 -22.54 1.42 37.99
C VAL E 85 -23.24 1.51 36.64
N GLN E 86 -22.74 0.75 35.65
CA GLN E 86 -23.36 0.77 34.34
C GLN E 86 -24.78 0.25 34.40
N LEU E 87 -25.07 -0.66 35.33
CA LEU E 87 -26.44 -1.12 35.52
C LEU E 87 -27.35 0.02 35.96
N ASP E 88 -26.86 0.87 36.86
CA ASP E 88 -27.66 2.03 37.29
C ASP E 88 -27.91 2.97 36.13
N ILE E 89 -26.87 3.25 35.33
CA ILE E 89 -27.06 4.09 34.15
C ILE E 89 -28.08 3.46 33.21
N ARG E 90 -28.06 2.13 33.10
CA ARG E 90 -29.00 1.44 32.24
C ARG E 90 -30.44 1.65 32.70
N GLN E 91 -30.63 2.06 33.96
CA GLN E 91 -31.98 2.24 34.48
C GLN E 91 -32.71 3.37 33.77
N ARG E 92 -31.98 4.32 33.20
CA ARG E 92 -32.63 5.45 32.55
C ARG E 92 -33.21 5.10 31.19
N VAL E 93 -32.98 3.88 30.70
CA VAL E 93 -33.54 3.46 29.43
C VAL E 93 -35.06 3.59 29.46
N TYR E 94 -35.65 3.90 28.31
CA TYR E 94 -37.09 3.92 28.13
C TYR E 94 -37.51 2.71 27.30
N SER E 95 -38.73 2.25 27.55
CA SER E 95 -39.34 1.21 26.76
C SER E 95 -40.62 1.76 26.15
N LEU E 96 -40.65 1.90 24.84
CA LEU E 96 -41.75 2.55 24.15
C LEU E 96 -42.72 1.50 23.63
N SER E 97 -43.98 1.61 24.02
CA SER E 97 -44.97 0.63 23.62
C SER E 97 -45.23 0.71 22.12
N THR E 98 -45.36 -0.45 21.50
CA THR E 98 -45.69 -0.54 20.09
C THR E 98 -47.19 -0.65 19.85
N GLY E 99 -48.00 -0.54 20.90
CA GLY E 99 -49.43 -0.69 20.80
C GLY E 99 -49.92 -2.11 21.03
N SER E 100 -49.12 -3.10 20.68
CA SER E 100 -49.46 -4.50 20.86
C SER E 100 -48.79 -5.02 22.13
N LYS E 101 -49.60 -5.41 23.11
CA LYS E 101 -49.03 -5.92 24.36
C LYS E 101 -48.24 -7.19 24.13
N GLN E 102 -48.75 -8.10 23.30
CA GLN E 102 -48.03 -9.34 23.03
C GLN E 102 -46.70 -9.05 22.34
N LEU E 103 -46.69 -8.12 21.38
CA LEU E 103 -45.44 -7.74 20.74
C LEU E 103 -44.48 -7.11 21.74
N ASP E 104 -45.01 -6.30 22.67
CA ASP E 104 -44.16 -5.70 23.68
C ASP E 104 -43.52 -6.77 24.56
N SER E 105 -44.29 -7.79 24.92
CA SER E 105 -43.77 -8.80 25.84
C SER E 105 -42.51 -9.46 25.29
N ILE E 106 -42.54 -9.89 24.03
CA ILE E 106 -41.35 -10.54 23.47
C ILE E 106 -40.20 -9.56 23.35
N LEU E 107 -40.51 -8.30 23.04
CA LEU E 107 -39.48 -7.27 22.97
C LEU E 107 -38.92 -6.88 24.33
N GLY E 108 -39.55 -7.33 25.41
CA GLY E 108 -39.12 -6.94 26.73
C GLY E 108 -39.74 -5.67 27.26
N GLY E 109 -40.76 -5.15 26.60
CA GLY E 109 -41.43 -3.95 27.06
C GLY E 109 -41.72 -2.97 25.94
N GLY E 110 -41.10 -3.19 24.79
CA GLY E 110 -41.26 -2.34 23.63
C GLY E 110 -39.90 -1.93 23.10
N ILE E 111 -39.90 -0.89 22.27
CA ILE E 111 -38.66 -0.36 21.72
C ILE E 111 -37.88 0.32 22.83
N MET E 112 -36.60 -0.01 22.96
CA MET E 112 -35.77 0.46 24.05
C MET E 112 -34.82 1.53 23.54
N THR E 113 -34.75 2.65 24.27
CA THR E 113 -33.87 3.73 23.86
C THR E 113 -32.41 3.31 23.95
N MET E 114 -31.54 4.14 23.37
CA MET E 114 -30.11 3.90 23.23
C MET E 114 -29.83 2.63 22.42
N SER E 115 -30.74 2.20 21.57
CA SER E 115 -30.51 1.05 20.72
C SER E 115 -31.25 1.26 19.40
N ILE E 116 -30.79 0.57 18.37
CA ILE E 116 -31.38 0.65 17.03
C ILE E 116 -32.30 -0.53 16.85
N THR E 117 -33.56 -0.25 16.49
CA THR E 117 -34.55 -1.28 16.24
C THR E 117 -34.95 -1.24 14.77
N GLU E 118 -34.87 -2.38 14.11
CA GLU E 118 -35.17 -2.49 12.69
C GLU E 118 -36.26 -3.52 12.47
N VAL E 119 -37.34 -3.10 11.81
CA VAL E 119 -38.43 -4.00 11.45
C VAL E 119 -38.50 -4.06 9.93
N PHE E 120 -38.43 -5.25 9.38
CA PHE E 120 -38.45 -5.45 7.94
C PHE E 120 -39.48 -6.51 7.59
N GLY E 121 -40.05 -6.38 6.39
CA GLY E 121 -41.01 -7.36 5.94
C GLY E 121 -41.62 -6.93 4.63
N GLU E 122 -42.54 -7.77 4.14
CA GLU E 122 -43.25 -7.50 2.90
C GLU E 122 -44.04 -6.20 3.03
N PHE E 123 -44.58 -5.76 1.89
CA PHE E 123 -45.48 -4.62 1.91
C PHE E 123 -46.69 -4.92 2.78
N ARG E 124 -47.44 -3.87 3.12
CA ARG E 124 -48.64 -3.93 3.94
C ARG E 124 -48.43 -4.73 5.22
N CYS E 125 -47.20 -4.85 5.72
CA CYS E 125 -46.92 -5.59 6.93
C CYS E 125 -47.01 -4.73 8.18
N GLY E 126 -47.24 -3.42 8.02
CA GLY E 126 -47.36 -2.54 9.16
C GLY E 126 -46.11 -1.78 9.54
N LYS E 127 -45.04 -1.87 8.74
CA LYS E 127 -43.81 -1.17 9.09
C LYS E 127 -44.07 0.32 9.27
N THR E 128 -44.79 0.93 8.34
CA THR E 128 -45.15 2.33 8.49
C THR E 128 -46.21 2.51 9.57
N GLN E 129 -47.07 1.51 9.75
CA GLN E 129 -48.11 1.60 10.77
C GLN E 129 -47.50 1.66 12.17
N MET E 130 -46.49 0.81 12.43
CA MET E 130 -45.81 0.89 13.72
C MET E 130 -45.15 2.25 13.91
N SER E 131 -44.53 2.77 12.85
CA SER E 131 -43.91 4.09 12.94
C SER E 131 -44.92 5.14 13.34
N HIS E 132 -46.12 5.09 12.77
CA HIS E 132 -47.17 6.01 13.17
C HIS E 132 -47.65 5.71 14.58
N THR E 133 -47.76 4.43 14.93
CA THR E 133 -48.17 4.08 16.28
C THR E 133 -47.16 4.57 17.31
N LEU E 134 -45.87 4.38 17.03
CA LEU E 134 -44.85 4.83 17.96
C LEU E 134 -44.90 6.34 18.15
N CYS E 135 -45.31 7.08 17.12
CA CYS E 135 -45.40 8.53 17.22
C CYS E 135 -46.38 8.94 18.32
N VAL E 136 -47.46 8.17 18.47
CA VAL E 136 -48.45 8.50 19.49
C VAL E 136 -48.05 7.94 20.84
N THR E 137 -47.67 6.67 20.89
CA THR E 137 -47.36 6.04 22.17
C THR E 137 -46.18 6.71 22.84
N THR E 138 -45.18 7.13 22.07
CA THR E 138 -44.02 7.79 22.66
C THR E 138 -44.43 9.00 23.49
N GLN E 139 -45.54 9.65 23.12
CA GLN E 139 -46.01 10.80 23.89
C GLN E 139 -46.74 10.39 25.15
N LEU E 140 -47.10 9.12 25.29
CA LEU E 140 -47.74 8.66 26.51
C LEU E 140 -46.75 8.73 27.66
N PRO E 141 -47.19 9.15 28.85
CA PRO E 141 -46.29 9.25 29.99
C PRO E 141 -45.75 7.87 30.37
N ARG E 142 -44.51 7.84 30.86
CA ARG E 142 -43.95 6.61 31.38
C ARG E 142 -44.93 5.99 32.36
N GLU E 143 -44.87 4.66 32.48
CA GLU E 143 -45.83 3.79 33.15
C GLU E 143 -47.04 3.52 32.27
N MET E 144 -47.13 4.15 31.10
CA MET E 144 -48.16 3.86 30.12
C MET E 144 -47.57 3.25 28.85
N GLY E 145 -46.29 2.90 28.88
CA GLY E 145 -45.60 2.38 27.71
C GLY E 145 -44.88 3.43 26.88
N GLY E 146 -45.04 4.71 27.20
CA GLY E 146 -44.40 5.75 26.43
C GLY E 146 -43.24 6.38 27.14
N GLY E 147 -42.61 7.33 26.44
CA GLY E 147 -41.51 8.10 26.98
C GLY E 147 -41.81 9.54 27.31
N GLU E 148 -43.02 10.02 27.01
CA GLU E 148 -43.40 11.40 27.29
C GLU E 148 -42.40 12.39 26.69
N GLY E 149 -42.16 12.25 25.39
CA GLY E 149 -41.21 13.13 24.72
C GLY E 149 -41.59 13.32 23.26
N LYS E 150 -40.86 14.22 22.61
CA LYS E 150 -41.11 14.50 21.21
C LYS E 150 -40.58 13.37 20.34
N VAL E 151 -41.04 13.35 19.09
CA VAL E 151 -40.66 12.33 18.12
C VAL E 151 -40.15 13.01 16.86
N ALA E 152 -39.00 12.57 16.38
CA ALA E 152 -38.42 13.06 15.13
C ALA E 152 -38.65 12.00 14.07
N TYR E 153 -39.32 12.37 12.98
CA TYR E 153 -39.71 11.44 11.93
C TYR E 153 -39.01 11.82 10.64
N ILE E 154 -38.20 10.92 10.10
CA ILE E 154 -37.54 11.08 8.82
C ILE E 154 -38.21 10.14 7.83
N ASP E 155 -38.73 10.68 6.74
CA ASP E 155 -39.51 9.93 5.77
C ASP E 155 -38.72 9.79 4.47
N THR E 156 -38.57 8.54 4.02
CA THR E 156 -38.01 8.26 2.71
C THR E 156 -39.00 7.55 1.79
N GLU E 157 -39.95 6.80 2.34
CA GLU E 157 -41.00 6.22 1.52
C GLU E 157 -41.90 7.32 0.95
N GLY E 158 -42.16 8.36 1.73
CA GLY E 158 -43.11 9.38 1.34
C GLY E 158 -44.52 9.14 1.82
N THR E 159 -44.72 8.24 2.78
CA THR E 159 -46.04 7.84 3.22
C THR E 159 -46.43 8.42 4.58
N PHE E 160 -45.71 9.41 5.09
CA PHE E 160 -46.10 10.03 6.34
C PHE E 160 -47.50 10.59 6.23
N ARG E 161 -48.33 10.29 7.23
CA ARG E 161 -49.73 10.69 7.17
C ARG E 161 -50.15 11.38 8.46
N PRO E 162 -50.08 12.71 8.51
CA PRO E 162 -50.52 13.40 9.73
C PRO E 162 -51.96 13.09 10.12
N GLU E 163 -52.84 12.84 9.15
CA GLU E 163 -54.21 12.46 9.49
C GLU E 163 -54.23 11.15 10.25
N ARG E 164 -53.38 10.21 9.87
CA ARG E 164 -53.34 8.93 10.56
C ARG E 164 -52.98 9.10 12.03
N ILE E 165 -51.98 9.94 12.32
CA ILE E 165 -51.57 10.14 13.71
C ILE E 165 -52.72 10.71 14.52
N LYS E 166 -53.46 11.65 13.94
CA LYS E 166 -54.62 12.19 14.65
C LYS E 166 -55.62 11.09 14.96
N GLN E 167 -55.85 10.17 14.02
CA GLN E 167 -56.78 9.09 14.26
C GLN E 167 -56.29 8.18 15.38
N ILE E 168 -55.00 7.86 15.39
CA ILE E 168 -54.45 7.04 16.46
C ILE E 168 -54.58 7.75 17.80
N ALA E 169 -54.25 9.05 17.84
CA ALA E 169 -54.29 9.78 19.09
C ALA E 169 -55.68 9.74 19.70
N GLU E 170 -56.71 9.90 18.89
CA GLU E 170 -58.08 9.81 19.40
C GLU E 170 -58.34 8.47 20.05
N GLY E 171 -57.70 7.41 19.53
CA GLY E 171 -57.85 6.11 20.15
C GLY E 171 -57.28 6.06 21.55
N TYR E 172 -56.20 6.80 21.79
CA TYR E 172 -55.54 6.83 23.09
C TYR E 172 -56.06 7.95 23.99
N GLU E 173 -57.15 8.61 23.60
CA GLU E 173 -57.71 9.71 24.38
C GLU E 173 -56.66 10.80 24.63
N LEU E 174 -55.87 11.09 23.61
CA LEU E 174 -54.90 12.17 23.64
C LEU E 174 -55.38 13.31 22.75
N ASP E 175 -54.98 14.52 23.09
CA ASP E 175 -55.36 15.67 22.27
C ASP E 175 -54.71 15.53 20.90
N PRO E 176 -55.49 15.52 19.82
CA PRO E 176 -54.88 15.28 18.50
C PRO E 176 -53.87 16.34 18.09
N GLU E 177 -54.28 17.61 18.09
CA GLU E 177 -53.36 18.66 17.65
C GLU E 177 -52.12 18.71 18.52
N SER E 178 -52.27 18.49 19.83
CA SER E 178 -51.11 18.48 20.71
C SER E 178 -50.15 17.36 20.31
N CYS E 179 -50.68 16.19 19.96
CA CYS E 179 -49.81 15.09 19.55
C CYS E 179 -49.04 15.44 18.29
N LEU E 180 -49.70 16.09 17.32
CA LEU E 180 -49.01 16.49 16.10
C LEU E 180 -47.87 17.46 16.39
N ALA E 181 -48.11 18.42 17.30
CA ALA E 181 -47.09 19.43 17.56
C ALA E 181 -45.78 18.82 17.99
N ASN E 182 -45.83 17.77 18.81
CA ASN E 182 -44.63 17.14 19.34
C ASN E 182 -43.97 16.19 18.35
N VAL E 183 -44.34 16.24 17.08
CA VAL E 183 -43.74 15.39 16.05
C VAL E 183 -43.05 16.28 15.04
N SER E 184 -41.78 16.01 14.79
CA SER E 184 -41.01 16.73 13.78
C SER E 184 -40.86 15.86 12.55
N TYR E 185 -41.28 16.39 11.40
CA TYR E 185 -41.32 15.63 10.17
C TYR E 185 -40.31 16.21 9.18
N ALA E 186 -39.47 15.33 8.63
CA ALA E 186 -38.50 15.70 7.62
C ALA E 186 -38.56 14.70 6.48
N ARG E 187 -38.59 15.19 5.25
CA ARG E 187 -38.68 14.37 4.06
C ARG E 187 -37.31 14.28 3.41
N ALA E 188 -36.71 13.09 3.45
CA ALA E 188 -35.38 12.86 2.90
C ALA E 188 -35.49 12.62 1.40
N LEU E 189 -35.02 13.58 0.61
CA LEU E 189 -35.19 13.49 -0.83
C LEU E 189 -34.23 12.49 -1.45
N ASN E 190 -33.02 12.38 -0.91
CA ASN E 190 -32.05 11.41 -1.41
C ASN E 190 -31.16 10.96 -0.28
N SER E 191 -30.22 10.06 -0.60
CA SER E 191 -29.34 9.53 0.44
C SER E 191 -28.51 10.62 1.08
N GLU E 192 -27.94 11.52 0.26
CA GLU E 192 -27.14 12.60 0.82
C GLU E 192 -27.97 13.50 1.71
N HIS E 193 -29.16 13.87 1.27
CA HIS E 193 -30.04 14.68 2.11
C HIS E 193 -30.44 13.91 3.36
N GLN E 194 -30.67 12.62 3.23
CA GLN E 194 -31.02 11.81 4.40
C GLN E 194 -29.89 11.82 5.42
N MET E 195 -28.65 11.65 4.96
CA MET E 195 -27.52 11.69 5.89
C MET E 195 -27.38 13.05 6.54
N GLU E 196 -27.57 14.11 5.77
CA GLU E 196 -27.42 15.46 6.32
C GLU E 196 -28.45 15.72 7.41
N LEU E 197 -29.69 15.26 7.22
CA LEU E 197 -30.70 15.46 8.24
C LEU E 197 -30.27 14.84 9.57
N VAL E 198 -29.73 13.63 9.52
CA VAL E 198 -29.30 12.96 10.74
C VAL E 198 -28.18 13.72 11.42
N GLU E 199 -27.19 14.16 10.65
CA GLU E 199 -26.04 14.84 11.24
C GLU E 199 -26.45 16.11 11.96
N GLN E 200 -27.49 16.78 11.48
CA GLN E 200 -27.94 18.03 12.08
C GLN E 200 -29.02 17.82 13.15
N LEU E 201 -29.31 16.57 13.50
CA LEU E 201 -30.26 16.32 14.58
C LEU E 201 -29.67 16.71 15.93
N GLY E 202 -28.35 16.86 15.99
CA GLY E 202 -27.73 17.17 17.27
C GLY E 202 -28.28 18.43 17.90
N GLU E 203 -28.41 19.50 17.11
CA GLU E 203 -28.93 20.75 17.65
C GLU E 203 -30.36 20.58 18.13
N GLU E 204 -31.19 19.88 17.36
CA GLU E 204 -32.58 19.70 17.75
C GLU E 204 -32.70 18.78 18.97
N LEU E 205 -31.92 17.71 18.99
CA LEU E 205 -32.01 16.77 20.10
C LEU E 205 -31.42 17.35 21.38
N SER E 206 -30.56 18.36 21.25
CA SER E 206 -29.89 18.90 22.43
C SER E 206 -30.90 19.41 23.46
N SER E 207 -32.09 19.78 23.02
CA SER E 207 -33.11 20.25 23.94
C SER E 207 -33.50 19.16 24.92
N GLY E 208 -33.33 17.90 24.53
CA GLY E 208 -33.60 16.77 25.38
C GLY E 208 -35.03 16.28 25.39
N ASP E 209 -35.92 16.91 24.61
CA ASP E 209 -37.33 16.52 24.62
C ASP E 209 -37.55 15.24 23.83
N TYR E 210 -36.77 15.03 22.77
CA TYR E 210 -37.02 13.92 21.87
C TYR E 210 -36.71 12.59 22.54
N ARG E 211 -37.52 11.57 22.21
CA ARG E 211 -37.35 10.23 22.74
C ARG E 211 -37.11 9.23 21.62
N LEU E 212 -37.72 9.46 20.46
CA LEU E 212 -37.71 8.50 19.37
C LEU E 212 -37.29 9.17 18.06
N ILE E 213 -36.48 8.47 17.28
CA ILE E 213 -36.10 8.88 15.93
C ILE E 213 -36.56 7.79 14.99
N VAL E 214 -37.32 8.16 13.97
CA VAL E 214 -37.90 7.21 13.03
C VAL E 214 -37.33 7.47 11.65
N VAL E 215 -36.77 6.44 11.04
CA VAL E 215 -36.30 6.48 9.67
C VAL E 215 -37.09 5.44 8.89
N ASP E 216 -37.87 5.90 7.90
CA ASP E 216 -38.79 5.04 7.17
C ASP E 216 -38.73 5.43 5.70
N SER E 217 -37.98 4.67 4.90
CA SER E 217 -37.23 3.53 5.40
C SER E 217 -35.74 3.83 5.28
N ILE E 218 -34.93 3.02 5.96
CA ILE E 218 -33.50 3.34 6.05
C ILE E 218 -32.84 3.25 4.69
N MET E 219 -33.06 2.16 3.95
CA MET E 219 -32.32 1.89 2.73
C MET E 219 -33.08 2.27 1.46
N ALA E 220 -34.21 2.96 1.58
CA ALA E 220 -34.95 3.35 0.39
C ALA E 220 -34.09 4.19 -0.55
N ASN E 221 -33.46 5.24 -0.03
CA ASN E 221 -32.67 6.12 -0.87
C ASN E 221 -31.35 5.46 -1.26
N PHE E 222 -30.68 4.81 -0.32
CA PHE E 222 -29.39 4.19 -0.61
C PHE E 222 -29.52 3.17 -1.73
N ARG E 223 -30.68 2.53 -1.85
CA ARG E 223 -30.90 1.55 -2.90
C ARG E 223 -30.80 2.18 -4.27
N VAL E 224 -31.37 3.39 -4.43
CA VAL E 224 -31.45 4.01 -5.75
C VAL E 224 -30.15 4.71 -6.10
N ASP E 225 -29.59 5.49 -5.17
CA ASP E 225 -28.45 6.33 -5.49
C ASP E 225 -27.25 5.51 -5.91
N TYR E 226 -26.98 4.40 -5.23
CA TYR E 226 -25.83 3.55 -5.49
C TYR E 226 -26.32 2.26 -6.13
N CYS E 227 -26.15 2.13 -7.44
CA CYS E 227 -26.64 0.99 -8.19
C CYS E 227 -25.49 0.26 -8.85
N GLY E 228 -25.50 -1.07 -8.75
CA GLY E 228 -24.51 -1.89 -9.41
C GLY E 228 -23.43 -2.41 -8.48
N ARG E 229 -22.66 -3.36 -9.01
CA ARG E 229 -21.54 -3.90 -8.24
C ARG E 229 -20.52 -2.82 -7.92
N GLY E 230 -20.21 -1.97 -8.89
CA GLY E 230 -19.16 -0.98 -8.68
C GLY E 230 -19.46 -0.03 -7.54
N GLU E 231 -20.72 0.37 -7.39
CA GLU E 231 -21.12 1.30 -6.36
C GLU E 231 -21.57 0.60 -5.08
N LEU E 232 -21.54 -0.74 -5.04
CA LEU E 232 -21.94 -1.43 -3.82
C LEU E 232 -21.02 -1.09 -2.66
N SER E 233 -19.71 -1.11 -2.89
CA SER E 233 -18.77 -0.86 -1.80
C SER E 233 -18.97 0.53 -1.21
N GLU E 234 -19.17 1.53 -2.07
CA GLU E 234 -19.41 2.88 -1.59
C GLU E 234 -20.75 2.97 -0.86
N ARG E 235 -21.77 2.28 -1.37
CA ARG E 235 -23.07 2.33 -0.74
C ARG E 235 -23.01 1.86 0.71
N GLN E 236 -22.42 0.69 0.95
CA GLN E 236 -22.36 0.16 2.30
C GLN E 236 -21.52 1.05 3.21
N GLN E 237 -20.39 1.55 2.71
CA GLN E 237 -19.56 2.43 3.52
C GLN E 237 -20.33 3.68 3.93
N LYS E 238 -21.05 4.29 2.98
CA LYS E 238 -21.88 5.43 3.34
C LYS E 238 -22.98 5.02 4.30
N LEU E 239 -23.62 3.87 4.05
CA LEU E 239 -24.65 3.40 4.97
C LEU E 239 -24.09 3.14 6.35
N ASN E 240 -22.91 2.51 6.42
CA ASN E 240 -22.33 2.20 7.72
C ASN E 240 -22.09 3.46 8.53
N GLN E 241 -21.54 4.51 7.91
CA GLN E 241 -21.36 5.76 8.62
C GLN E 241 -22.69 6.35 9.04
N HIS E 242 -23.70 6.25 8.16
CA HIS E 242 -25.03 6.73 8.52
C HIS E 242 -25.59 5.99 9.71
N LEU E 243 -25.46 4.66 9.72
CA LEU E 243 -25.94 3.88 10.86
C LEU E 243 -25.13 4.19 12.11
N PHE E 244 -23.81 4.35 11.96
CA PHE E 244 -22.97 4.63 13.12
C PHE E 244 -23.38 5.93 13.79
N LYS E 245 -23.66 6.97 13.00
CA LYS E 245 -24.09 8.23 13.58
C LYS E 245 -25.43 8.09 14.29
N LEU E 246 -26.35 7.33 13.70
CA LEU E 246 -27.64 7.11 14.34
C LEU E 246 -27.47 6.42 15.68
N ASN E 247 -26.61 5.40 15.74
CA ASN E 247 -26.37 4.71 16.99
C ASN E 247 -25.79 5.65 18.03
N ARG E 248 -24.86 6.52 17.62
CA ARG E 248 -24.29 7.49 18.55
C ARG E 248 -25.35 8.42 19.09
N LEU E 249 -26.27 8.87 18.23
CA LEU E 249 -27.32 9.78 18.68
C LEU E 249 -28.18 9.13 19.76
N ALA E 250 -28.51 7.86 19.59
CA ALA E 250 -29.35 7.18 20.58
C ALA E 250 -28.68 7.12 21.94
N GLU E 251 -27.38 6.84 21.96
CA GLU E 251 -26.68 6.68 23.25
C GLU E 251 -26.61 8.00 24.00
N GLU E 252 -26.19 9.08 23.34
CA GLU E 252 -25.99 10.34 24.05
C GLU E 252 -27.31 10.92 24.54
N PHE E 253 -28.30 11.00 23.66
CA PHE E 253 -29.56 11.67 23.97
C PHE E 253 -30.62 10.73 24.51
N ASN E 254 -30.28 9.45 24.70
CA ASN E 254 -31.22 8.50 25.27
C ASN E 254 -32.49 8.38 24.44
N VAL E 255 -32.36 8.50 23.12
CA VAL E 255 -33.49 8.38 22.22
C VAL E 255 -33.47 6.99 21.60
N ALA E 256 -34.62 6.57 21.10
CA ALA E 256 -34.76 5.28 20.44
C ALA E 256 -34.77 5.49 18.93
N VAL E 257 -33.99 4.69 18.23
CA VAL E 257 -33.89 4.76 16.78
C VAL E 257 -34.68 3.60 16.19
N PHE E 258 -35.74 3.91 15.45
CA PHE E 258 -36.61 2.91 14.86
C PHE E 258 -36.46 2.96 13.35
N LEU E 259 -36.07 1.84 12.76
CA LEU E 259 -35.82 1.75 11.33
C LEU E 259 -36.76 0.73 10.70
N THR E 260 -37.39 1.11 9.60
CA THR E 260 -38.18 0.22 8.78
C THR E 260 -37.39 -0.12 7.53
N ASN E 261 -37.44 -1.38 7.12
CA ASN E 261 -36.61 -1.87 6.02
C ASN E 261 -37.45 -2.71 5.06
N GLN E 262 -37.02 -2.73 3.80
CA GLN E 262 -37.66 -3.52 2.78
C GLN E 262 -37.05 -4.93 2.74
N VAL E 263 -37.65 -5.79 1.94
CA VAL E 263 -37.18 -7.17 1.79
C VAL E 263 -36.95 -7.44 0.31
N GLN E 264 -36.24 -8.54 0.03
CA GLN E 264 -35.91 -8.94 -1.32
C GLN E 264 -36.03 -10.44 -1.46
N SER E 265 -36.31 -10.90 -2.67
CA SER E 265 -36.40 -12.32 -2.95
C SER E 265 -35.01 -12.87 -3.27
N ASP E 266 -34.75 -14.08 -2.78
CA ASP E 266 -33.45 -14.70 -2.98
C ASP E 266 -33.60 -15.87 -3.94
N PRO E 267 -33.45 -15.68 -5.24
CA PRO E 267 -33.56 -16.82 -6.16
C PRO E 267 -32.50 -17.88 -5.92
N GLY E 268 -31.36 -17.51 -5.35
CA GLY E 268 -30.30 -18.49 -5.14
C GLY E 268 -30.75 -19.64 -4.24
N ALA E 269 -31.48 -19.34 -3.19
CA ALA E 269 -31.96 -20.37 -2.27
C ALA E 269 -33.41 -20.72 -2.54
N GLY E 278 -40.61 -16.33 6.31
CA GLY E 278 -39.60 -15.30 6.48
C GLY E 278 -38.99 -14.84 5.17
N ARG E 279 -38.73 -13.53 5.07
CA ARG E 279 -38.18 -12.93 3.86
C ARG E 279 -36.77 -12.43 4.14
N LYS E 280 -35.96 -12.38 3.10
CA LYS E 280 -34.60 -11.89 3.24
C LYS E 280 -34.57 -10.37 3.22
N PRO E 281 -33.98 -9.72 4.22
CA PRO E 281 -33.95 -8.26 4.24
C PRO E 281 -32.85 -7.72 3.33
N ILE E 282 -32.92 -6.42 3.07
CA ILE E 282 -31.92 -5.74 2.28
C ILE E 282 -31.03 -4.93 3.21
N GLY E 283 -29.95 -4.39 2.65
CA GLY E 283 -28.98 -3.65 3.43
C GLY E 283 -27.70 -4.40 3.73
N GLY E 284 -27.67 -5.71 3.52
CA GLY E 284 -26.45 -6.45 3.70
C GLY E 284 -26.08 -6.63 5.15
N HIS E 285 -24.84 -7.06 5.36
CA HIS E 285 -24.37 -7.32 6.72
C HIS E 285 -24.18 -6.04 7.50
N VAL E 286 -23.89 -4.93 6.81
CA VAL E 286 -23.68 -3.67 7.50
C VAL E 286 -24.90 -3.30 8.33
N LEU E 287 -26.09 -3.49 7.77
CA LEU E 287 -27.31 -3.16 8.50
C LEU E 287 -27.60 -4.19 9.58
N ALA E 288 -27.33 -5.46 9.30
CA ALA E 288 -27.61 -6.50 10.28
C ALA E 288 -26.77 -6.32 11.54
N HIS E 289 -25.47 -6.06 11.36
CA HIS E 289 -24.61 -5.85 12.52
C HIS E 289 -25.00 -4.59 13.28
N ALA E 290 -25.26 -3.50 12.57
CA ALA E 290 -25.54 -2.24 13.24
C ALA E 290 -26.80 -2.32 14.09
N SER E 291 -27.84 -2.96 13.57
CA SER E 291 -29.11 -3.05 14.28
C SER E 291 -28.94 -3.93 15.52
N ALA E 292 -29.37 -3.40 16.67
CA ALA E 292 -29.34 -4.21 17.89
C ALA E 292 -30.52 -5.18 17.92
N THR E 293 -31.68 -4.75 17.45
CA THR E 293 -32.89 -5.56 17.44
C THR E 293 -33.49 -5.55 16.05
N ARG E 294 -33.95 -6.71 15.58
CA ARG E 294 -34.54 -6.84 14.26
C ARG E 294 -35.81 -7.69 14.38
N ILE E 295 -36.93 -7.13 13.95
CA ILE E 295 -38.21 -7.81 13.97
C ILE E 295 -38.66 -8.06 12.54
N LEU E 296 -39.06 -9.29 12.26
CA LEU E 296 -39.56 -9.68 10.95
C LEU E 296 -41.07 -9.74 10.99
N LEU E 297 -41.73 -9.04 10.06
CA LEU E 297 -43.17 -8.98 10.00
C LEU E 297 -43.65 -9.72 8.77
N ARG E 298 -44.66 -10.57 8.95
CA ARG E 298 -45.22 -11.38 7.87
C ARG E 298 -46.73 -11.18 7.81
N LYS E 299 -47.28 -11.47 6.63
CA LYS E 299 -48.73 -11.47 6.49
C LYS E 299 -49.31 -12.73 7.12
N GLY E 300 -50.51 -12.59 7.70
CA GLY E 300 -51.20 -13.72 8.28
C GLY E 300 -52.61 -13.80 7.76
N ARG E 301 -53.37 -14.75 8.32
CA ARG E 301 -54.76 -14.92 7.95
C ARG E 301 -55.52 -13.62 8.17
N GLY E 302 -56.32 -13.21 7.19
CA GLY E 302 -57.07 -11.98 7.30
C GLY E 302 -56.18 -10.78 7.56
N ASP E 303 -56.55 -9.94 8.52
CA ASP E 303 -55.78 -8.76 8.85
C ASP E 303 -54.70 -9.03 9.89
N GLU E 304 -54.56 -10.27 10.35
CA GLU E 304 -53.54 -10.59 11.34
C GLU E 304 -52.15 -10.60 10.71
N ARG E 305 -51.17 -10.15 11.49
CA ARG E 305 -49.78 -10.17 11.09
C ARG E 305 -48.99 -10.95 12.11
N VAL E 306 -47.86 -11.51 11.68
CA VAL E 306 -46.99 -12.31 12.54
C VAL E 306 -45.64 -11.61 12.64
N ALA E 307 -45.22 -11.31 13.85
CA ALA E 307 -43.95 -10.66 14.11
C ALA E 307 -43.01 -11.62 14.83
N LYS E 308 -41.80 -11.77 14.29
CA LYS E 308 -40.81 -12.67 14.87
C LYS E 308 -39.54 -11.88 15.15
N LEU E 309 -38.96 -12.10 16.33
CA LEU E 309 -37.79 -11.35 16.79
C LEU E 309 -36.54 -12.07 16.33
N GLN E 310 -35.98 -11.65 15.20
CA GLN E 310 -34.82 -12.34 14.65
C GLN E 310 -33.57 -12.11 15.50
N ASP E 311 -33.29 -10.86 15.88
CA ASP E 311 -32.07 -10.53 16.58
C ASP E 311 -32.39 -9.54 17.69
N SER E 312 -31.90 -9.82 18.89
CA SER E 312 -32.08 -8.95 20.04
C SER E 312 -30.94 -9.19 21.01
N PRO E 313 -30.37 -8.13 21.59
CA PRO E 313 -29.25 -8.35 22.52
C PRO E 313 -29.67 -8.91 23.86
N ASP E 314 -30.95 -8.79 24.22
CA ASP E 314 -31.39 -9.10 25.58
C ASP E 314 -32.64 -9.96 25.64
N MET E 315 -33.23 -10.35 24.51
CA MET E 315 -34.42 -11.17 24.56
C MET E 315 -34.31 -12.35 23.61
N PRO E 316 -34.95 -13.47 23.93
CA PRO E 316 -34.88 -14.65 23.07
C PRO E 316 -35.83 -14.55 21.90
N GLU E 317 -35.61 -15.43 20.92
CA GLU E 317 -36.48 -15.47 19.75
C GLU E 317 -37.90 -15.83 20.16
N LYS E 318 -38.87 -15.14 19.57
CA LYS E 318 -40.28 -15.39 19.85
C LYS E 318 -41.11 -14.88 18.69
N GLU E 319 -42.37 -15.29 18.66
CA GLU E 319 -43.33 -14.83 17.68
C GLU E 319 -44.61 -14.39 18.37
N CYS E 320 -45.22 -13.33 17.83
CA CYS E 320 -46.49 -12.83 18.33
C CYS E 320 -47.37 -12.48 17.15
N VAL E 321 -48.67 -12.35 17.42
CA VAL E 321 -49.66 -12.01 16.41
C VAL E 321 -50.25 -10.66 16.76
N TYR E 322 -50.23 -9.73 15.81
CA TYR E 322 -50.77 -8.39 16.00
C TYR E 322 -51.65 -8.03 14.82
N VAL E 323 -52.46 -6.98 15.02
CA VAL E 323 -53.43 -6.54 14.04
C VAL E 323 -53.25 -5.05 13.82
N ILE E 324 -53.60 -4.60 12.62
CA ILE E 324 -53.57 -3.19 12.26
C ILE E 324 -55.00 -2.69 12.27
N GLY E 325 -55.36 -1.91 13.29
CA GLY E 325 -56.70 -1.41 13.45
C GLY E 325 -56.76 0.10 13.50
N GLU E 326 -57.88 0.60 14.02
CA GLU E 326 -58.09 2.04 14.10
C GLU E 326 -57.01 2.70 14.95
N LYS E 327 -56.65 2.09 16.07
CA LYS E 327 -55.64 2.63 16.97
C LYS E 327 -54.23 2.24 16.56
N GLY E 328 -54.01 1.85 15.32
CA GLY E 328 -52.68 1.49 14.87
C GLY E 328 -52.40 0.03 15.14
N ILE E 329 -51.15 -0.28 15.46
CA ILE E 329 -50.78 -1.64 15.82
C ILE E 329 -51.44 -2.00 17.14
N THR E 330 -52.12 -3.13 17.18
CA THR E 330 -52.81 -3.57 18.38
C THR E 330 -52.87 -5.09 18.40
N ASP E 331 -53.12 -5.63 19.59
CA ASP E 331 -53.25 -7.07 19.74
C ASP E 331 -54.50 -7.56 19.01
N SER E 332 -54.48 -8.84 18.62
CA SER E 332 -55.58 -9.40 17.85
C SER E 332 -56.91 -9.20 18.58
N SER E 333 -56.96 -9.56 19.86
CA SER E 333 -58.17 -9.30 20.65
C SER E 333 -58.38 -7.81 20.82
N ASP E 334 -57.31 -7.06 21.04
CA ASP E 334 -57.40 -5.61 21.23
C ASP E 334 -57.75 -4.91 19.93
N ILE F 16 -44.93 26.40 -8.07
CA ILE F 16 -43.76 25.77 -8.65
C ILE F 16 -42.75 26.83 -9.06
N LEU F 17 -41.49 26.60 -8.73
CA LEU F 17 -40.40 27.53 -9.03
C LEU F 17 -39.49 26.92 -10.08
N SER F 18 -39.36 27.61 -11.21
CA SER F 18 -38.48 27.15 -12.28
C SER F 18 -37.02 27.39 -11.91
N VAL F 19 -36.15 26.60 -12.54
CA VAL F 19 -34.71 26.75 -12.30
C VAL F 19 -34.25 28.14 -12.70
N ASP F 20 -35.00 28.83 -13.55
CA ASP F 20 -34.61 30.17 -13.95
C ASP F 20 -34.47 31.09 -12.73
N GLU F 21 -35.24 30.82 -11.68
CA GLU F 21 -35.07 31.57 -10.45
C GLU F 21 -33.64 31.47 -9.93
N LEU F 22 -32.97 30.35 -10.24
CA LEU F 22 -31.59 30.18 -9.82
C LEU F 22 -30.68 31.20 -10.49
N GLN F 23 -31.13 31.81 -11.58
CA GLN F 23 -30.35 32.85 -12.24
C GLN F 23 -30.09 34.04 -11.32
N ASN F 24 -31.11 34.43 -10.55
CA ASN F 24 -30.98 35.61 -9.69
C ASN F 24 -29.86 35.43 -8.67
N TYR F 25 -29.71 34.21 -8.14
CA TYR F 25 -28.80 34.02 -7.01
C TYR F 25 -27.36 33.83 -7.45
N GLY F 26 -27.10 33.83 -8.76
CA GLY F 26 -25.73 33.83 -9.22
C GLY F 26 -25.36 32.73 -10.20
N ILE F 27 -26.35 32.00 -10.68
CA ILE F 27 -26.11 30.93 -11.64
C ILE F 27 -26.17 31.51 -13.05
N ASN F 28 -25.07 31.40 -13.78
CA ASN F 28 -25.00 31.94 -15.13
C ASN F 28 -25.97 31.20 -16.04
N ALA F 29 -26.44 31.89 -17.08
CA ALA F 29 -27.42 31.30 -17.99
C ALA F 29 -26.86 30.06 -18.67
N SER F 30 -25.53 30.00 -18.84
CA SER F 30 -24.94 28.83 -19.49
C SER F 30 -25.18 27.57 -18.67
N ASP F 31 -24.97 27.64 -17.36
CA ASP F 31 -25.19 26.47 -16.52
C ASP F 31 -26.65 26.06 -16.51
N LEU F 32 -27.56 27.04 -16.41
CA LEU F 32 -28.98 26.72 -16.39
C LEU F 32 -29.38 25.87 -17.58
N GLN F 33 -28.82 26.17 -18.76
CA GLN F 33 -29.09 25.35 -19.93
C GLN F 33 -28.57 23.94 -19.73
N LYS F 34 -27.37 23.81 -19.16
CA LYS F 34 -26.83 22.49 -18.88
C LYS F 34 -27.73 21.70 -17.94
N LEU F 35 -28.21 22.35 -16.88
CA LEU F 35 -29.20 21.70 -16.03
C LEU F 35 -30.47 21.39 -16.82
N LYS F 36 -30.99 22.37 -17.55
CA LYS F 36 -32.16 22.12 -18.38
C LYS F 36 -31.90 21.01 -19.38
N SER F 37 -30.63 20.84 -19.79
CA SER F 37 -30.29 19.72 -20.64
C SER F 37 -30.52 18.39 -19.92
N GLY F 38 -30.24 18.35 -18.62
CA GLY F 38 -30.39 17.13 -17.85
C GLY F 38 -31.80 16.93 -17.35
N GLY F 39 -32.74 17.73 -17.84
CA GLY F 39 -34.13 17.58 -17.45
C GLY F 39 -34.46 18.12 -16.09
N ILE F 40 -33.66 19.06 -15.58
CA ILE F 40 -33.91 19.65 -14.26
C ILE F 40 -34.50 21.03 -14.43
N TYR F 41 -35.82 21.13 -14.44
CA TYR F 41 -36.50 22.37 -14.74
C TYR F 41 -37.11 23.05 -13.52
N THR F 42 -36.93 22.51 -12.33
CA THR F 42 -37.55 23.08 -11.14
C THR F 42 -36.52 23.18 -10.03
N VAL F 43 -36.75 24.13 -9.13
CA VAL F 43 -35.87 24.29 -7.97
C VAL F 43 -35.90 23.01 -7.13
N ASN F 44 -37.09 22.47 -6.89
CA ASN F 44 -37.21 21.26 -6.08
C ASN F 44 -36.37 20.14 -6.67
N THR F 45 -36.39 19.98 -7.99
CA THR F 45 -35.62 18.91 -8.61
C THR F 45 -34.13 19.09 -8.34
N VAL F 46 -33.68 20.33 -8.21
CA VAL F 46 -32.28 20.57 -7.87
C VAL F 46 -31.97 20.04 -6.48
N LEU F 47 -32.83 20.35 -5.51
CA LEU F 47 -32.62 19.87 -4.16
C LEU F 47 -32.73 18.35 -4.09
N SER F 48 -33.73 17.78 -4.78
CA SER F 48 -33.92 16.34 -4.73
C SER F 48 -32.75 15.60 -5.38
N THR F 49 -32.24 16.11 -6.48
CA THR F 49 -31.14 15.44 -7.18
C THR F 49 -29.89 15.46 -6.32
N THR F 50 -29.22 14.31 -6.25
CA THR F 50 -27.99 14.21 -5.47
C THR F 50 -26.87 14.97 -6.15
N ARG F 51 -25.91 15.45 -5.35
CA ARG F 51 -24.77 16.16 -5.91
C ARG F 51 -23.99 15.30 -6.88
N ARG F 52 -23.76 14.03 -6.52
CA ARG F 52 -23.01 13.15 -7.40
C ARG F 52 -23.71 12.97 -8.74
N HIS F 53 -25.05 13.09 -8.76
CA HIS F 53 -25.78 13.00 -10.02
C HIS F 53 -25.60 14.26 -10.85
N LEU F 54 -25.66 15.43 -10.20
CA LEU F 54 -25.47 16.67 -10.95
C LEU F 54 -24.10 16.73 -11.59
N CYS F 55 -23.06 16.32 -10.86
CA CYS F 55 -21.73 16.25 -11.45
C CYS F 55 -21.72 15.32 -12.66
N LYS F 56 -22.65 14.38 -12.71
CA LYS F 56 -22.74 13.50 -13.87
C LYS F 56 -23.13 14.28 -15.12
N ILE F 57 -23.88 15.37 -14.95
CA ILE F 57 -24.29 16.18 -16.09
C ILE F 57 -23.06 16.70 -16.81
N LYS F 58 -23.11 16.67 -18.15
CA LYS F 58 -21.99 17.14 -18.94
C LYS F 58 -21.77 18.63 -18.74
N GLY F 59 -20.50 19.02 -18.71
CA GLY F 59 -20.14 20.41 -18.58
C GLY F 59 -20.46 21.02 -17.23
N LEU F 60 -20.72 20.17 -16.24
CA LEU F 60 -20.98 20.61 -14.88
C LEU F 60 -19.85 20.14 -13.97
N SER F 61 -19.15 21.09 -13.36
CA SER F 61 -18.08 20.76 -12.43
C SER F 61 -18.62 20.74 -10.99
N GLU F 62 -17.89 20.03 -10.13
CA GLU F 62 -18.29 19.95 -8.73
C GLU F 62 -18.47 21.34 -8.13
N VAL F 63 -17.57 22.27 -8.48
CA VAL F 63 -17.72 23.64 -8.01
C VAL F 63 -19.00 24.24 -8.54
N LYS F 64 -19.29 24.05 -9.82
CA LYS F 64 -20.56 24.51 -10.37
C LYS F 64 -21.73 23.81 -9.70
N VAL F 65 -21.64 22.49 -9.53
CA VAL F 65 -22.70 21.76 -8.84
C VAL F 65 -22.84 22.26 -7.41
N GLU F 66 -21.72 22.44 -6.72
CA GLU F 66 -21.77 22.95 -5.35
C GLU F 66 -22.47 24.30 -5.31
N LYS F 67 -22.06 25.23 -6.16
CA LYS F 67 -22.66 26.56 -6.16
C LYS F 67 -24.15 26.50 -6.43
N ILE F 68 -24.56 25.55 -7.28
CA ILE F 68 -25.99 25.42 -7.60
C ILE F 68 -26.79 25.07 -6.35
N LYS F 69 -26.27 24.14 -5.55
CA LYS F 69 -27.07 23.61 -4.45
C LYS F 69 -27.39 24.68 -3.42
N GLU F 70 -26.38 25.40 -2.93
CA GLU F 70 -26.64 26.41 -1.90
C GLU F 70 -27.53 27.51 -2.46
N ALA F 71 -27.35 27.85 -3.74
CA ALA F 71 -28.25 28.80 -4.37
C ALA F 71 -29.69 28.31 -4.32
N ALA F 72 -29.89 27.02 -4.63
CA ALA F 72 -31.22 26.44 -4.49
C ALA F 72 -31.67 26.46 -3.02
N GLY F 73 -30.76 26.16 -2.11
CA GLY F 73 -31.12 26.18 -0.70
C GLY F 73 -31.63 27.53 -0.25
N LYS F 74 -31.04 28.61 -0.77
CA LYS F 74 -31.50 29.95 -0.42
C LYS F 74 -32.95 30.18 -0.82
N ILE F 75 -33.46 29.46 -1.80
CA ILE F 75 -34.81 29.66 -2.32
C ILE F 75 -35.83 28.81 -1.55
N ILE F 76 -35.57 27.51 -1.43
CA ILE F 76 -36.44 26.58 -0.74
C ILE F 76 -35.67 25.95 0.41
N GLN F 77 -36.25 25.97 1.60
CA GLN F 77 -35.63 25.42 2.78
C GLN F 77 -36.28 24.07 3.10
N VAL F 78 -35.46 23.02 3.15
CA VAL F 78 -35.92 21.67 3.44
C VAL F 78 -35.29 21.23 4.76
N GLY F 79 -36.13 20.85 5.71
CA GLY F 79 -35.65 20.43 7.02
C GLY F 79 -36.83 20.04 7.88
N PHE F 80 -36.52 19.68 9.12
CA PHE F 80 -37.57 19.27 10.04
C PHE F 80 -38.56 20.39 10.27
N ILE F 81 -39.84 20.05 10.22
CA ILE F 81 -40.91 21.00 10.50
C ILE F 81 -42.01 20.31 11.29
N PRO F 82 -42.76 21.09 12.07
CA PRO F 82 -43.82 20.50 12.89
C PRO F 82 -44.82 19.74 12.03
N ALA F 83 -45.28 18.61 12.56
CA ALA F 83 -46.26 17.81 11.82
C ALA F 83 -47.51 18.62 11.52
N THR F 84 -47.84 19.58 12.38
CA THR F 84 -48.99 20.44 12.11
C THR F 84 -48.79 21.20 10.81
N VAL F 85 -47.58 21.71 10.57
CA VAL F 85 -47.30 22.38 9.31
C VAL F 85 -47.45 21.41 8.14
N GLN F 86 -46.89 20.21 8.29
CA GLN F 86 -46.98 19.22 7.22
C GLN F 86 -48.43 18.84 6.95
N LEU F 87 -49.30 18.99 7.95
CA LEU F 87 -50.71 18.73 7.72
C LEU F 87 -51.31 19.73 6.74
N ASP F 88 -50.95 21.00 6.88
CA ASP F 88 -51.45 22.01 5.95
C ASP F 88 -50.94 21.76 4.54
N ILE F 89 -49.65 21.43 4.41
CA ILE F 89 -49.12 21.09 3.09
C ILE F 89 -49.85 19.89 2.52
N ARG F 90 -50.11 18.89 3.36
CA ARG F 90 -50.89 17.73 2.91
C ARG F 90 -52.28 18.13 2.46
N GLN F 91 -52.75 19.31 2.88
CA GLN F 91 -54.11 19.72 2.56
C GLN F 91 -54.29 19.94 1.07
N ARG F 92 -53.22 20.20 0.34
CA ARG F 92 -53.32 20.47 -1.09
C ARG F 92 -53.54 19.22 -1.92
N VAL F 93 -53.51 18.04 -1.29
CA VAL F 93 -53.65 16.79 -2.04
C VAL F 93 -54.99 16.77 -2.77
N TYR F 94 -55.01 16.13 -3.93
CA TYR F 94 -56.21 15.95 -4.73
C TYR F 94 -56.67 14.50 -4.66
N SER F 95 -57.98 14.32 -4.67
CA SER F 95 -58.60 13.00 -4.75
C SER F 95 -59.34 12.90 -6.07
N LEU F 96 -58.82 12.09 -6.98
CA LEU F 96 -59.36 11.95 -8.32
C LEU F 96 -60.39 10.83 -8.34
N SER F 97 -61.63 11.17 -8.67
CA SER F 97 -62.70 10.19 -8.69
C SER F 97 -62.37 9.05 -9.65
N THR F 98 -62.59 7.82 -9.20
CA THR F 98 -62.39 6.65 -10.03
C THR F 98 -63.61 6.32 -10.87
N GLY F 99 -64.71 7.05 -10.68
CA GLY F 99 -65.95 6.79 -11.38
C GLY F 99 -66.91 5.91 -10.61
N SER F 100 -66.42 5.17 -9.63
CA SER F 100 -67.24 4.33 -8.77
C SER F 100 -67.26 4.92 -7.37
N LYS F 101 -68.46 5.31 -6.92
CA LYS F 101 -68.57 5.91 -5.60
C LYS F 101 -68.13 4.95 -4.51
N GLN F 102 -68.55 3.68 -4.60
CA GLN F 102 -68.11 2.71 -3.62
C GLN F 102 -66.60 2.54 -3.64
N LEU F 103 -66.02 2.46 -4.84
CA LEU F 103 -64.56 2.37 -4.92
C LEU F 103 -63.90 3.63 -4.39
N ASP F 104 -64.52 4.78 -4.62
CA ASP F 104 -63.99 6.02 -4.07
C ASP F 104 -64.01 6.00 -2.54
N SER F 105 -65.10 5.50 -1.96
CA SER F 105 -65.23 5.50 -0.51
C SER F 105 -64.14 4.66 0.15
N ILE F 106 -63.88 3.46 -0.37
CA ILE F 106 -62.87 2.61 0.24
C ILE F 106 -61.49 3.23 0.09
N LEU F 107 -61.25 3.91 -1.04
CA LEU F 107 -59.99 4.59 -1.25
C LEU F 107 -59.89 5.90 -0.50
N GLY F 108 -60.97 6.36 0.11
CA GLY F 108 -60.98 7.62 0.83
C GLY F 108 -61.31 8.84 -0.01
N GLY F 109 -61.79 8.66 -1.23
CA GLY F 109 -62.13 9.77 -2.08
C GLY F 109 -61.72 9.56 -3.52
N GLY F 110 -60.90 8.54 -3.76
CA GLY F 110 -60.39 8.22 -5.08
C GLY F 110 -58.89 8.13 -5.05
N ILE F 111 -58.28 8.29 -6.21
CA ILE F 111 -56.82 8.31 -6.31
C ILE F 111 -56.30 9.61 -5.72
N MET F 112 -55.22 9.51 -4.95
CA MET F 112 -54.68 10.64 -4.22
C MET F 112 -53.36 11.08 -4.85
N THR F 113 -53.22 12.38 -5.08
CA THR F 113 -52.00 12.91 -5.66
C THR F 113 -50.85 12.80 -4.67
N MET F 114 -49.63 12.97 -5.19
CA MET F 114 -48.39 12.83 -4.43
C MET F 114 -48.19 11.40 -3.96
N SER F 115 -48.88 10.42 -4.54
CA SER F 115 -48.73 9.04 -4.18
C SER F 115 -48.88 8.18 -5.42
N ILE F 116 -48.28 6.99 -5.38
CA ILE F 116 -48.33 6.04 -6.48
C ILE F 116 -49.44 5.04 -6.20
N THR F 117 -50.37 4.91 -7.15
CA THR F 117 -51.47 3.96 -7.04
C THR F 117 -51.32 2.90 -8.11
N GLU F 118 -51.42 1.64 -7.73
CA GLU F 118 -51.26 0.52 -8.64
C GLU F 118 -52.49 -0.39 -8.54
N VAL F 119 -53.04 -0.76 -9.69
CA VAL F 119 -54.14 -1.70 -9.78
C VAL F 119 -53.69 -2.88 -10.64
N PHE F 120 -53.86 -4.09 -10.12
CA PHE F 120 -53.42 -5.28 -10.82
C PHE F 120 -54.54 -6.32 -10.77
N GLY F 121 -54.52 -7.23 -11.74
CA GLY F 121 -55.51 -8.29 -11.77
C GLY F 121 -55.45 -9.01 -13.09
N GLU F 122 -56.41 -9.93 -13.27
CA GLU F 122 -56.52 -10.69 -14.50
C GLU F 122 -56.89 -9.76 -15.65
N PHE F 123 -56.89 -10.32 -16.86
CA PHE F 123 -57.36 -9.58 -18.02
C PHE F 123 -58.84 -9.23 -17.84
N ARG F 124 -59.33 -8.33 -18.70
CA ARG F 124 -60.71 -7.87 -18.73
C ARG F 124 -61.20 -7.40 -17.37
N CYS F 125 -60.30 -7.06 -16.45
CA CYS F 125 -60.68 -6.66 -15.10
C CYS F 125 -60.95 -5.17 -14.99
N GLY F 126 -60.70 -4.40 -16.05
CA GLY F 126 -60.97 -2.99 -16.03
C GLY F 126 -59.77 -2.10 -15.78
N LYS F 127 -58.56 -2.66 -15.73
CA LYS F 127 -57.39 -1.83 -15.49
C LYS F 127 -57.26 -0.72 -16.53
N THR F 128 -57.34 -1.08 -17.81
CA THR F 128 -57.26 -0.07 -18.86
C THR F 128 -58.51 0.79 -18.89
N GLN F 129 -59.68 0.19 -18.60
CA GLN F 129 -60.91 0.97 -18.56
C GLN F 129 -60.85 2.01 -17.45
N MET F 130 -60.32 1.64 -16.29
CA MET F 130 -60.17 2.60 -15.21
C MET F 130 -59.23 3.74 -15.60
N SER F 131 -58.13 3.40 -16.29
CA SER F 131 -57.20 4.44 -16.73
C SER F 131 -57.88 5.45 -17.62
N HIS F 132 -58.73 4.98 -18.54
CA HIS F 132 -59.46 5.90 -19.41
C HIS F 132 -60.46 6.72 -18.61
N THR F 133 -61.12 6.09 -17.63
CA THR F 133 -62.05 6.84 -16.80
C THR F 133 -61.35 7.96 -16.04
N LEU F 134 -60.19 7.66 -15.47
CA LEU F 134 -59.43 8.68 -14.77
C LEU F 134 -59.06 9.83 -15.69
N CYS F 135 -58.88 9.56 -16.98
CA CYS F 135 -58.55 10.61 -17.93
C CYS F 135 -59.65 11.65 -17.99
N VAL F 136 -60.91 11.21 -17.99
CA VAL F 136 -62.02 12.14 -18.06
C VAL F 136 -62.27 12.78 -16.70
N THR F 137 -62.33 11.95 -15.65
CA THR F 137 -62.67 12.47 -14.33
C THR F 137 -61.64 13.49 -13.85
N THR F 138 -60.37 13.23 -14.11
CA THR F 138 -59.33 14.17 -13.69
C THR F 138 -59.62 15.58 -14.17
N GLN F 139 -60.20 15.71 -15.36
CA GLN F 139 -60.50 17.03 -15.90
C GLN F 139 -61.71 17.67 -15.23
N LEU F 140 -62.49 16.90 -14.46
CA LEU F 140 -63.59 17.47 -13.73
C LEU F 140 -63.07 18.42 -12.65
N PRO F 141 -63.78 19.51 -12.38
CA PRO F 141 -63.32 20.44 -11.35
C PRO F 141 -63.35 19.81 -9.97
N ARG F 142 -62.43 20.24 -9.11
CA ARG F 142 -62.49 19.84 -7.72
C ARG F 142 -63.88 20.13 -7.16
N GLU F 143 -64.25 19.39 -6.12
CA GLU F 143 -65.58 19.33 -5.52
C GLU F 143 -66.53 18.47 -6.34
N MET F 144 -66.09 17.98 -7.50
CA MET F 144 -66.86 17.04 -8.31
C MET F 144 -66.10 15.75 -8.54
N GLY F 145 -65.02 15.51 -7.79
CA GLY F 145 -64.23 14.32 -7.94
C GLY F 145 -62.99 14.47 -8.80
N GLY F 146 -62.84 15.58 -9.50
CA GLY F 146 -61.70 15.76 -10.37
C GLY F 146 -60.73 16.81 -9.89
N GLY F 147 -59.57 16.85 -10.54
CA GLY F 147 -58.52 17.80 -10.23
C GLY F 147 -58.42 18.97 -11.17
N GLU F 148 -59.21 19.01 -12.24
CA GLU F 148 -59.18 20.12 -13.20
C GLU F 148 -57.77 20.37 -13.71
N GLY F 149 -57.21 19.39 -14.42
CA GLY F 149 -55.87 19.52 -14.95
C GLY F 149 -55.64 18.53 -16.08
N LYS F 150 -54.49 18.69 -16.73
CA LYS F 150 -54.14 17.81 -17.84
C LYS F 150 -53.76 16.42 -17.33
N VAL F 151 -53.76 15.46 -18.25
CA VAL F 151 -53.42 14.08 -17.95
C VAL F 151 -52.31 13.64 -18.88
N ALA F 152 -51.24 13.08 -18.31
CA ALA F 152 -50.13 12.52 -19.07
C ALA F 152 -50.32 11.02 -19.11
N TYR F 153 -50.43 10.46 -20.31
CA TYR F 153 -50.73 9.05 -20.50
C TYR F 153 -49.55 8.38 -21.18
N ILE F 154 -49.01 7.35 -20.54
CA ILE F 154 -47.93 6.53 -21.10
C ILE F 154 -48.49 5.14 -21.37
N ASP F 155 -48.40 4.71 -22.62
CA ASP F 155 -48.99 3.44 -23.04
C ASP F 155 -47.89 2.44 -23.37
N THR F 156 -47.95 1.28 -22.73
CA THR F 156 -47.10 0.16 -23.09
C THR F 156 -47.87 -1.04 -23.61
N GLU F 157 -49.14 -1.19 -23.19
CA GLU F 157 -49.98 -2.24 -23.75
C GLU F 157 -50.34 -1.93 -25.20
N GLY F 158 -50.39 -0.65 -25.55
CA GLY F 158 -50.83 -0.25 -26.87
C GLY F 158 -52.33 -0.19 -27.04
N THR F 159 -53.09 -0.21 -25.96
CA THR F 159 -54.54 -0.26 -26.01
C THR F 159 -55.21 1.10 -25.79
N PHE F 160 -54.45 2.19 -25.82
CA PHE F 160 -55.05 3.50 -25.68
C PHE F 160 -56.09 3.72 -26.77
N ARG F 161 -57.27 4.17 -26.36
CA ARG F 161 -58.38 4.35 -27.31
C ARG F 161 -58.97 5.74 -27.16
N PRO F 162 -58.48 6.72 -27.92
CA PRO F 162 -59.03 8.08 -27.80
C PRO F 162 -60.53 8.13 -28.00
N GLU F 163 -61.08 7.32 -28.90
CA GLU F 163 -62.54 7.30 -29.08
C GLU F 163 -63.23 6.86 -27.81
N ARG F 164 -62.58 5.99 -27.02
CA ARG F 164 -63.16 5.60 -25.74
C ARG F 164 -63.29 6.78 -24.80
N ILE F 165 -62.26 7.64 -24.74
CA ILE F 165 -62.31 8.81 -23.88
C ILE F 165 -63.45 9.72 -24.28
N LYS F 166 -63.63 9.95 -25.58
CA LYS F 166 -64.72 10.79 -26.04
C LYS F 166 -66.07 10.23 -25.58
N GLN F 167 -66.24 8.92 -25.66
CA GLN F 167 -67.50 8.33 -25.24
C GLN F 167 -67.74 8.55 -23.75
N ILE F 168 -66.69 8.38 -22.93
CA ILE F 168 -66.83 8.62 -21.50
C ILE F 168 -67.15 10.08 -21.23
N ALA F 169 -66.44 11.00 -21.90
CA ALA F 169 -66.68 12.42 -21.67
C ALA F 169 -68.14 12.77 -21.92
N GLU F 170 -68.77 12.11 -22.89
CA GLU F 170 -70.19 12.36 -23.13
C GLU F 170 -71.02 11.97 -21.91
N GLY F 171 -70.67 10.86 -21.27
CA GLY F 171 -71.42 10.45 -20.10
C GLY F 171 -71.37 11.49 -18.98
N TYR F 172 -70.22 12.15 -18.83
CA TYR F 172 -70.07 13.20 -17.82
C TYR F 172 -70.55 14.55 -18.32
N GLU F 173 -71.01 14.64 -19.57
CA GLU F 173 -71.59 15.86 -20.11
C GLU F 173 -70.57 17.00 -20.15
N LEU F 174 -69.38 16.70 -20.65
CA LEU F 174 -68.36 17.70 -20.89
C LEU F 174 -67.88 17.58 -22.34
N ASP F 175 -67.30 18.66 -22.85
CA ASP F 175 -66.93 18.70 -24.25
C ASP F 175 -65.90 17.61 -24.55
N PRO F 176 -66.17 16.72 -25.50
CA PRO F 176 -65.22 15.62 -25.78
C PRO F 176 -63.90 16.11 -26.34
N GLU F 177 -63.94 16.91 -27.42
CA GLU F 177 -62.69 17.33 -28.06
C GLU F 177 -61.84 18.15 -27.11
N SER F 178 -62.45 19.05 -26.33
CA SER F 178 -61.70 19.74 -25.30
C SER F 178 -61.15 18.77 -24.28
N CYS F 179 -61.94 17.75 -23.92
CA CYS F 179 -61.46 16.72 -23.01
C CYS F 179 -60.24 16.00 -23.58
N LEU F 180 -60.30 15.64 -24.87
CA LEU F 180 -59.16 14.96 -25.49
C LEU F 180 -57.95 15.87 -25.54
N ALA F 181 -58.15 17.16 -25.81
CA ALA F 181 -57.03 18.07 -25.96
C ALA F 181 -56.14 18.08 -24.72
N ASN F 182 -56.74 17.92 -23.55
CA ASN F 182 -56.02 17.99 -22.29
C ASN F 182 -55.35 16.67 -21.91
N VAL F 183 -55.17 15.75 -22.84
CA VAL F 183 -54.54 14.47 -22.58
C VAL F 183 -53.29 14.36 -23.45
N SER F 184 -52.15 14.16 -22.81
CA SER F 184 -50.89 13.94 -23.49
C SER F 184 -50.61 12.45 -23.56
N TYR F 185 -50.44 11.93 -24.78
CA TYR F 185 -50.30 10.50 -25.00
C TYR F 185 -48.90 10.21 -25.51
N ALA F 186 -48.28 9.17 -24.96
CA ALA F 186 -46.98 8.70 -25.41
C ALA F 186 -46.99 7.18 -25.45
N ARG F 187 -46.39 6.62 -26.49
CA ARG F 187 -46.30 5.17 -26.65
C ARG F 187 -44.89 4.71 -26.31
N ALA F 188 -44.76 3.97 -25.22
CA ALA F 188 -43.47 3.49 -24.74
C ALA F 188 -43.12 2.23 -25.51
N LEU F 189 -42.18 2.35 -26.46
CA LEU F 189 -41.84 1.22 -27.32
C LEU F 189 -41.06 0.15 -26.55
N ASN F 190 -40.14 0.57 -25.68
CA ASN F 190 -39.34 -0.36 -24.92
C ASN F 190 -39.09 0.22 -23.52
N SER F 191 -38.48 -0.59 -22.67
CA SER F 191 -38.22 -0.14 -21.30
C SER F 191 -37.33 1.09 -21.28
N GLU F 192 -36.27 1.10 -22.10
CA GLU F 192 -35.38 2.25 -22.15
C GLU F 192 -36.15 3.49 -22.60
N HIS F 193 -36.99 3.35 -23.62
CA HIS F 193 -37.81 4.47 -24.05
C HIS F 193 -38.78 4.89 -22.95
N GLN F 194 -39.39 3.92 -22.28
CA GLN F 194 -40.36 4.25 -21.23
C GLN F 194 -39.70 5.04 -20.12
N MET F 195 -38.50 4.62 -19.69
CA MET F 195 -37.81 5.36 -18.65
C MET F 195 -37.48 6.78 -19.10
N GLU F 196 -37.07 6.94 -20.36
CA GLU F 196 -36.75 8.27 -20.86
C GLU F 196 -37.97 9.18 -20.83
N LEU F 197 -39.12 8.68 -21.26
CA LEU F 197 -40.33 9.51 -21.24
C LEU F 197 -40.60 10.06 -19.86
N VAL F 198 -40.42 9.23 -18.82
CA VAL F 198 -40.68 9.69 -17.46
C VAL F 198 -39.71 10.81 -17.08
N GLU F 199 -38.44 10.65 -17.43
CA GLU F 199 -37.44 11.66 -17.06
C GLU F 199 -37.76 13.02 -17.64
N GLN F 200 -38.21 13.06 -18.89
CA GLN F 200 -38.55 14.31 -19.55
C GLN F 200 -39.96 14.79 -19.23
N LEU F 201 -40.70 14.06 -18.39
CA LEU F 201 -41.98 14.57 -17.93
C LEU F 201 -41.81 15.83 -17.10
N GLY F 202 -40.61 16.03 -16.55
CA GLY F 202 -40.36 17.25 -15.80
C GLY F 202 -40.61 18.49 -16.63
N GLU F 203 -40.24 18.44 -17.91
CA GLU F 203 -40.43 19.61 -18.77
C GLU F 203 -41.91 19.93 -18.93
N GLU F 204 -42.71 18.94 -19.31
CA GLU F 204 -44.13 19.20 -19.53
C GLU F 204 -44.84 19.48 -18.22
N LEU F 205 -44.48 18.75 -17.16
CA LEU F 205 -45.13 18.93 -15.88
C LEU F 205 -44.78 20.28 -15.27
N SER F 206 -43.63 20.84 -15.63
CA SER F 206 -43.19 22.09 -15.02
C SER F 206 -44.21 23.19 -15.23
N SER F 207 -45.02 23.08 -16.28
CA SER F 207 -46.07 24.06 -16.53
C SER F 207 -47.05 24.09 -15.37
N GLY F 208 -47.21 22.96 -14.68
CA GLY F 208 -48.11 22.86 -13.56
C GLY F 208 -49.54 22.53 -13.90
N ASP F 209 -49.87 22.35 -15.17
CA ASP F 209 -51.24 22.05 -15.56
C ASP F 209 -51.60 20.61 -15.22
N TYR F 210 -50.65 19.68 -15.39
CA TYR F 210 -50.94 18.26 -15.26
C TYR F 210 -51.34 17.92 -13.83
N ARG F 211 -52.18 16.88 -13.70
CA ARG F 211 -52.66 16.44 -12.41
C ARG F 211 -52.49 14.94 -12.23
N LEU F 212 -52.46 14.20 -13.35
CA LEU F 212 -52.40 12.75 -13.31
C LEU F 212 -51.33 12.24 -14.26
N ILE F 213 -50.70 11.13 -13.90
CA ILE F 213 -49.77 10.41 -14.75
C ILE F 213 -50.20 8.96 -14.78
N VAL F 214 -50.35 8.40 -15.97
CA VAL F 214 -50.82 7.04 -16.15
C VAL F 214 -49.74 6.23 -16.85
N VAL F 215 -49.36 5.10 -16.26
CA VAL F 215 -48.44 4.15 -16.88
C VAL F 215 -49.19 2.84 -17.02
N ASP F 216 -49.37 2.38 -18.25
CA ASP F 216 -50.19 1.22 -18.55
C ASP F 216 -49.48 0.39 -19.63
N SER F 217 -48.80 -0.67 -19.22
CA SER F 217 -48.66 -1.01 -17.81
C SER F 217 -47.21 -0.82 -17.38
N ILE F 218 -46.98 -0.75 -16.07
CA ILE F 218 -45.66 -0.43 -15.57
C ILE F 218 -44.64 -1.47 -15.98
N MET F 219 -44.97 -2.75 -15.80
CA MET F 219 -44.00 -3.82 -15.96
C MET F 219 -44.09 -4.52 -17.32
N ALA F 220 -44.97 -4.07 -18.21
CA ALA F 220 -45.13 -4.77 -19.49
C ALA F 220 -43.83 -4.80 -20.26
N ASN F 221 -43.16 -3.66 -20.40
CA ASN F 221 -41.92 -3.62 -21.17
C ASN F 221 -40.77 -4.25 -20.40
N PHE F 222 -40.69 -4.00 -19.09
CA PHE F 222 -39.60 -4.56 -18.30
C PHE F 222 -39.62 -6.08 -18.34
N ARG F 223 -40.82 -6.66 -18.46
CA ARG F 223 -40.93 -8.12 -18.48
C ARG F 223 -40.18 -8.71 -19.67
N VAL F 224 -40.23 -8.05 -20.82
CA VAL F 224 -39.67 -8.62 -22.03
C VAL F 224 -38.19 -8.30 -22.15
N ASP F 225 -37.80 -7.05 -21.87
CA ASP F 225 -36.42 -6.64 -22.13
C ASP F 225 -35.43 -7.46 -21.32
N TYR F 226 -35.73 -7.71 -20.05
CA TYR F 226 -34.84 -8.46 -19.16
C TYR F 226 -35.48 -9.83 -18.92
N CYS F 227 -34.92 -10.85 -19.55
CA CYS F 227 -35.47 -12.20 -19.48
C CYS F 227 -34.51 -13.11 -18.74
N GLY F 228 -35.07 -13.97 -17.87
CA GLY F 228 -34.27 -14.94 -17.15
C GLY F 228 -33.76 -14.42 -15.83
N ARG F 229 -33.35 -15.37 -14.98
CA ARG F 229 -32.81 -15.01 -13.68
C ARG F 229 -31.50 -14.24 -13.81
N GLY F 230 -30.77 -14.47 -14.91
CA GLY F 230 -29.52 -13.75 -15.10
C GLY F 230 -29.70 -12.25 -15.11
N GLU F 231 -30.76 -11.77 -15.75
CA GLU F 231 -31.04 -10.34 -15.83
C GLU F 231 -32.04 -9.88 -14.78
N LEU F 232 -32.48 -10.76 -13.89
CA LEU F 232 -33.47 -10.36 -12.89
C LEU F 232 -32.95 -9.24 -12.02
N SER F 233 -31.69 -9.34 -11.58
CA SER F 233 -31.13 -8.31 -10.71
C SER F 233 -31.12 -6.96 -11.41
N GLU F 234 -30.73 -6.93 -12.69
CA GLU F 234 -30.69 -5.67 -13.41
C GLU F 234 -32.09 -5.12 -13.65
N ARG F 235 -33.05 -6.01 -13.93
CA ARG F 235 -34.41 -5.56 -14.19
C ARG F 235 -34.97 -4.80 -13.00
N GLN F 236 -34.86 -5.38 -11.80
CA GLN F 236 -35.42 -4.74 -10.62
C GLN F 236 -34.71 -3.43 -10.32
N GLN F 237 -33.37 -3.41 -10.45
CA GLN F 237 -32.63 -2.18 -10.20
C GLN F 237 -33.10 -1.08 -11.14
N LYS F 238 -33.26 -1.40 -12.42
CA LYS F 238 -33.78 -0.41 -13.37
C LYS F 238 -35.20 -0.02 -13.01
N LEU F 239 -36.04 -1.00 -12.68
CA LEU F 239 -37.42 -0.70 -12.34
C LEU F 239 -37.49 0.15 -11.08
N ASN F 240 -36.64 -0.16 -10.08
CA ASN F 240 -36.65 0.63 -8.86
C ASN F 240 -36.35 2.10 -9.14
N GLN F 241 -35.33 2.37 -9.95
CA GLN F 241 -35.03 3.75 -10.32
C GLN F 241 -36.18 4.36 -11.09
N HIS F 242 -36.78 3.59 -11.99
CA HIS F 242 -37.93 4.08 -12.73
C HIS F 242 -39.08 4.44 -11.80
N LEU F 243 -39.36 3.57 -10.83
CA LEU F 243 -40.43 3.86 -9.88
C LEU F 243 -40.06 5.02 -8.96
N PHE F 244 -38.78 5.15 -8.63
CA PHE F 244 -38.36 6.22 -7.74
C PHE F 244 -38.69 7.59 -8.31
N LYS F 245 -38.41 7.80 -9.58
CA LYS F 245 -38.72 9.09 -10.19
C LYS F 245 -40.22 9.33 -10.26
N LEU F 246 -40.98 8.31 -10.66
CA LEU F 246 -42.43 8.46 -10.71
C LEU F 246 -42.96 8.92 -9.36
N ASN F 247 -42.55 8.26 -8.29
CA ASN F 247 -42.87 8.75 -6.96
C ASN F 247 -42.29 10.13 -6.73
N ARG F 248 -41.05 10.34 -7.16
CA ARG F 248 -40.44 11.66 -7.03
C ARG F 248 -41.26 12.72 -7.75
N LEU F 249 -41.61 12.46 -9.01
CA LEU F 249 -42.33 13.46 -9.80
C LEU F 249 -43.66 13.83 -9.15
N ALA F 250 -44.36 12.85 -8.59
CA ALA F 250 -45.66 13.12 -8.00
C ALA F 250 -45.58 14.15 -6.89
N GLU F 251 -44.50 14.09 -6.09
CA GLU F 251 -44.43 14.96 -4.91
C GLU F 251 -44.22 16.41 -5.29
N GLU F 252 -43.27 16.71 -6.18
CA GLU F 252 -43.01 18.10 -6.53
C GLU F 252 -44.20 18.73 -7.22
N PHE F 253 -44.76 18.05 -8.22
CA PHE F 253 -45.81 18.62 -9.05
C PHE F 253 -47.21 18.28 -8.55
N ASN F 254 -47.32 17.57 -7.43
CA ASN F 254 -48.61 17.25 -6.84
C ASN F 254 -49.51 16.53 -7.83
N VAL F 255 -48.93 15.61 -8.60
CA VAL F 255 -49.67 14.82 -9.55
C VAL F 255 -49.79 13.40 -9.01
N ALA F 256 -50.85 12.71 -9.40
CA ALA F 256 -51.10 11.34 -8.99
C ALA F 256 -50.60 10.39 -10.05
N VAL F 257 -49.81 9.40 -9.64
CA VAL F 257 -49.25 8.41 -10.55
C VAL F 257 -50.11 7.16 -10.45
N PHE F 258 -50.72 6.77 -11.56
CA PHE F 258 -51.60 5.61 -11.62
C PHE F 258 -50.96 4.53 -12.47
N LEU F 259 -50.76 3.35 -11.89
CA LEU F 259 -50.09 2.26 -12.57
C LEU F 259 -51.01 1.05 -12.65
N THR F 260 -51.00 0.39 -13.80
CA THR F 260 -51.70 -0.88 -13.99
C THR F 260 -50.66 -1.97 -14.15
N ASN F 261 -50.94 -3.14 -13.57
CA ASN F 261 -49.97 -4.22 -13.52
C ASN F 261 -50.64 -5.54 -13.88
N GLN F 262 -49.84 -6.46 -14.42
CA GLN F 262 -50.30 -7.80 -14.76
C GLN F 262 -50.25 -8.69 -13.53
N VAL F 263 -50.76 -9.91 -13.68
CA VAL F 263 -50.74 -10.91 -12.62
C VAL F 263 -50.17 -12.20 -13.19
N GLN F 264 -49.64 -13.04 -12.31
CA GLN F 264 -49.05 -14.30 -12.70
C GLN F 264 -49.57 -15.42 -11.81
N SER F 265 -49.69 -16.61 -12.38
CA SER F 265 -50.08 -17.79 -11.63
C SER F 265 -48.88 -18.36 -10.91
N ASP F 266 -49.10 -18.80 -9.66
CA ASP F 266 -48.01 -19.32 -8.85
C ASP F 266 -48.18 -20.82 -8.68
N PRO F 267 -47.49 -21.65 -9.46
CA PRO F 267 -47.61 -23.10 -9.26
C PRO F 267 -47.17 -23.55 -7.88
N GLY F 268 -46.22 -22.85 -7.27
CA GLY F 268 -45.73 -23.27 -5.98
C GLY F 268 -46.82 -23.36 -4.92
N ALA F 269 -47.70 -22.36 -4.90
CA ALA F 269 -48.80 -22.35 -3.94
C ALA F 269 -49.94 -23.25 -4.41
N GLY F 278 -58.22 -13.70 -5.56
CA GLY F 278 -56.98 -12.95 -5.58
C GLY F 278 -55.90 -13.57 -6.44
N ARG F 279 -55.17 -12.73 -7.16
CA ARG F 279 -54.11 -13.19 -8.05
C ARG F 279 -52.79 -12.55 -7.64
N LYS F 280 -51.70 -13.27 -7.87
CA LYS F 280 -50.38 -12.76 -7.51
C LYS F 280 -49.91 -11.75 -8.55
N PRO F 281 -49.54 -10.54 -8.14
CA PRO F 281 -49.06 -9.55 -9.11
C PRO F 281 -47.61 -9.83 -9.50
N ILE F 282 -47.17 -9.15 -10.54
CA ILE F 282 -45.80 -9.24 -11.00
C ILE F 282 -45.05 -7.98 -10.59
N GLY F 283 -43.74 -7.98 -10.80
CA GLY F 283 -42.91 -6.87 -10.41
C GLY F 283 -42.10 -7.09 -9.15
N GLY F 284 -42.40 -8.11 -8.39
CA GLY F 284 -41.60 -8.42 -7.21
C GLY F 284 -41.86 -7.44 -6.08
N HIS F 285 -40.96 -7.48 -5.10
CA HIS F 285 -41.09 -6.63 -3.92
C HIS F 285 -40.78 -5.19 -4.24
N VAL F 286 -39.89 -4.95 -5.22
CA VAL F 286 -39.54 -3.58 -5.57
C VAL F 286 -40.78 -2.79 -5.93
N LEU F 287 -41.66 -3.36 -6.76
CA LEU F 287 -42.90 -2.68 -7.09
C LEU F 287 -43.84 -2.62 -5.90
N ALA F 288 -43.89 -3.68 -5.11
CA ALA F 288 -44.81 -3.73 -3.97
C ALA F 288 -44.47 -2.64 -2.95
N HIS F 289 -43.19 -2.48 -2.64
CA HIS F 289 -42.80 -1.45 -1.68
C HIS F 289 -43.05 -0.07 -2.23
N ALA F 290 -42.62 0.20 -3.47
CA ALA F 290 -42.74 1.54 -4.02
C ALA F 290 -44.20 1.97 -4.10
N SER F 291 -45.08 1.08 -4.52
CA SER F 291 -46.50 1.41 -4.64
C SER F 291 -47.04 1.78 -3.27
N ALA F 292 -47.58 3.00 -3.15
CA ALA F 292 -48.18 3.42 -1.90
C ALA F 292 -49.54 2.76 -1.70
N THR F 293 -50.32 2.62 -2.77
CA THR F 293 -51.63 1.99 -2.73
C THR F 293 -51.68 0.91 -3.80
N ARG F 294 -52.31 -0.22 -3.49
CA ARG F 294 -52.45 -1.31 -4.42
C ARG F 294 -53.87 -1.86 -4.32
N ILE F 295 -54.54 -2.01 -5.46
CA ILE F 295 -55.89 -2.53 -5.52
C ILE F 295 -55.90 -3.76 -6.41
N LEU F 296 -56.56 -4.81 -5.95
CA LEU F 296 -56.70 -6.05 -6.71
C LEU F 296 -58.08 -6.10 -7.33
N LEU F 297 -58.14 -6.33 -8.63
CA LEU F 297 -59.39 -6.39 -9.37
C LEU F 297 -59.64 -7.84 -9.79
N ARG F 298 -60.85 -8.32 -9.52
CA ARG F 298 -61.23 -9.68 -9.85
C ARG F 298 -62.52 -9.68 -10.66
N LYS F 299 -62.73 -10.75 -11.41
CA LYS F 299 -63.97 -10.91 -12.14
C LYS F 299 -65.11 -11.25 -11.18
N GLY F 300 -66.28 -10.68 -11.44
CA GLY F 300 -67.46 -10.98 -10.66
C GLY F 300 -68.53 -11.59 -11.52
N ARG F 301 -69.65 -11.92 -10.90
CA ARG F 301 -70.77 -12.50 -11.61
C ARG F 301 -71.19 -11.56 -12.74
N GLY F 302 -71.40 -12.11 -13.94
CA GLY F 302 -71.72 -11.28 -15.08
C GLY F 302 -70.65 -10.25 -15.36
N ASP F 303 -71.04 -9.00 -15.56
CA ASP F 303 -70.09 -7.93 -15.84
C ASP F 303 -69.57 -7.26 -14.58
N GLU F 304 -70.03 -7.67 -13.41
CA GLU F 304 -69.58 -7.05 -12.17
C GLU F 304 -68.12 -7.39 -11.89
N ARG F 305 -67.41 -6.43 -11.29
CA ARG F 305 -66.03 -6.61 -10.90
C ARG F 305 -65.90 -6.36 -9.41
N VAL F 306 -64.88 -6.96 -8.80
CA VAL F 306 -64.61 -6.83 -7.37
C VAL F 306 -63.25 -6.19 -7.19
N ALA F 307 -63.20 -5.12 -6.40
CA ALA F 307 -61.97 -4.42 -6.10
C ALA F 307 -61.64 -4.55 -4.62
N LYS F 308 -60.41 -4.97 -4.32
CA LYS F 308 -59.94 -5.14 -2.96
C LYS F 308 -58.69 -4.31 -2.75
N LEU F 309 -58.64 -3.57 -1.65
CA LEU F 309 -57.54 -2.66 -1.36
C LEU F 309 -56.47 -3.43 -0.58
N GLN F 310 -55.46 -3.92 -1.29
CA GLN F 310 -54.43 -4.74 -0.65
C GLN F 310 -53.53 -3.90 0.25
N ASP F 311 -53.06 -2.76 -0.24
CA ASP F 311 -52.13 -1.92 0.50
C ASP F 311 -52.56 -0.48 0.38
N SER F 312 -52.63 0.22 1.52
CA SER F 312 -53.01 1.61 1.57
C SER F 312 -52.32 2.25 2.76
N PRO F 313 -51.61 3.35 2.58
CA PRO F 313 -50.95 3.98 3.73
C PRO F 313 -51.91 4.58 4.73
N ASP F 314 -53.15 4.84 4.34
CA ASP F 314 -54.08 5.59 5.17
C ASP F 314 -55.50 5.06 5.16
N MET F 315 -55.76 3.90 4.58
CA MET F 315 -57.12 3.36 4.57
C MET F 315 -57.10 1.87 4.90
N PRO F 316 -58.15 1.36 5.54
CA PRO F 316 -58.19 -0.06 5.88
C PRO F 316 -58.58 -0.90 4.67
N GLU F 317 -58.28 -2.20 4.76
CA GLU F 317 -58.65 -3.12 3.70
C GLU F 317 -60.16 -3.20 3.56
N LYS F 318 -60.64 -3.19 2.32
CA LYS F 318 -62.06 -3.31 2.03
C LYS F 318 -62.22 -3.80 0.60
N GLU F 319 -63.43 -4.26 0.29
CA GLU F 319 -63.78 -4.71 -1.04
C GLU F 319 -65.04 -3.99 -1.50
N CYS F 320 -65.09 -3.66 -2.80
CA CYS F 320 -66.23 -3.01 -3.40
C CYS F 320 -66.51 -3.65 -4.75
N VAL F 321 -67.74 -3.47 -5.22
CA VAL F 321 -68.19 -4.02 -6.50
C VAL F 321 -68.43 -2.87 -7.46
N TYR F 322 -67.82 -2.94 -8.64
CA TYR F 322 -67.97 -1.92 -9.67
C TYR F 322 -68.26 -2.60 -11.00
N VAL F 323 -68.74 -1.80 -11.96
CA VAL F 323 -69.11 -2.29 -13.27
C VAL F 323 -68.46 -1.40 -14.33
N ILE F 324 -68.21 -2.00 -15.49
CA ILE F 324 -67.68 -1.28 -16.64
C ILE F 324 -68.85 -0.99 -17.57
N GLY F 325 -69.15 0.29 -17.76
CA GLY F 325 -70.24 0.72 -18.61
C GLY F 325 -69.82 1.77 -19.62
N GLU F 326 -70.82 2.49 -20.13
CA GLU F 326 -70.54 3.54 -21.10
C GLU F 326 -69.65 4.62 -20.48
N LYS F 327 -69.93 5.01 -19.25
CA LYS F 327 -69.13 6.02 -18.57
C LYS F 327 -67.83 5.47 -17.98
N GLY F 328 -67.43 4.26 -18.35
CA GLY F 328 -66.22 3.67 -17.81
C GLY F 328 -66.52 2.93 -16.52
N ILE F 329 -65.61 3.02 -15.56
CA ILE F 329 -65.81 2.39 -14.27
C ILE F 329 -66.96 3.09 -13.55
N THR F 330 -67.96 2.32 -13.15
CA THR F 330 -69.13 2.88 -12.48
C THR F 330 -69.68 1.88 -11.48
N ASP F 331 -70.49 2.38 -10.56
CA ASP F 331 -71.09 1.53 -9.54
C ASP F 331 -72.06 0.54 -10.18
N SER F 332 -72.20 -0.62 -9.53
CA SER F 332 -73.01 -1.68 -10.09
C SER F 332 -74.44 -1.20 -10.36
N SER F 333 -75.07 -0.59 -9.36
CA SER F 333 -76.39 -0.01 -9.59
C SER F 333 -76.31 1.20 -10.51
N ASP F 334 -75.22 1.97 -10.40
CA ASP F 334 -75.03 3.15 -11.23
C ASP F 334 -74.62 2.74 -12.65
#